data_1JD5
# 
_entry.id   1JD5 
# 
_audit_conform.dict_name       mmcif_pdbx.dic 
_audit_conform.dict_version    5.386 
_audit_conform.dict_location   http://mmcif.pdb.org/dictionaries/ascii/mmcif_pdbx.dic 
# 
loop_
_database_2.database_id 
_database_2.database_code 
_database_2.pdbx_database_accession 
_database_2.pdbx_DOI 
PDB   1JD5         pdb_00001jd5 10.2210/pdb1jd5/pdb 
RCSB  RCSB013643   ?            ?                   
WWPDB D_1000013643 ?            ?                   
# 
loop_
_pdbx_audit_revision_history.ordinal 
_pdbx_audit_revision_history.data_content_type 
_pdbx_audit_revision_history.major_revision 
_pdbx_audit_revision_history.minor_revision 
_pdbx_audit_revision_history.revision_date 
1 'Structure model' 1 0 2001-12-05 
2 'Structure model' 1 1 2008-04-27 
3 'Structure model' 1 2 2011-07-13 
4 'Structure model' 1 3 2018-04-04 
5 'Structure model' 1 4 2024-02-07 
# 
_pdbx_audit_revision_details.ordinal             1 
_pdbx_audit_revision_details.revision_ordinal    1 
_pdbx_audit_revision_details.data_content_type   'Structure model' 
_pdbx_audit_revision_details.provider            repository 
_pdbx_audit_revision_details.type                'Initial release' 
_pdbx_audit_revision_details.description         ? 
_pdbx_audit_revision_details.details             ? 
# 
loop_
_pdbx_audit_revision_group.ordinal 
_pdbx_audit_revision_group.revision_ordinal 
_pdbx_audit_revision_group.data_content_type 
_pdbx_audit_revision_group.group 
1 2 'Structure model' 'Version format compliance' 
2 3 'Structure model' 'Version format compliance' 
3 4 'Structure model' 'Data collection'           
4 5 'Structure model' 'Data collection'           
5 5 'Structure model' 'Database references'       
6 5 'Structure model' 'Derived calculations'      
# 
loop_
_pdbx_audit_revision_category.ordinal 
_pdbx_audit_revision_category.revision_ordinal 
_pdbx_audit_revision_category.data_content_type 
_pdbx_audit_revision_category.category 
1 4 'Structure model' diffrn_source  
2 5 'Structure model' chem_comp_atom 
3 5 'Structure model' chem_comp_bond 
4 5 'Structure model' database_2     
5 5 'Structure model' struct_conn    
6 5 'Structure model' struct_site    
# 
loop_
_pdbx_audit_revision_item.ordinal 
_pdbx_audit_revision_item.revision_ordinal 
_pdbx_audit_revision_item.data_content_type 
_pdbx_audit_revision_item.item 
1  4 'Structure model' '_diffrn_source.type'                 
2  5 'Structure model' '_database_2.pdbx_DOI'                
3  5 'Structure model' '_database_2.pdbx_database_accession' 
4  5 'Structure model' '_struct_conn.ptnr1_auth_comp_id'     
5  5 'Structure model' '_struct_conn.ptnr1_auth_seq_id'      
6  5 'Structure model' '_struct_conn.ptnr1_label_asym_id'    
7  5 'Structure model' '_struct_conn.ptnr1_label_atom_id'    
8  5 'Structure model' '_struct_conn.ptnr1_label_comp_id'    
9  5 'Structure model' '_struct_conn.ptnr1_label_seq_id'     
10 5 'Structure model' '_struct_conn.ptnr2_auth_comp_id'     
11 5 'Structure model' '_struct_conn.ptnr2_auth_seq_id'      
12 5 'Structure model' '_struct_conn.ptnr2_label_asym_id'    
13 5 'Structure model' '_struct_conn.ptnr2_label_atom_id'    
14 5 'Structure model' '_struct_conn.ptnr2_label_comp_id'    
15 5 'Structure model' '_struct_conn.ptnr2_label_seq_id'     
16 5 'Structure model' '_struct_site.pdbx_auth_asym_id'      
17 5 'Structure model' '_struct_site.pdbx_auth_comp_id'      
18 5 'Structure model' '_struct_site.pdbx_auth_seq_id'       
# 
_pdbx_database_status.status_code                     REL 
_pdbx_database_status.entry_id                        1JD5 
_pdbx_database_status.recvd_initial_deposition_date   2001-06-12 
_pdbx_database_status.deposit_site                    RCSB 
_pdbx_database_status.process_site                    RCSB 
_pdbx_database_status.SG_entry                        . 
_pdbx_database_status.status_code_sf                  ? 
_pdbx_database_status.status_code_mr                  ? 
_pdbx_database_status.status_code_cs                  ? 
_pdbx_database_status.pdb_format_compatible           Y 
_pdbx_database_status.methods_development_category    ? 
_pdbx_database_status.status_code_nmr_data            ? 
# 
loop_
_pdbx_database_related.db_name 
_pdbx_database_related.db_id 
_pdbx_database_related.details 
_pdbx_database_related.content_type 
PDB 1JD4 'Crystal Structure of DIAP1-BIR2'             unspecified 
PDB 1JD6 'Crystal structure of DIAP1-BIR2/Hid complex' unspecified 
# 
loop_
_audit_author.name 
_audit_author.pdbx_ordinal 
'Wu, J.W.'     1 
'Cocina, A.E.' 2 
'Chai, J.'     3 
'Hay, B.A.'    4 
'Shi, Y.'      5 
# 
_citation.id                        primary 
_citation.title                     'Structural analysis of a functional DIAP1 fragment bound to grim and hid peptides.' 
_citation.journal_abbrev            Mol.Cell 
_citation.journal_volume            8 
_citation.page_first                95 
_citation.page_last                 104 
_citation.year                      2001 
_citation.journal_id_ASTM           MOCEFL 
_citation.country                   US 
_citation.journal_id_ISSN           1097-2765 
_citation.journal_id_CSD            2168 
_citation.book_publisher            ? 
_citation.pdbx_database_id_PubMed   11511363 
_citation.pdbx_database_id_DOI      '10.1016/S1097-2765(01)00282-9' 
# 
loop_
_citation_author.citation_id 
_citation_author.name 
_citation_author.ordinal 
_citation_author.identifier_ORCID 
primary 'Wu, J.W.'     1 ? 
primary 'Cocina, A.E.' 2 ? 
primary 'Chai, J.'     3 ? 
primary 'Hay, B.A.'    4 ? 
primary 'Shi, Y.'      5 ? 
# 
loop_
_entity.id 
_entity.type 
_entity.src_method 
_entity.pdbx_description 
_entity.formula_weight 
_entity.pdbx_number_of_molecules 
_entity.pdbx_ec 
_entity.pdbx_mutation 
_entity.pdbx_fragment 
_entity.details 
1 polymer     man 'APOPTOSIS 1 INHIBITOR'   14078.695 1 ? ? ? ? 
2 polymer     syn 'cell death protein GRIM' 1108.243  1 ? ? ? ? 
3 non-polymer syn 'ZINC ION'                65.409    1 ? ? ? ? 
# 
_entity_name_com.entity_id   1 
_entity_name_com.name        DIAP1 
# 
loop_
_entity_poly.entity_id 
_entity_poly.type 
_entity_poly.nstd_linkage 
_entity_poly.nstd_monomer 
_entity_poly.pdbx_seq_one_letter_code 
_entity_poly.pdbx_seq_one_letter_code_can 
_entity_poly.pdbx_strand_id 
_entity_poly.pdbx_target_identifier 
1 'polypeptide(L)' no no 
;DVQPETCRPSAASGNYFPQYPEYAIETARLRTFEAWPRNLKQKPHQLAEAGFFYTGVGDRVRCFSCGGGLMDWNDNDEPW
EQHALWLSQCRFVKLMKGQLYIDTVAAKPVLAEEKEESTSIGGD
;
;DVQPETCRPSAASGNYFPQYPEYAIETARLRTFEAWPRNLKQKPHQLAEAGFFYTGVGDRVRCFSCGGGLMDWNDNDEPW
EQHALWLSQCRFVKLMKGQLYIDTVAAKPVLAEEKEESTSIGGD
;
A ? 
2 'polypeptide(L)' no no AIAYFIPDQA AIAYFIPDQA B ? 
# 
_pdbx_entity_nonpoly.entity_id   3 
_pdbx_entity_nonpoly.name        'ZINC ION' 
_pdbx_entity_nonpoly.comp_id     ZN 
# 
loop_
_entity_poly_seq.entity_id 
_entity_poly_seq.num 
_entity_poly_seq.mon_id 
_entity_poly_seq.hetero 
1 1   ASP n 
1 2   VAL n 
1 3   GLN n 
1 4   PRO n 
1 5   GLU n 
1 6   THR n 
1 7   CYS n 
1 8   ARG n 
1 9   PRO n 
1 10  SER n 
1 11  ALA n 
1 12  ALA n 
1 13  SER n 
1 14  GLY n 
1 15  ASN n 
1 16  TYR n 
1 17  PHE n 
1 18  PRO n 
1 19  GLN n 
1 20  TYR n 
1 21  PRO n 
1 22  GLU n 
1 23  TYR n 
1 24  ALA n 
1 25  ILE n 
1 26  GLU n 
1 27  THR n 
1 28  ALA n 
1 29  ARG n 
1 30  LEU n 
1 31  ARG n 
1 32  THR n 
1 33  PHE n 
1 34  GLU n 
1 35  ALA n 
1 36  TRP n 
1 37  PRO n 
1 38  ARG n 
1 39  ASN n 
1 40  LEU n 
1 41  LYS n 
1 42  GLN n 
1 43  LYS n 
1 44  PRO n 
1 45  HIS n 
1 46  GLN n 
1 47  LEU n 
1 48  ALA n 
1 49  GLU n 
1 50  ALA n 
1 51  GLY n 
1 52  PHE n 
1 53  PHE n 
1 54  TYR n 
1 55  THR n 
1 56  GLY n 
1 57  VAL n 
1 58  GLY n 
1 59  ASP n 
1 60  ARG n 
1 61  VAL n 
1 62  ARG n 
1 63  CYS n 
1 64  PHE n 
1 65  SER n 
1 66  CYS n 
1 67  GLY n 
1 68  GLY n 
1 69  GLY n 
1 70  LEU n 
1 71  MET n 
1 72  ASP n 
1 73  TRP n 
1 74  ASN n 
1 75  ASP n 
1 76  ASN n 
1 77  ASP n 
1 78  GLU n 
1 79  PRO n 
1 80  TRP n 
1 81  GLU n 
1 82  GLN n 
1 83  HIS n 
1 84  ALA n 
1 85  LEU n 
1 86  TRP n 
1 87  LEU n 
1 88  SER n 
1 89  GLN n 
1 90  CYS n 
1 91  ARG n 
1 92  PHE n 
1 93  VAL n 
1 94  LYS n 
1 95  LEU n 
1 96  MET n 
1 97  LYS n 
1 98  GLY n 
1 99  GLN n 
1 100 LEU n 
1 101 TYR n 
1 102 ILE n 
1 103 ASP n 
1 104 THR n 
1 105 VAL n 
1 106 ALA n 
1 107 ALA n 
1 108 LYS n 
1 109 PRO n 
1 110 VAL n 
1 111 LEU n 
1 112 ALA n 
1 113 GLU n 
1 114 GLU n 
1 115 LYS n 
1 116 GLU n 
1 117 GLU n 
1 118 SER n 
1 119 THR n 
1 120 SER n 
1 121 ILE n 
1 122 GLY n 
1 123 GLY n 
1 124 ASP n 
2 1   ALA n 
2 2   ILE n 
2 3   ALA n 
2 4   TYR n 
2 5   PHE n 
2 6   ILE n 
2 7   PRO n 
2 8   ASP n 
2 9   GLN n 
2 10  ALA n 
# 
_entity_src_gen.entity_id                          1 
_entity_src_gen.pdbx_src_id                        1 
_entity_src_gen.pdbx_alt_source_flag               sample 
_entity_src_gen.pdbx_seq_type                      ? 
_entity_src_gen.pdbx_beg_seq_num                   ? 
_entity_src_gen.pdbx_end_seq_num                   ? 
_entity_src_gen.gene_src_common_name               'fruit fly' 
_entity_src_gen.gene_src_genus                     Drosophila 
_entity_src_gen.pdbx_gene_src_gene                 DIAP1 
_entity_src_gen.gene_src_species                   ? 
_entity_src_gen.gene_src_strain                    ? 
_entity_src_gen.gene_src_tissue                    ? 
_entity_src_gen.gene_src_tissue_fraction           ? 
_entity_src_gen.gene_src_details                   ? 
_entity_src_gen.pdbx_gene_src_fragment             ? 
_entity_src_gen.pdbx_gene_src_scientific_name      'Drosophila melanogaster' 
_entity_src_gen.pdbx_gene_src_ncbi_taxonomy_id     7227 
_entity_src_gen.pdbx_gene_src_variant              ? 
_entity_src_gen.pdbx_gene_src_cell_line            ? 
_entity_src_gen.pdbx_gene_src_atcc                 ? 
_entity_src_gen.pdbx_gene_src_organ                ? 
_entity_src_gen.pdbx_gene_src_organelle            ? 
_entity_src_gen.pdbx_gene_src_cell                 ? 
_entity_src_gen.pdbx_gene_src_cellular_location    ? 
_entity_src_gen.host_org_common_name               ? 
_entity_src_gen.pdbx_host_org_scientific_name      'Escherichia coli BL21(DE3)' 
_entity_src_gen.pdbx_host_org_ncbi_taxonomy_id     469008 
_entity_src_gen.host_org_genus                     Escherichia 
_entity_src_gen.pdbx_host_org_gene                 ? 
_entity_src_gen.pdbx_host_org_organ                ? 
_entity_src_gen.host_org_species                   'Escherichia coli' 
_entity_src_gen.pdbx_host_org_tissue               ? 
_entity_src_gen.pdbx_host_org_tissue_fraction      ? 
_entity_src_gen.pdbx_host_org_strain               'BL21(DE3)' 
_entity_src_gen.pdbx_host_org_variant              ? 
_entity_src_gen.pdbx_host_org_cell_line            ? 
_entity_src_gen.pdbx_host_org_atcc                 ? 
_entity_src_gen.pdbx_host_org_culture_collection   ? 
_entity_src_gen.pdbx_host_org_cell                 ? 
_entity_src_gen.pdbx_host_org_organelle            ? 
_entity_src_gen.pdbx_host_org_cellular_location    ? 
_entity_src_gen.pdbx_host_org_vector_type          PLASMID 
_entity_src_gen.pdbx_host_org_vector               ? 
_entity_src_gen.host_org_details                   ? 
_entity_src_gen.expression_system_id               ? 
_entity_src_gen.plasmid_name                       PGEX-2T 
_entity_src_gen.plasmid_details                    ? 
_entity_src_gen.pdbx_description                   ? 
# 
_pdbx_entity_src_syn.entity_id              2 
_pdbx_entity_src_syn.pdbx_src_id            1 
_pdbx_entity_src_syn.pdbx_alt_source_flag   sample 
_pdbx_entity_src_syn.pdbx_beg_seq_num       ? 
_pdbx_entity_src_syn.pdbx_end_seq_num       ? 
_pdbx_entity_src_syn.organism_scientific    ? 
_pdbx_entity_src_syn.organism_common_name   ? 
_pdbx_entity_src_syn.ncbi_taxonomy_id       ? 
_pdbx_entity_src_syn.details                
'This peptide was chemically synthesized. The sequence is naturally found in Drosophila melanogaster (fruit fly).' 
# 
loop_
_chem_comp.id 
_chem_comp.type 
_chem_comp.mon_nstd_flag 
_chem_comp.name 
_chem_comp.pdbx_synonyms 
_chem_comp.formula 
_chem_comp.formula_weight 
ALA 'L-peptide linking' y ALANINE         ? 'C3 H7 N O2'     89.093  
ARG 'L-peptide linking' y ARGININE        ? 'C6 H15 N4 O2 1' 175.209 
ASN 'L-peptide linking' y ASPARAGINE      ? 'C4 H8 N2 O3'    132.118 
ASP 'L-peptide linking' y 'ASPARTIC ACID' ? 'C4 H7 N O4'     133.103 
CYS 'L-peptide linking' y CYSTEINE        ? 'C3 H7 N O2 S'   121.158 
GLN 'L-peptide linking' y GLUTAMINE       ? 'C5 H10 N2 O3'   146.144 
GLU 'L-peptide linking' y 'GLUTAMIC ACID' ? 'C5 H9 N O4'     147.129 
GLY 'peptide linking'   y GLYCINE         ? 'C2 H5 N O2'     75.067  
HIS 'L-peptide linking' y HISTIDINE       ? 'C6 H10 N3 O2 1' 156.162 
ILE 'L-peptide linking' y ISOLEUCINE      ? 'C6 H13 N O2'    131.173 
LEU 'L-peptide linking' y LEUCINE         ? 'C6 H13 N O2'    131.173 
LYS 'L-peptide linking' y LYSINE          ? 'C6 H15 N2 O2 1' 147.195 
MET 'L-peptide linking' y METHIONINE      ? 'C5 H11 N O2 S'  149.211 
PHE 'L-peptide linking' y PHENYLALANINE   ? 'C9 H11 N O2'    165.189 
PRO 'L-peptide linking' y PROLINE         ? 'C5 H9 N O2'     115.130 
SER 'L-peptide linking' y SERINE          ? 'C3 H7 N O3'     105.093 
THR 'L-peptide linking' y THREONINE       ? 'C4 H9 N O3'     119.119 
TRP 'L-peptide linking' y TRYPTOPHAN      ? 'C11 H12 N2 O2'  204.225 
TYR 'L-peptide linking' y TYROSINE        ? 'C9 H11 N O3'    181.189 
VAL 'L-peptide linking' y VALINE          ? 'C5 H11 N O2'    117.146 
ZN  non-polymer         . 'ZINC ION'      ? 'Zn 2'           65.409  
# 
loop_
_pdbx_poly_seq_scheme.asym_id 
_pdbx_poly_seq_scheme.entity_id 
_pdbx_poly_seq_scheme.seq_id 
_pdbx_poly_seq_scheme.mon_id 
_pdbx_poly_seq_scheme.ndb_seq_num 
_pdbx_poly_seq_scheme.pdb_seq_num 
_pdbx_poly_seq_scheme.auth_seq_num 
_pdbx_poly_seq_scheme.pdb_mon_id 
_pdbx_poly_seq_scheme.auth_mon_id 
_pdbx_poly_seq_scheme.pdb_strand_id 
_pdbx_poly_seq_scheme.pdb_ins_code 
_pdbx_poly_seq_scheme.hetero 
A 1 1   ASP 1   201 ?   ?   ?   A . n 
A 1 2   VAL 2   202 ?   ?   ?   A . n 
A 1 3   GLN 3   203 ?   ?   ?   A . n 
A 1 4   PRO 4   204 ?   ?   ?   A . n 
A 1 5   GLU 5   205 ?   ?   ?   A . n 
A 1 6   THR 6   206 ?   ?   ?   A . n 
A 1 7   CYS 7   207 ?   ?   ?   A . n 
A 1 8   ARG 8   208 ?   ?   ?   A . n 
A 1 9   PRO 9   209 ?   ?   ?   A . n 
A 1 10  SER 10  210 ?   ?   ?   A . n 
A 1 11  ALA 11  211 ?   ?   ?   A . n 
A 1 12  ALA 12  212 ?   ?   ?   A . n 
A 1 13  SER 13  213 ?   ?   ?   A . n 
A 1 14  GLY 14  214 214 GLY GLY A . n 
A 1 15  ASN 15  215 215 ASN ASN A . n 
A 1 16  TYR 16  216 216 TYR TYR A . n 
A 1 17  PHE 17  217 217 PHE PHE A . n 
A 1 18  PRO 18  218 218 PRO PRO A . n 
A 1 19  GLN 19  219 219 GLN GLN A . n 
A 1 20  TYR 20  220 220 TYR TYR A . n 
A 1 21  PRO 21  221 221 PRO PRO A . n 
A 1 22  GLU 22  222 222 GLU GLU A . n 
A 1 23  TYR 23  223 223 TYR TYR A . n 
A 1 24  ALA 24  224 224 ALA ALA A . n 
A 1 25  ILE 25  225 225 ILE ILE A . n 
A 1 26  GLU 26  226 226 GLU GLU A . n 
A 1 27  THR 27  227 227 THR THR A . n 
A 1 28  ALA 28  228 228 ALA ALA A . n 
A 1 29  ARG 29  229 229 ARG ARG A . n 
A 1 30  LEU 30  230 230 LEU LEU A . n 
A 1 31  ARG 31  231 231 ARG ARG A . n 
A 1 32  THR 32  232 232 THR THR A . n 
A 1 33  PHE 33  233 233 PHE PHE A . n 
A 1 34  GLU 34  234 234 GLU GLU A . n 
A 1 35  ALA 35  235 235 ALA ALA A . n 
A 1 36  TRP 36  236 236 TRP TRP A . n 
A 1 37  PRO 37  237 237 PRO PRO A . n 
A 1 38  ARG 38  238 238 ARG ARG A . n 
A 1 39  ASN 39  239 239 ASN ASN A . n 
A 1 40  LEU 40  240 240 LEU LEU A . n 
A 1 41  LYS 41  241 241 LYS LYS A . n 
A 1 42  GLN 42  242 242 GLN GLN A . n 
A 1 43  LYS 43  243 243 LYS LYS A . n 
A 1 44  PRO 44  244 244 PRO PRO A . n 
A 1 45  HIS 45  245 245 HIS HIS A . n 
A 1 46  GLN 46  246 246 GLN GLN A . n 
A 1 47  LEU 47  247 247 LEU LEU A . n 
A 1 48  ALA 48  248 248 ALA ALA A . n 
A 1 49  GLU 49  249 249 GLU GLU A . n 
A 1 50  ALA 50  250 250 ALA ALA A . n 
A 1 51  GLY 51  251 251 GLY GLY A . n 
A 1 52  PHE 52  252 252 PHE PHE A . n 
A 1 53  PHE 53  253 253 PHE PHE A . n 
A 1 54  TYR 54  254 254 TYR TYR A . n 
A 1 55  THR 55  255 255 THR THR A . n 
A 1 56  GLY 56  256 256 GLY GLY A . n 
A 1 57  VAL 57  257 257 VAL VAL A . n 
A 1 58  GLY 58  258 258 GLY GLY A . n 
A 1 59  ASP 59  259 259 ASP ASP A . n 
A 1 60  ARG 60  260 260 ARG ARG A . n 
A 1 61  VAL 61  261 261 VAL VAL A . n 
A 1 62  ARG 62  262 262 ARG ARG A . n 
A 1 63  CYS 63  263 263 CYS CYS A . n 
A 1 64  PHE 64  264 264 PHE PHE A . n 
A 1 65  SER 65  265 265 SER SER A . n 
A 1 66  CYS 66  266 266 CYS CYS A . n 
A 1 67  GLY 67  267 267 GLY GLY A . n 
A 1 68  GLY 68  268 268 GLY GLY A . n 
A 1 69  GLY 69  269 269 GLY GLY A . n 
A 1 70  LEU 70  270 270 LEU LEU A . n 
A 1 71  MET 71  271 271 MET MET A . n 
A 1 72  ASP 72  272 272 ASP ASP A . n 
A 1 73  TRP 73  273 273 TRP TRP A . n 
A 1 74  ASN 74  274 274 ASN ASN A . n 
A 1 75  ASP 75  275 275 ASP ASP A . n 
A 1 76  ASN 76  276 276 ASN ASN A . n 
A 1 77  ASP 77  277 277 ASP ASP A . n 
A 1 78  GLU 78  278 278 GLU GLU A . n 
A 1 79  PRO 79  279 279 PRO PRO A . n 
A 1 80  TRP 80  280 280 TRP TRP A . n 
A 1 81  GLU 81  281 281 GLU GLU A . n 
A 1 82  GLN 82  282 282 GLN GLN A . n 
A 1 83  HIS 83  283 283 HIS HIS A . n 
A 1 84  ALA 84  284 284 ALA ALA A . n 
A 1 85  LEU 85  285 285 LEU LEU A . n 
A 1 86  TRP 86  286 286 TRP TRP A . n 
A 1 87  LEU 87  287 287 LEU LEU A . n 
A 1 88  SER 88  288 288 SER SER A . n 
A 1 89  GLN 89  289 289 GLN GLN A . n 
A 1 90  CYS 90  290 290 CYS CYS A . n 
A 1 91  ARG 91  291 291 ARG ARG A . n 
A 1 92  PHE 92  292 292 PHE PHE A . n 
A 1 93  VAL 93  293 293 VAL VAL A . n 
A 1 94  LYS 94  294 294 LYS LYS A . n 
A 1 95  LEU 95  295 295 LEU LEU A . n 
A 1 96  MET 96  296 296 MET MET A . n 
A 1 97  LYS 97  297 297 LYS LYS A . n 
A 1 98  GLY 98  298 298 GLY GLY A . n 
A 1 99  GLN 99  299 299 GLN GLN A . n 
A 1 100 LEU 100 300 300 LEU LEU A . n 
A 1 101 TYR 101 301 301 TYR TYR A . n 
A 1 102 ILE 102 302 302 ILE ILE A . n 
A 1 103 ASP 103 303 303 ASP ASP A . n 
A 1 104 THR 104 304 304 THR THR A . n 
A 1 105 VAL 105 305 305 VAL VAL A . n 
A 1 106 ALA 106 306 306 ALA ALA A . n 
A 1 107 ALA 107 307 307 ALA ALA A . n 
A 1 108 LYS 108 308 308 LYS LYS A . n 
A 1 109 PRO 109 309 309 PRO PRO A . n 
A 1 110 VAL 110 310 310 VAL VAL A . n 
A 1 111 LEU 111 311 311 LEU LEU A . n 
A 1 112 ALA 112 312 312 ALA ALA A . n 
A 1 113 GLU 113 313 313 GLU GLU A . n 
A 1 114 GLU 114 314 314 GLU GLU A . n 
A 1 115 LYS 115 315 315 LYS LYS A . n 
A 1 116 GLU 116 316 316 GLU GLU A . n 
A 1 117 GLU 117 317 317 GLU GLU A . n 
A 1 118 SER 118 318 318 SER SER A . n 
A 1 119 THR 119 319 ?   ?   ?   A . n 
A 1 120 SER 120 320 ?   ?   ?   A . n 
A 1 121 ILE 121 321 ?   ?   ?   A . n 
A 1 122 GLY 122 322 ?   ?   ?   A . n 
A 1 123 GLY 123 323 ?   ?   ?   A . n 
A 1 124 ASP 124 324 ?   ?   ?   A . n 
B 2 1   ALA 1   1   1   ALA ALA B . n 
B 2 2   ILE 2   2   2   ILE ILE B . n 
B 2 3   ALA 3   3   3   ALA ALA B . n 
B 2 4   TYR 4   4   4   TYR TYR B . n 
B 2 5   PHE 5   5   5   PHE PHE B . n 
B 2 6   ILE 6   6   6   ILE ILE B . n 
B 2 7   PRO 7   7   7   PRO PRO B . n 
B 2 8   ASP 8   8   8   ASP ASP B . n 
B 2 9   GLN 9   9   ?   ?   ?   B . n 
B 2 10  ALA 10  10  ?   ?   ?   B . n 
# 
_pdbx_nonpoly_scheme.asym_id         C 
_pdbx_nonpoly_scheme.entity_id       3 
_pdbx_nonpoly_scheme.mon_id          ZN 
_pdbx_nonpoly_scheme.ndb_seq_num     1 
_pdbx_nonpoly_scheme.pdb_seq_num     501 
_pdbx_nonpoly_scheme.auth_seq_num    501 
_pdbx_nonpoly_scheme.pdb_mon_id      ZN 
_pdbx_nonpoly_scheme.auth_mon_id     ZN 
_pdbx_nonpoly_scheme.pdb_strand_id   A 
_pdbx_nonpoly_scheme.pdb_ins_code    . 
# 
loop_
_software.name 
_software.classification 
_software.version 
_software.citation_id 
_software.pdbx_ordinal 
AMoRE     phasing          .   ? 1 
X-PLOR    refinement       3.1 ? 2 
DENZO     'data reduction' .   ? 3 
SCALEPACK 'data scaling'   .   ? 4 
# 
_cell.entry_id           1JD5 
_cell.length_a           62.7 
_cell.length_b           62.7 
_cell.length_c           130.7 
_cell.angle_alpha        90 
_cell.angle_beta         90 
_cell.angle_gamma        120 
_cell.Z_PDB              12 
_cell.pdbx_unique_axis   ? 
_cell.length_a_esd       ? 
_cell.length_b_esd       ? 
_cell.length_c_esd       ? 
_cell.angle_alpha_esd    ? 
_cell.angle_beta_esd     ? 
_cell.angle_gamma_esd    ? 
# 
_symmetry.entry_id                         1JD5 
_symmetry.space_group_name_H-M             'P 65 2 2' 
_symmetry.pdbx_full_space_group_name_H-M   ? 
_symmetry.cell_setting                     ? 
_symmetry.Int_Tables_number                179 
_symmetry.space_group_name_Hall            ? 
# 
_exptl.entry_id          1JD5 
_exptl.method            'X-RAY DIFFRACTION' 
_exptl.crystals_number   1 
# 
_exptl_crystal.id                    1 
_exptl_crystal.density_meas          ? 
_exptl_crystal.density_Matthews      2.44 
_exptl_crystal.density_percent_sol   49.59 
_exptl_crystal.description           ? 
_exptl_crystal.F_000                 ? 
_exptl_crystal.preparation           ? 
# 
_exptl_crystal_grow.crystal_id      1 
_exptl_crystal_grow.method          'VAPOR DIFFUSION, HANGING DROP' 
_exptl_crystal_grow.temp            296 
_exptl_crystal_grow.temp_details    ? 
_exptl_crystal_grow.pH              8.5 
_exptl_crystal_grow.pdbx_details    'TRIS, AMMONIUM DIHROGEN PHOSPHATE, pH 8.5, VAPOR DIFFUSION, HANGING DROP, temperature 296K' 
_exptl_crystal_grow.pdbx_pH_range   . 
# 
_diffrn.id                     1 
_diffrn.ambient_temp           100.0 
_diffrn.ambient_temp_details   ? 
_diffrn.crystal_id             1 
# 
_diffrn_detector.diffrn_id              1 
_diffrn_detector.detector               'IMAGE PLATE' 
_diffrn_detector.type                   'RIGAKU RAXIS IV' 
_diffrn_detector.pdbx_collection_date   2001-01-05 
_diffrn_detector.details                MIRRORS 
# 
_diffrn_radiation.diffrn_id                        1 
_diffrn_radiation.wavelength_id                    1 
_diffrn_radiation.pdbx_monochromatic_or_laue_m_l   M 
_diffrn_radiation.monochromator                    GRAPHITE 
_diffrn_radiation.pdbx_diffrn_protocol             'SINGLE WAVELENGTH' 
_diffrn_radiation.pdbx_scattering_type             x-ray 
# 
_diffrn_radiation_wavelength.id           1 
_diffrn_radiation_wavelength.wavelength   1.5418 
_diffrn_radiation_wavelength.wt           1.0 
# 
_diffrn_source.diffrn_id                   1 
_diffrn_source.source                      'ROTATING ANODE' 
_diffrn_source.type                        'RIGAKU RU200' 
_diffrn_source.pdbx_synchrotron_site       ? 
_diffrn_source.pdbx_synchrotron_beamline   ? 
_diffrn_source.pdbx_wavelength             ? 
_diffrn_source.pdbx_wavelength_list        1.5418 
# 
_reflns.entry_id                     1JD5 
_reflns.observed_criterion_sigma_I   2.0 
_reflns.observed_criterion_sigma_F   1.4 
_reflns.d_resolution_low             99 
_reflns.d_resolution_high            1.9 
_reflns.number_obs                   12525 
_reflns.number_all                   12677 
_reflns.percent_possible_obs         98.8 
_reflns.pdbx_Rmerge_I_obs            0.0520000 
_reflns.pdbx_Rsym_value              ? 
_reflns.pdbx_netI_over_sigmaI        75 
_reflns.B_iso_Wilson_estimate        17 
_reflns.pdbx_redundancy              19 
_reflns.R_free_details               ? 
_reflns.limit_h_max                  ? 
_reflns.limit_h_min                  ? 
_reflns.limit_k_max                  ? 
_reflns.limit_k_min                  ? 
_reflns.limit_l_max                  ? 
_reflns.limit_l_min                  ? 
_reflns.observed_criterion_F_max     ? 
_reflns.observed_criterion_F_min     ? 
_reflns.pdbx_chi_squared             ? 
_reflns.pdbx_scaling_rejects         ? 
_reflns.pdbx_diffrn_id               1 
_reflns.pdbx_ordinal                 1 
# 
_reflns_shell.d_res_high             1.90 
_reflns_shell.d_res_low              1.97 
_reflns_shell.percent_possible_all   97.3 
_reflns_shell.Rmerge_I_obs           0.1600000 
_reflns_shell.pdbx_Rsym_value        ? 
_reflns_shell.meanI_over_sigI_obs    ? 
_reflns_shell.pdbx_redundancy        12 
_reflns_shell.percent_possible_obs   ? 
_reflns_shell.number_unique_all      ? 
_reflns_shell.number_measured_all    ? 
_reflns_shell.number_measured_obs    ? 
_reflns_shell.number_unique_obs      ? 
_reflns_shell.pdbx_chi_squared       ? 
_reflns_shell.pdbx_diffrn_id         ? 
_reflns_shell.pdbx_ordinal           1 
# 
_refine.entry_id                                 1JD5 
_refine.ls_number_reflns_obs                     11697 
_refine.ls_number_reflns_all                     12677 
_refine.pdbx_ls_sigma_I                          1 
_refine.pdbx_ls_sigma_F                          1 
_refine.pdbx_data_cutoff_high_absF               ? 
_refine.pdbx_data_cutoff_low_absF                ? 
_refine.ls_d_res_low                             20 
_refine.ls_d_res_high                            1.9 
_refine.ls_percent_reflns_obs                    ? 
_refine.ls_R_factor_obs                          0.2030000 
_refine.ls_R_factor_all                          0.2100000 
_refine.ls_R_factor_R_work                       0.2020000 
_refine.ls_R_factor_R_free                       0.2430000 
_refine.ls_R_factor_R_free_error                 ? 
_refine.ls_R_factor_R_free_error_details         ? 
_refine.ls_percent_reflns_R_free                 ? 
_refine.ls_number_reflns_R_free                  ? 
_refine.ls_number_parameters                     ? 
_refine.ls_number_restraints                     ? 
_refine.occupancy_min                            ? 
_refine.occupancy_max                            ? 
_refine.B_iso_mean                               ? 
_refine.aniso_B[1][1]                            ? 
_refine.aniso_B[2][2]                            ? 
_refine.aniso_B[3][3]                            ? 
_refine.aniso_B[1][2]                            ? 
_refine.aniso_B[1][3]                            ? 
_refine.aniso_B[2][3]                            ? 
_refine.solvent_model_details                    ? 
_refine.solvent_model_param_ksol                 ? 
_refine.solvent_model_param_bsol                 ? 
_refine.pdbx_ls_cross_valid_method               THROUGHOUT 
_refine.details                                  ? 
_refine.pdbx_starting_model                      ? 
_refine.pdbx_method_to_determine_struct          'MOLECULAR REPLACEMENT' 
_refine.pdbx_isotropic_thermal_model             ? 
_refine.pdbx_stereochemistry_target_values       'Engh & Huber' 
_refine.pdbx_stereochem_target_val_spec_case     ? 
_refine.pdbx_R_Free_selection_details            random 
_refine.pdbx_overall_ESU_R_Free                  ? 
_refine.overall_SU_B                             ? 
_refine.ls_redundancy_reflns_obs                 ? 
_refine.B_iso_min                                ? 
_refine.B_iso_max                                ? 
_refine.correlation_coeff_Fo_to_Fc               ? 
_refine.correlation_coeff_Fo_to_Fc_free          ? 
_refine.overall_SU_R_Cruickshank_DPI             ? 
_refine.overall_SU_R_free                        ? 
_refine.overall_SU_ML                            ? 
_refine.pdbx_overall_ESU_R                       ? 
_refine.pdbx_data_cutoff_high_rms_absF           ? 
_refine.pdbx_refine_id                           'X-RAY DIFFRACTION' 
_refine.pdbx_overall_phase_error                 ? 
_refine.pdbx_solvent_vdw_probe_radii             ? 
_refine.pdbx_solvent_ion_probe_radii             ? 
_refine.pdbx_solvent_shrinkage_radii             ? 
_refine.ls_wR_factor_R_free                      ? 
_refine.ls_wR_factor_R_work                      ? 
_refine.overall_FOM_free_R_set                   ? 
_refine.overall_FOM_work_R_set                   ? 
_refine.pdbx_diffrn_id                           1 
_refine.pdbx_TLS_residual_ADP_flag               ? 
_refine.pdbx_overall_SU_R_free_Cruickshank_DPI   ? 
_refine.pdbx_overall_SU_R_Blow_DPI               ? 
_refine.pdbx_overall_SU_R_free_Blow_DPI          ? 
# 
_refine_hist.pdbx_refine_id                   'X-RAY DIFFRACTION' 
_refine_hist.cycle_id                         LAST 
_refine_hist.pdbx_number_atoms_protein        924 
_refine_hist.pdbx_number_atoms_nucleic_acid   0 
_refine_hist.pdbx_number_atoms_ligand         1 
_refine_hist.number_atoms_solvent             0 
_refine_hist.number_atoms_total               925 
_refine_hist.d_res_high                       1.9 
_refine_hist.d_res_low                        20 
# 
loop_
_refine_ls_restr.type 
_refine_ls_restr.dev_ideal 
_refine_ls_restr.dev_ideal_target 
_refine_ls_restr.weight 
_refine_ls_restr.number 
_refine_ls_restr.pdbx_refine_id 
_refine_ls_restr.pdbx_restraint_function 
x_bond_d    0.007 ? ? ? 'X-RAY DIFFRACTION' ? 
x_angle_deg 1.253 ? ? ? 'X-RAY DIFFRACTION' ? 
# 
_refine_ls_shell.pdbx_total_number_of_bins_used   ? 
_refine_ls_shell.d_res_high                       1.90 
_refine_ls_shell.d_res_low                        1.99 
_refine_ls_shell.number_reflns_R_work             ? 
_refine_ls_shell.R_factor_R_work                  0.2370000 
_refine_ls_shell.percent_reflns_obs               97.3 
_refine_ls_shell.R_factor_R_free                  0.2610000 
_refine_ls_shell.R_factor_R_free_error            0.012 
_refine_ls_shell.percent_reflns_R_free            ? 
_refine_ls_shell.number_reflns_R_free             50 
_refine_ls_shell.number_reflns_obs                1061 
_refine_ls_shell.redundancy_reflns_obs            ? 
_refine_ls_shell.number_reflns_all                ? 
_refine_ls_shell.pdbx_refine_id                   'X-RAY DIFFRACTION' 
_refine_ls_shell.R_factor_all                     ? 
# 
_struct.entry_id                  1JD5 
_struct.title                     'Crystal Structure of DIAP1-BIR2/GRIM' 
_struct.pdbx_model_details        ? 
_struct.pdbx_CASP_flag            ? 
_struct.pdbx_model_type_details   ? 
# 
_struct_keywords.entry_id        1JD5 
_struct_keywords.pdbx_keywords   Hydrolase/Peptide 
_struct_keywords.text            'APOPTOSIS, GRIM, IAP, CASPASE ACTIVATION, DROSOPHILA, Hydrolase-Peptide complex' 
# 
loop_
_struct_asym.id 
_struct_asym.pdbx_blank_PDB_chainid_flag 
_struct_asym.pdbx_modified 
_struct_asym.entity_id 
_struct_asym.details 
A N N 1 ? 
B N N 2 ? 
C N N 3 ? 
# 
loop_
_struct_ref.id 
_struct_ref.db_name 
_struct_ref.db_code 
_struct_ref.entity_id 
_struct_ref.pdbx_db_accession 
_struct_ref.pdbx_align_begin 
_struct_ref.pdbx_seq_one_letter_code 
_struct_ref.pdbx_db_isoform 
1 UNP IAP1_DROME 1 Q24306 201 
;DVQPETCRPSAASGNYFPQYPEYAIETARLRTFEAWPRNLKQKPHQLAEAGFFYTGVGDRVRCFSCGGGLMDWNDNDEPW
EQHALWLSQCRFVKLMKGQLYIDTVAAKPVLAEEKEESTSIGGD
;
? 
2 UNP GRIM_DROME 2 Q24570 2   AIAYFIPDQA ? 
# 
loop_
_struct_ref_seq.align_id 
_struct_ref_seq.ref_id 
_struct_ref_seq.pdbx_PDB_id_code 
_struct_ref_seq.pdbx_strand_id 
_struct_ref_seq.seq_align_beg 
_struct_ref_seq.pdbx_seq_align_beg_ins_code 
_struct_ref_seq.seq_align_end 
_struct_ref_seq.pdbx_seq_align_end_ins_code 
_struct_ref_seq.pdbx_db_accession 
_struct_ref_seq.db_align_beg 
_struct_ref_seq.pdbx_db_align_beg_ins_code 
_struct_ref_seq.db_align_end 
_struct_ref_seq.pdbx_db_align_end_ins_code 
_struct_ref_seq.pdbx_auth_seq_align_beg 
_struct_ref_seq.pdbx_auth_seq_align_end 
1 1 1JD5 A 1 ? 124 ? Q24306 201 ? 324 ? 201 324 
2 2 1JD5 B 1 ? 10  ? Q24570 2   ? 11  ? 1   10  
# 
_pdbx_struct_assembly.id                   1 
_pdbx_struct_assembly.details              author_and_software_defined_assembly 
_pdbx_struct_assembly.method_details       PISA 
_pdbx_struct_assembly.oligomeric_details   dimeric 
_pdbx_struct_assembly.oligomeric_count     2 
# 
loop_
_pdbx_struct_assembly_prop.biol_id 
_pdbx_struct_assembly_prop.type 
_pdbx_struct_assembly_prop.value 
_pdbx_struct_assembly_prop.details 
1 'ABSA (A^2)' 960  ? 
1 MORE         -7   ? 
1 'SSA (A^2)'  6660 ? 
# 
_pdbx_struct_assembly_gen.assembly_id       1 
_pdbx_struct_assembly_gen.oper_expression   1 
_pdbx_struct_assembly_gen.asym_id_list      A,B,C 
# 
_pdbx_struct_oper_list.id                   1 
_pdbx_struct_oper_list.type                 'identity operation' 
_pdbx_struct_oper_list.name                 1_555 
_pdbx_struct_oper_list.symmetry_operation   x,y,z 
_pdbx_struct_oper_list.matrix[1][1]         1.0000000000 
_pdbx_struct_oper_list.matrix[1][2]         0.0000000000 
_pdbx_struct_oper_list.matrix[1][3]         0.0000000000 
_pdbx_struct_oper_list.vector[1]            0.0000000000 
_pdbx_struct_oper_list.matrix[2][1]         0.0000000000 
_pdbx_struct_oper_list.matrix[2][2]         1.0000000000 
_pdbx_struct_oper_list.matrix[2][3]         0.0000000000 
_pdbx_struct_oper_list.vector[2]            0.0000000000 
_pdbx_struct_oper_list.matrix[3][1]         0.0000000000 
_pdbx_struct_oper_list.matrix[3][2]         0.0000000000 
_pdbx_struct_oper_list.matrix[3][3]         1.0000000000 
_pdbx_struct_oper_list.vector[3]            0.0000000000 
# 
_struct_biol.id        1 
_struct_biol.details   ? 
# 
loop_
_struct_conf.conf_type_id 
_struct_conf.id 
_struct_conf.pdbx_PDB_helix_id 
_struct_conf.beg_label_comp_id 
_struct_conf.beg_label_asym_id 
_struct_conf.beg_label_seq_id 
_struct_conf.pdbx_beg_PDB_ins_code 
_struct_conf.end_label_comp_id 
_struct_conf.end_label_asym_id 
_struct_conf.end_label_seq_id 
_struct_conf.pdbx_end_PDB_ins_code 
_struct_conf.beg_auth_comp_id 
_struct_conf.beg_auth_asym_id 
_struct_conf.beg_auth_seq_id 
_struct_conf.end_auth_comp_id 
_struct_conf.end_auth_asym_id 
_struct_conf.end_auth_seq_id 
_struct_conf.pdbx_PDB_helix_class 
_struct_conf.details 
_struct_conf.pdbx_PDB_helix_length 
HELX_P HELX_P1 1 TYR A 20  ? ALA A 24  ? TYR A 220 ALA A 224 5 ? 5  
HELX_P HELX_P2 2 ILE A 25  ? PHE A 33  ? ILE A 225 PHE A 233 1 ? 9  
HELX_P HELX_P3 3 GLU A 34  ? TRP A 36  ? GLU A 234 TRP A 236 5 ? 3  
HELX_P HELX_P4 4 LYS A 43  ? ALA A 50  ? LYS A 243 ALA A 250 1 ? 8  
HELX_P HELX_P5 5 GLU A 78  ? LEU A 87  ? GLU A 278 LEU A 287 1 ? 10 
HELX_P HELX_P6 6 CYS A 90  ? GLY A 98  ? CYS A 290 GLY A 298 1 ? 9  
HELX_P HELX_P7 7 GLY A 98  ? LYS A 108 ? GLY A 298 LYS A 308 1 ? 11 
HELX_P HELX_P8 8 LYS A 108 ? SER A 118 ? LYS A 308 SER A 318 1 ? 11 
# 
_struct_conf_type.id          HELX_P 
_struct_conf_type.criteria    ? 
_struct_conf_type.reference   ? 
# 
loop_
_struct_conn.id 
_struct_conn.conn_type_id 
_struct_conn.pdbx_leaving_atom_flag 
_struct_conn.pdbx_PDB_id 
_struct_conn.ptnr1_label_asym_id 
_struct_conn.ptnr1_label_comp_id 
_struct_conn.ptnr1_label_seq_id 
_struct_conn.ptnr1_label_atom_id 
_struct_conn.pdbx_ptnr1_label_alt_id 
_struct_conn.pdbx_ptnr1_PDB_ins_code 
_struct_conn.pdbx_ptnr1_standard_comp_id 
_struct_conn.ptnr1_symmetry 
_struct_conn.ptnr2_label_asym_id 
_struct_conn.ptnr2_label_comp_id 
_struct_conn.ptnr2_label_seq_id 
_struct_conn.ptnr2_label_atom_id 
_struct_conn.pdbx_ptnr2_label_alt_id 
_struct_conn.pdbx_ptnr2_PDB_ins_code 
_struct_conn.ptnr1_auth_asym_id 
_struct_conn.ptnr1_auth_comp_id 
_struct_conn.ptnr1_auth_seq_id 
_struct_conn.ptnr2_auth_asym_id 
_struct_conn.ptnr2_auth_comp_id 
_struct_conn.ptnr2_auth_seq_id 
_struct_conn.ptnr2_symmetry 
_struct_conn.pdbx_ptnr3_label_atom_id 
_struct_conn.pdbx_ptnr3_label_seq_id 
_struct_conn.pdbx_ptnr3_label_comp_id 
_struct_conn.pdbx_ptnr3_label_asym_id 
_struct_conn.pdbx_ptnr3_label_alt_id 
_struct_conn.pdbx_ptnr3_PDB_ins_code 
_struct_conn.details 
_struct_conn.pdbx_dist_value 
_struct_conn.pdbx_value_order 
_struct_conn.pdbx_role 
metalc1 metalc ? ? A CYS 63 SG  ? ? ? 1_555 C ZN . ZN ? ? A CYS 263 A ZN 501 1_555 ? ? ? ? ? ? ? 2.283 ? ? 
metalc2 metalc ? ? A CYS 66 SG  ? ? ? 1_555 C ZN . ZN ? ? A CYS 266 A ZN 501 1_555 ? ? ? ? ? ? ? 2.289 ? ? 
metalc3 metalc ? ? A HIS 83 NE2 ? ? ? 1_555 C ZN . ZN ? ? A HIS 283 A ZN 501 1_555 ? ? ? ? ? ? ? 2.397 ? ? 
metalc4 metalc ? ? A CYS 90 SG  ? ? ? 1_555 C ZN . ZN ? ? A CYS 290 A ZN 501 1_555 ? ? ? ? ? ? ? 2.269 ? ? 
# 
_struct_conn_type.id          metalc 
_struct_conn_type.criteria    ? 
_struct_conn_type.reference   ? 
# 
loop_
_pdbx_struct_conn_angle.id 
_pdbx_struct_conn_angle.ptnr1_label_atom_id 
_pdbx_struct_conn_angle.ptnr1_label_alt_id 
_pdbx_struct_conn_angle.ptnr1_label_asym_id 
_pdbx_struct_conn_angle.ptnr1_label_comp_id 
_pdbx_struct_conn_angle.ptnr1_label_seq_id 
_pdbx_struct_conn_angle.ptnr1_auth_atom_id 
_pdbx_struct_conn_angle.ptnr1_auth_asym_id 
_pdbx_struct_conn_angle.ptnr1_auth_comp_id 
_pdbx_struct_conn_angle.ptnr1_auth_seq_id 
_pdbx_struct_conn_angle.ptnr1_PDB_ins_code 
_pdbx_struct_conn_angle.ptnr1_symmetry 
_pdbx_struct_conn_angle.ptnr2_label_atom_id 
_pdbx_struct_conn_angle.ptnr2_label_alt_id 
_pdbx_struct_conn_angle.ptnr2_label_asym_id 
_pdbx_struct_conn_angle.ptnr2_label_comp_id 
_pdbx_struct_conn_angle.ptnr2_label_seq_id 
_pdbx_struct_conn_angle.ptnr2_auth_atom_id 
_pdbx_struct_conn_angle.ptnr2_auth_asym_id 
_pdbx_struct_conn_angle.ptnr2_auth_comp_id 
_pdbx_struct_conn_angle.ptnr2_auth_seq_id 
_pdbx_struct_conn_angle.ptnr2_PDB_ins_code 
_pdbx_struct_conn_angle.ptnr2_symmetry 
_pdbx_struct_conn_angle.ptnr3_label_atom_id 
_pdbx_struct_conn_angle.ptnr3_label_alt_id 
_pdbx_struct_conn_angle.ptnr3_label_asym_id 
_pdbx_struct_conn_angle.ptnr3_label_comp_id 
_pdbx_struct_conn_angle.ptnr3_label_seq_id 
_pdbx_struct_conn_angle.ptnr3_auth_atom_id 
_pdbx_struct_conn_angle.ptnr3_auth_asym_id 
_pdbx_struct_conn_angle.ptnr3_auth_comp_id 
_pdbx_struct_conn_angle.ptnr3_auth_seq_id 
_pdbx_struct_conn_angle.ptnr3_PDB_ins_code 
_pdbx_struct_conn_angle.ptnr3_symmetry 
_pdbx_struct_conn_angle.value 
_pdbx_struct_conn_angle.value_esd 
1 SG  ? A CYS 63 ? A CYS 263 ? 1_555 ZN ? C ZN . ? A ZN 501 ? 1_555 SG  ? A CYS 66 ? A CYS 266 ? 1_555 108.5 ? 
2 SG  ? A CYS 63 ? A CYS 263 ? 1_555 ZN ? C ZN . ? A ZN 501 ? 1_555 NE2 ? A HIS 83 ? A HIS 283 ? 1_555 91.0  ? 
3 SG  ? A CYS 66 ? A CYS 266 ? 1_555 ZN ? C ZN . ? A ZN 501 ? 1_555 NE2 ? A HIS 83 ? A HIS 283 ? 1_555 116.5 ? 
4 SG  ? A CYS 63 ? A CYS 263 ? 1_555 ZN ? C ZN . ? A ZN 501 ? 1_555 SG  ? A CYS 90 ? A CYS 290 ? 1_555 113.9 ? 
5 SG  ? A CYS 66 ? A CYS 266 ? 1_555 ZN ? C ZN . ? A ZN 501 ? 1_555 SG  ? A CYS 90 ? A CYS 290 ? 1_555 111.1 ? 
6 NE2 ? A HIS 83 ? A HIS 283 ? 1_555 ZN ? C ZN . ? A ZN 501 ? 1_555 SG  ? A CYS 90 ? A CYS 290 ? 1_555 114.2 ? 
# 
_struct_sheet.id               A 
_struct_sheet.type             ? 
_struct_sheet.number_strands   4 
_struct_sheet.details          ? 
# 
loop_
_struct_sheet_order.sheet_id 
_struct_sheet_order.range_id_1 
_struct_sheet_order.range_id_2 
_struct_sheet_order.offset 
_struct_sheet_order.sense 
A 1 2 ? anti-parallel 
A 2 3 ? anti-parallel 
A 3 4 ? anti-parallel 
# 
loop_
_struct_sheet_range.sheet_id 
_struct_sheet_range.id 
_struct_sheet_range.beg_label_comp_id 
_struct_sheet_range.beg_label_asym_id 
_struct_sheet_range.beg_label_seq_id 
_struct_sheet_range.pdbx_beg_PDB_ins_code 
_struct_sheet_range.end_label_comp_id 
_struct_sheet_range.end_label_asym_id 
_struct_sheet_range.end_label_seq_id 
_struct_sheet_range.pdbx_end_PDB_ins_code 
_struct_sheet_range.beg_auth_comp_id 
_struct_sheet_range.beg_auth_asym_id 
_struct_sheet_range.beg_auth_seq_id 
_struct_sheet_range.end_auth_comp_id 
_struct_sheet_range.end_auth_asym_id 
_struct_sheet_range.end_auth_seq_id 
A 1 PHE A 52 ? TYR A 54 ? PHE A 252 TYR A 254 
A 2 VAL A 61 ? CYS A 63 ? VAL A 261 CYS A 263 
A 3 GLY A 69 ? MET A 71 ? GLY A 269 MET A 271 
A 4 ILE B 2  ? PHE B 5  ? ILE B 2   PHE B 5   
# 
loop_
_pdbx_struct_sheet_hbond.sheet_id 
_pdbx_struct_sheet_hbond.range_id_1 
_pdbx_struct_sheet_hbond.range_id_2 
_pdbx_struct_sheet_hbond.range_1_label_atom_id 
_pdbx_struct_sheet_hbond.range_1_label_comp_id 
_pdbx_struct_sheet_hbond.range_1_label_asym_id 
_pdbx_struct_sheet_hbond.range_1_label_seq_id 
_pdbx_struct_sheet_hbond.range_1_PDB_ins_code 
_pdbx_struct_sheet_hbond.range_1_auth_atom_id 
_pdbx_struct_sheet_hbond.range_1_auth_comp_id 
_pdbx_struct_sheet_hbond.range_1_auth_asym_id 
_pdbx_struct_sheet_hbond.range_1_auth_seq_id 
_pdbx_struct_sheet_hbond.range_2_label_atom_id 
_pdbx_struct_sheet_hbond.range_2_label_comp_id 
_pdbx_struct_sheet_hbond.range_2_label_asym_id 
_pdbx_struct_sheet_hbond.range_2_label_seq_id 
_pdbx_struct_sheet_hbond.range_2_PDB_ins_code 
_pdbx_struct_sheet_hbond.range_2_auth_atom_id 
_pdbx_struct_sheet_hbond.range_2_auth_comp_id 
_pdbx_struct_sheet_hbond.range_2_auth_asym_id 
_pdbx_struct_sheet_hbond.range_2_auth_seq_id 
A 1 2 O PHE A 53 ? O PHE A 253 N ARG A 62 ? N ARG A 262 
A 2 3 O VAL A 61 ? O VAL A 261 N LEU A 70 ? N LEU A 270 
A 3 4 O MET A 71 ? O MET A 271 N ILE B 2  ? N ILE B 2   
# 
_struct_site.id                   AC1 
_struct_site.pdbx_evidence_code   Software 
_struct_site.pdbx_auth_asym_id    A 
_struct_site.pdbx_auth_comp_id    ZN 
_struct_site.pdbx_auth_seq_id     501 
_struct_site.pdbx_auth_ins_code   ? 
_struct_site.pdbx_num_residues    4 
_struct_site.details              'BINDING SITE FOR RESIDUE ZN A 501' 
# 
loop_
_struct_site_gen.id 
_struct_site_gen.site_id 
_struct_site_gen.pdbx_num_res 
_struct_site_gen.label_comp_id 
_struct_site_gen.label_asym_id 
_struct_site_gen.label_seq_id 
_struct_site_gen.pdbx_auth_ins_code 
_struct_site_gen.auth_comp_id 
_struct_site_gen.auth_asym_id 
_struct_site_gen.auth_seq_id 
_struct_site_gen.label_atom_id 
_struct_site_gen.label_alt_id 
_struct_site_gen.symmetry 
_struct_site_gen.details 
1 AC1 4 CYS A 63 ? CYS A 263 . ? 1_555 ? 
2 AC1 4 CYS A 66 ? CYS A 266 . ? 1_555 ? 
3 AC1 4 HIS A 83 ? HIS A 283 . ? 1_555 ? 
4 AC1 4 CYS A 90 ? CYS A 290 . ? 1_555 ? 
# 
_pdbx_validate_torsion.id              1 
_pdbx_validate_torsion.PDB_model_num   1 
_pdbx_validate_torsion.auth_comp_id    ASN 
_pdbx_validate_torsion.auth_asym_id    A 
_pdbx_validate_torsion.auth_seq_id     215 
_pdbx_validate_torsion.PDB_ins_code    ? 
_pdbx_validate_torsion.label_alt_id    ? 
_pdbx_validate_torsion.phi             154.20 
_pdbx_validate_torsion.psi             -51.84 
# 
loop_
_pdbx_unobs_or_zero_occ_residues.id 
_pdbx_unobs_or_zero_occ_residues.PDB_model_num 
_pdbx_unobs_or_zero_occ_residues.polymer_flag 
_pdbx_unobs_or_zero_occ_residues.occupancy_flag 
_pdbx_unobs_or_zero_occ_residues.auth_asym_id 
_pdbx_unobs_or_zero_occ_residues.auth_comp_id 
_pdbx_unobs_or_zero_occ_residues.auth_seq_id 
_pdbx_unobs_or_zero_occ_residues.PDB_ins_code 
_pdbx_unobs_or_zero_occ_residues.label_asym_id 
_pdbx_unobs_or_zero_occ_residues.label_comp_id 
_pdbx_unobs_or_zero_occ_residues.label_seq_id 
1  1 Y 1 A ASP 201 ? A ASP 1   
2  1 Y 1 A VAL 202 ? A VAL 2   
3  1 Y 1 A GLN 203 ? A GLN 3   
4  1 Y 1 A PRO 204 ? A PRO 4   
5  1 Y 1 A GLU 205 ? A GLU 5   
6  1 Y 1 A THR 206 ? A THR 6   
7  1 Y 1 A CYS 207 ? A CYS 7   
8  1 Y 1 A ARG 208 ? A ARG 8   
9  1 Y 1 A PRO 209 ? A PRO 9   
10 1 Y 1 A SER 210 ? A SER 10  
11 1 Y 1 A ALA 211 ? A ALA 11  
12 1 Y 1 A ALA 212 ? A ALA 12  
13 1 Y 1 A SER 213 ? A SER 13  
14 1 Y 1 A THR 319 ? A THR 119 
15 1 Y 1 A SER 320 ? A SER 120 
16 1 Y 1 A ILE 321 ? A ILE 121 
17 1 Y 1 A GLY 322 ? A GLY 122 
18 1 Y 1 A GLY 323 ? A GLY 123 
19 1 Y 1 A ASP 324 ? A ASP 124 
20 1 Y 1 B GLN 9   ? B GLN 9   
21 1 Y 1 B ALA 10  ? B ALA 10  
# 
loop_
_chem_comp_atom.comp_id 
_chem_comp_atom.atom_id 
_chem_comp_atom.type_symbol 
_chem_comp_atom.pdbx_aromatic_flag 
_chem_comp_atom.pdbx_stereo_config 
_chem_comp_atom.pdbx_ordinal 
ALA N    N  N N 1   
ALA CA   C  N S 2   
ALA C    C  N N 3   
ALA O    O  N N 4   
ALA CB   C  N N 5   
ALA OXT  O  N N 6   
ALA H    H  N N 7   
ALA H2   H  N N 8   
ALA HA   H  N N 9   
ALA HB1  H  N N 10  
ALA HB2  H  N N 11  
ALA HB3  H  N N 12  
ALA HXT  H  N N 13  
ARG N    N  N N 14  
ARG CA   C  N S 15  
ARG C    C  N N 16  
ARG O    O  N N 17  
ARG CB   C  N N 18  
ARG CG   C  N N 19  
ARG CD   C  N N 20  
ARG NE   N  N N 21  
ARG CZ   C  N N 22  
ARG NH1  N  N N 23  
ARG NH2  N  N N 24  
ARG OXT  O  N N 25  
ARG H    H  N N 26  
ARG H2   H  N N 27  
ARG HA   H  N N 28  
ARG HB2  H  N N 29  
ARG HB3  H  N N 30  
ARG HG2  H  N N 31  
ARG HG3  H  N N 32  
ARG HD2  H  N N 33  
ARG HD3  H  N N 34  
ARG HE   H  N N 35  
ARG HH11 H  N N 36  
ARG HH12 H  N N 37  
ARG HH21 H  N N 38  
ARG HH22 H  N N 39  
ARG HXT  H  N N 40  
ASN N    N  N N 41  
ASN CA   C  N S 42  
ASN C    C  N N 43  
ASN O    O  N N 44  
ASN CB   C  N N 45  
ASN CG   C  N N 46  
ASN OD1  O  N N 47  
ASN ND2  N  N N 48  
ASN OXT  O  N N 49  
ASN H    H  N N 50  
ASN H2   H  N N 51  
ASN HA   H  N N 52  
ASN HB2  H  N N 53  
ASN HB3  H  N N 54  
ASN HD21 H  N N 55  
ASN HD22 H  N N 56  
ASN HXT  H  N N 57  
ASP N    N  N N 58  
ASP CA   C  N S 59  
ASP C    C  N N 60  
ASP O    O  N N 61  
ASP CB   C  N N 62  
ASP CG   C  N N 63  
ASP OD1  O  N N 64  
ASP OD2  O  N N 65  
ASP OXT  O  N N 66  
ASP H    H  N N 67  
ASP H2   H  N N 68  
ASP HA   H  N N 69  
ASP HB2  H  N N 70  
ASP HB3  H  N N 71  
ASP HD2  H  N N 72  
ASP HXT  H  N N 73  
CYS N    N  N N 74  
CYS CA   C  N R 75  
CYS C    C  N N 76  
CYS O    O  N N 77  
CYS CB   C  N N 78  
CYS SG   S  N N 79  
CYS OXT  O  N N 80  
CYS H    H  N N 81  
CYS H2   H  N N 82  
CYS HA   H  N N 83  
CYS HB2  H  N N 84  
CYS HB3  H  N N 85  
CYS HG   H  N N 86  
CYS HXT  H  N N 87  
GLN N    N  N N 88  
GLN CA   C  N S 89  
GLN C    C  N N 90  
GLN O    O  N N 91  
GLN CB   C  N N 92  
GLN CG   C  N N 93  
GLN CD   C  N N 94  
GLN OE1  O  N N 95  
GLN NE2  N  N N 96  
GLN OXT  O  N N 97  
GLN H    H  N N 98  
GLN H2   H  N N 99  
GLN HA   H  N N 100 
GLN HB2  H  N N 101 
GLN HB3  H  N N 102 
GLN HG2  H  N N 103 
GLN HG3  H  N N 104 
GLN HE21 H  N N 105 
GLN HE22 H  N N 106 
GLN HXT  H  N N 107 
GLU N    N  N N 108 
GLU CA   C  N S 109 
GLU C    C  N N 110 
GLU O    O  N N 111 
GLU CB   C  N N 112 
GLU CG   C  N N 113 
GLU CD   C  N N 114 
GLU OE1  O  N N 115 
GLU OE2  O  N N 116 
GLU OXT  O  N N 117 
GLU H    H  N N 118 
GLU H2   H  N N 119 
GLU HA   H  N N 120 
GLU HB2  H  N N 121 
GLU HB3  H  N N 122 
GLU HG2  H  N N 123 
GLU HG3  H  N N 124 
GLU HE2  H  N N 125 
GLU HXT  H  N N 126 
GLY N    N  N N 127 
GLY CA   C  N N 128 
GLY C    C  N N 129 
GLY O    O  N N 130 
GLY OXT  O  N N 131 
GLY H    H  N N 132 
GLY H2   H  N N 133 
GLY HA2  H  N N 134 
GLY HA3  H  N N 135 
GLY HXT  H  N N 136 
HIS N    N  N N 137 
HIS CA   C  N S 138 
HIS C    C  N N 139 
HIS O    O  N N 140 
HIS CB   C  N N 141 
HIS CG   C  Y N 142 
HIS ND1  N  Y N 143 
HIS CD2  C  Y N 144 
HIS CE1  C  Y N 145 
HIS NE2  N  Y N 146 
HIS OXT  O  N N 147 
HIS H    H  N N 148 
HIS H2   H  N N 149 
HIS HA   H  N N 150 
HIS HB2  H  N N 151 
HIS HB3  H  N N 152 
HIS HD1  H  N N 153 
HIS HD2  H  N N 154 
HIS HE1  H  N N 155 
HIS HE2  H  N N 156 
HIS HXT  H  N N 157 
ILE N    N  N N 158 
ILE CA   C  N S 159 
ILE C    C  N N 160 
ILE O    O  N N 161 
ILE CB   C  N S 162 
ILE CG1  C  N N 163 
ILE CG2  C  N N 164 
ILE CD1  C  N N 165 
ILE OXT  O  N N 166 
ILE H    H  N N 167 
ILE H2   H  N N 168 
ILE HA   H  N N 169 
ILE HB   H  N N 170 
ILE HG12 H  N N 171 
ILE HG13 H  N N 172 
ILE HG21 H  N N 173 
ILE HG22 H  N N 174 
ILE HG23 H  N N 175 
ILE HD11 H  N N 176 
ILE HD12 H  N N 177 
ILE HD13 H  N N 178 
ILE HXT  H  N N 179 
LEU N    N  N N 180 
LEU CA   C  N S 181 
LEU C    C  N N 182 
LEU O    O  N N 183 
LEU CB   C  N N 184 
LEU CG   C  N N 185 
LEU CD1  C  N N 186 
LEU CD2  C  N N 187 
LEU OXT  O  N N 188 
LEU H    H  N N 189 
LEU H2   H  N N 190 
LEU HA   H  N N 191 
LEU HB2  H  N N 192 
LEU HB3  H  N N 193 
LEU HG   H  N N 194 
LEU HD11 H  N N 195 
LEU HD12 H  N N 196 
LEU HD13 H  N N 197 
LEU HD21 H  N N 198 
LEU HD22 H  N N 199 
LEU HD23 H  N N 200 
LEU HXT  H  N N 201 
LYS N    N  N N 202 
LYS CA   C  N S 203 
LYS C    C  N N 204 
LYS O    O  N N 205 
LYS CB   C  N N 206 
LYS CG   C  N N 207 
LYS CD   C  N N 208 
LYS CE   C  N N 209 
LYS NZ   N  N N 210 
LYS OXT  O  N N 211 
LYS H    H  N N 212 
LYS H2   H  N N 213 
LYS HA   H  N N 214 
LYS HB2  H  N N 215 
LYS HB3  H  N N 216 
LYS HG2  H  N N 217 
LYS HG3  H  N N 218 
LYS HD2  H  N N 219 
LYS HD3  H  N N 220 
LYS HE2  H  N N 221 
LYS HE3  H  N N 222 
LYS HZ1  H  N N 223 
LYS HZ2  H  N N 224 
LYS HZ3  H  N N 225 
LYS HXT  H  N N 226 
MET N    N  N N 227 
MET CA   C  N S 228 
MET C    C  N N 229 
MET O    O  N N 230 
MET CB   C  N N 231 
MET CG   C  N N 232 
MET SD   S  N N 233 
MET CE   C  N N 234 
MET OXT  O  N N 235 
MET H    H  N N 236 
MET H2   H  N N 237 
MET HA   H  N N 238 
MET HB2  H  N N 239 
MET HB3  H  N N 240 
MET HG2  H  N N 241 
MET HG3  H  N N 242 
MET HE1  H  N N 243 
MET HE2  H  N N 244 
MET HE3  H  N N 245 
MET HXT  H  N N 246 
PHE N    N  N N 247 
PHE CA   C  N S 248 
PHE C    C  N N 249 
PHE O    O  N N 250 
PHE CB   C  N N 251 
PHE CG   C  Y N 252 
PHE CD1  C  Y N 253 
PHE CD2  C  Y N 254 
PHE CE1  C  Y N 255 
PHE CE2  C  Y N 256 
PHE CZ   C  Y N 257 
PHE OXT  O  N N 258 
PHE H    H  N N 259 
PHE H2   H  N N 260 
PHE HA   H  N N 261 
PHE HB2  H  N N 262 
PHE HB3  H  N N 263 
PHE HD1  H  N N 264 
PHE HD2  H  N N 265 
PHE HE1  H  N N 266 
PHE HE2  H  N N 267 
PHE HZ   H  N N 268 
PHE HXT  H  N N 269 
PRO N    N  N N 270 
PRO CA   C  N S 271 
PRO C    C  N N 272 
PRO O    O  N N 273 
PRO CB   C  N N 274 
PRO CG   C  N N 275 
PRO CD   C  N N 276 
PRO OXT  O  N N 277 
PRO H    H  N N 278 
PRO HA   H  N N 279 
PRO HB2  H  N N 280 
PRO HB3  H  N N 281 
PRO HG2  H  N N 282 
PRO HG3  H  N N 283 
PRO HD2  H  N N 284 
PRO HD3  H  N N 285 
PRO HXT  H  N N 286 
SER N    N  N N 287 
SER CA   C  N S 288 
SER C    C  N N 289 
SER O    O  N N 290 
SER CB   C  N N 291 
SER OG   O  N N 292 
SER OXT  O  N N 293 
SER H    H  N N 294 
SER H2   H  N N 295 
SER HA   H  N N 296 
SER HB2  H  N N 297 
SER HB3  H  N N 298 
SER HG   H  N N 299 
SER HXT  H  N N 300 
THR N    N  N N 301 
THR CA   C  N S 302 
THR C    C  N N 303 
THR O    O  N N 304 
THR CB   C  N R 305 
THR OG1  O  N N 306 
THR CG2  C  N N 307 
THR OXT  O  N N 308 
THR H    H  N N 309 
THR H2   H  N N 310 
THR HA   H  N N 311 
THR HB   H  N N 312 
THR HG1  H  N N 313 
THR HG21 H  N N 314 
THR HG22 H  N N 315 
THR HG23 H  N N 316 
THR HXT  H  N N 317 
TRP N    N  N N 318 
TRP CA   C  N S 319 
TRP C    C  N N 320 
TRP O    O  N N 321 
TRP CB   C  N N 322 
TRP CG   C  Y N 323 
TRP CD1  C  Y N 324 
TRP CD2  C  Y N 325 
TRP NE1  N  Y N 326 
TRP CE2  C  Y N 327 
TRP CE3  C  Y N 328 
TRP CZ2  C  Y N 329 
TRP CZ3  C  Y N 330 
TRP CH2  C  Y N 331 
TRP OXT  O  N N 332 
TRP H    H  N N 333 
TRP H2   H  N N 334 
TRP HA   H  N N 335 
TRP HB2  H  N N 336 
TRP HB3  H  N N 337 
TRP HD1  H  N N 338 
TRP HE1  H  N N 339 
TRP HE3  H  N N 340 
TRP HZ2  H  N N 341 
TRP HZ3  H  N N 342 
TRP HH2  H  N N 343 
TRP HXT  H  N N 344 
TYR N    N  N N 345 
TYR CA   C  N S 346 
TYR C    C  N N 347 
TYR O    O  N N 348 
TYR CB   C  N N 349 
TYR CG   C  Y N 350 
TYR CD1  C  Y N 351 
TYR CD2  C  Y N 352 
TYR CE1  C  Y N 353 
TYR CE2  C  Y N 354 
TYR CZ   C  Y N 355 
TYR OH   O  N N 356 
TYR OXT  O  N N 357 
TYR H    H  N N 358 
TYR H2   H  N N 359 
TYR HA   H  N N 360 
TYR HB2  H  N N 361 
TYR HB3  H  N N 362 
TYR HD1  H  N N 363 
TYR HD2  H  N N 364 
TYR HE1  H  N N 365 
TYR HE2  H  N N 366 
TYR HH   H  N N 367 
TYR HXT  H  N N 368 
VAL N    N  N N 369 
VAL CA   C  N S 370 
VAL C    C  N N 371 
VAL O    O  N N 372 
VAL CB   C  N N 373 
VAL CG1  C  N N 374 
VAL CG2  C  N N 375 
VAL OXT  O  N N 376 
VAL H    H  N N 377 
VAL H2   H  N N 378 
VAL HA   H  N N 379 
VAL HB   H  N N 380 
VAL HG11 H  N N 381 
VAL HG12 H  N N 382 
VAL HG13 H  N N 383 
VAL HG21 H  N N 384 
VAL HG22 H  N N 385 
VAL HG23 H  N N 386 
VAL HXT  H  N N 387 
ZN  ZN   ZN N N 388 
# 
loop_
_chem_comp_bond.comp_id 
_chem_comp_bond.atom_id_1 
_chem_comp_bond.atom_id_2 
_chem_comp_bond.value_order 
_chem_comp_bond.pdbx_aromatic_flag 
_chem_comp_bond.pdbx_stereo_config 
_chem_comp_bond.pdbx_ordinal 
ALA N   CA   sing N N 1   
ALA N   H    sing N N 2   
ALA N   H2   sing N N 3   
ALA CA  C    sing N N 4   
ALA CA  CB   sing N N 5   
ALA CA  HA   sing N N 6   
ALA C   O    doub N N 7   
ALA C   OXT  sing N N 8   
ALA CB  HB1  sing N N 9   
ALA CB  HB2  sing N N 10  
ALA CB  HB3  sing N N 11  
ALA OXT HXT  sing N N 12  
ARG N   CA   sing N N 13  
ARG N   H    sing N N 14  
ARG N   H2   sing N N 15  
ARG CA  C    sing N N 16  
ARG CA  CB   sing N N 17  
ARG CA  HA   sing N N 18  
ARG C   O    doub N N 19  
ARG C   OXT  sing N N 20  
ARG CB  CG   sing N N 21  
ARG CB  HB2  sing N N 22  
ARG CB  HB3  sing N N 23  
ARG CG  CD   sing N N 24  
ARG CG  HG2  sing N N 25  
ARG CG  HG3  sing N N 26  
ARG CD  NE   sing N N 27  
ARG CD  HD2  sing N N 28  
ARG CD  HD3  sing N N 29  
ARG NE  CZ   sing N N 30  
ARG NE  HE   sing N N 31  
ARG CZ  NH1  sing N N 32  
ARG CZ  NH2  doub N N 33  
ARG NH1 HH11 sing N N 34  
ARG NH1 HH12 sing N N 35  
ARG NH2 HH21 sing N N 36  
ARG NH2 HH22 sing N N 37  
ARG OXT HXT  sing N N 38  
ASN N   CA   sing N N 39  
ASN N   H    sing N N 40  
ASN N   H2   sing N N 41  
ASN CA  C    sing N N 42  
ASN CA  CB   sing N N 43  
ASN CA  HA   sing N N 44  
ASN C   O    doub N N 45  
ASN C   OXT  sing N N 46  
ASN CB  CG   sing N N 47  
ASN CB  HB2  sing N N 48  
ASN CB  HB3  sing N N 49  
ASN CG  OD1  doub N N 50  
ASN CG  ND2  sing N N 51  
ASN ND2 HD21 sing N N 52  
ASN ND2 HD22 sing N N 53  
ASN OXT HXT  sing N N 54  
ASP N   CA   sing N N 55  
ASP N   H    sing N N 56  
ASP N   H2   sing N N 57  
ASP CA  C    sing N N 58  
ASP CA  CB   sing N N 59  
ASP CA  HA   sing N N 60  
ASP C   O    doub N N 61  
ASP C   OXT  sing N N 62  
ASP CB  CG   sing N N 63  
ASP CB  HB2  sing N N 64  
ASP CB  HB3  sing N N 65  
ASP CG  OD1  doub N N 66  
ASP CG  OD2  sing N N 67  
ASP OD2 HD2  sing N N 68  
ASP OXT HXT  sing N N 69  
CYS N   CA   sing N N 70  
CYS N   H    sing N N 71  
CYS N   H2   sing N N 72  
CYS CA  C    sing N N 73  
CYS CA  CB   sing N N 74  
CYS CA  HA   sing N N 75  
CYS C   O    doub N N 76  
CYS C   OXT  sing N N 77  
CYS CB  SG   sing N N 78  
CYS CB  HB2  sing N N 79  
CYS CB  HB3  sing N N 80  
CYS SG  HG   sing N N 81  
CYS OXT HXT  sing N N 82  
GLN N   CA   sing N N 83  
GLN N   H    sing N N 84  
GLN N   H2   sing N N 85  
GLN CA  C    sing N N 86  
GLN CA  CB   sing N N 87  
GLN CA  HA   sing N N 88  
GLN C   O    doub N N 89  
GLN C   OXT  sing N N 90  
GLN CB  CG   sing N N 91  
GLN CB  HB2  sing N N 92  
GLN CB  HB3  sing N N 93  
GLN CG  CD   sing N N 94  
GLN CG  HG2  sing N N 95  
GLN CG  HG3  sing N N 96  
GLN CD  OE1  doub N N 97  
GLN CD  NE2  sing N N 98  
GLN NE2 HE21 sing N N 99  
GLN NE2 HE22 sing N N 100 
GLN OXT HXT  sing N N 101 
GLU N   CA   sing N N 102 
GLU N   H    sing N N 103 
GLU N   H2   sing N N 104 
GLU CA  C    sing N N 105 
GLU CA  CB   sing N N 106 
GLU CA  HA   sing N N 107 
GLU C   O    doub N N 108 
GLU C   OXT  sing N N 109 
GLU CB  CG   sing N N 110 
GLU CB  HB2  sing N N 111 
GLU CB  HB3  sing N N 112 
GLU CG  CD   sing N N 113 
GLU CG  HG2  sing N N 114 
GLU CG  HG3  sing N N 115 
GLU CD  OE1  doub N N 116 
GLU CD  OE2  sing N N 117 
GLU OE2 HE2  sing N N 118 
GLU OXT HXT  sing N N 119 
GLY N   CA   sing N N 120 
GLY N   H    sing N N 121 
GLY N   H2   sing N N 122 
GLY CA  C    sing N N 123 
GLY CA  HA2  sing N N 124 
GLY CA  HA3  sing N N 125 
GLY C   O    doub N N 126 
GLY C   OXT  sing N N 127 
GLY OXT HXT  sing N N 128 
HIS N   CA   sing N N 129 
HIS N   H    sing N N 130 
HIS N   H2   sing N N 131 
HIS CA  C    sing N N 132 
HIS CA  CB   sing N N 133 
HIS CA  HA   sing N N 134 
HIS C   O    doub N N 135 
HIS C   OXT  sing N N 136 
HIS CB  CG   sing N N 137 
HIS CB  HB2  sing N N 138 
HIS CB  HB3  sing N N 139 
HIS CG  ND1  sing Y N 140 
HIS CG  CD2  doub Y N 141 
HIS ND1 CE1  doub Y N 142 
HIS ND1 HD1  sing N N 143 
HIS CD2 NE2  sing Y N 144 
HIS CD2 HD2  sing N N 145 
HIS CE1 NE2  sing Y N 146 
HIS CE1 HE1  sing N N 147 
HIS NE2 HE2  sing N N 148 
HIS OXT HXT  sing N N 149 
ILE N   CA   sing N N 150 
ILE N   H    sing N N 151 
ILE N   H2   sing N N 152 
ILE CA  C    sing N N 153 
ILE CA  CB   sing N N 154 
ILE CA  HA   sing N N 155 
ILE C   O    doub N N 156 
ILE C   OXT  sing N N 157 
ILE CB  CG1  sing N N 158 
ILE CB  CG2  sing N N 159 
ILE CB  HB   sing N N 160 
ILE CG1 CD1  sing N N 161 
ILE CG1 HG12 sing N N 162 
ILE CG1 HG13 sing N N 163 
ILE CG2 HG21 sing N N 164 
ILE CG2 HG22 sing N N 165 
ILE CG2 HG23 sing N N 166 
ILE CD1 HD11 sing N N 167 
ILE CD1 HD12 sing N N 168 
ILE CD1 HD13 sing N N 169 
ILE OXT HXT  sing N N 170 
LEU N   CA   sing N N 171 
LEU N   H    sing N N 172 
LEU N   H2   sing N N 173 
LEU CA  C    sing N N 174 
LEU CA  CB   sing N N 175 
LEU CA  HA   sing N N 176 
LEU C   O    doub N N 177 
LEU C   OXT  sing N N 178 
LEU CB  CG   sing N N 179 
LEU CB  HB2  sing N N 180 
LEU CB  HB3  sing N N 181 
LEU CG  CD1  sing N N 182 
LEU CG  CD2  sing N N 183 
LEU CG  HG   sing N N 184 
LEU CD1 HD11 sing N N 185 
LEU CD1 HD12 sing N N 186 
LEU CD1 HD13 sing N N 187 
LEU CD2 HD21 sing N N 188 
LEU CD2 HD22 sing N N 189 
LEU CD2 HD23 sing N N 190 
LEU OXT HXT  sing N N 191 
LYS N   CA   sing N N 192 
LYS N   H    sing N N 193 
LYS N   H2   sing N N 194 
LYS CA  C    sing N N 195 
LYS CA  CB   sing N N 196 
LYS CA  HA   sing N N 197 
LYS C   O    doub N N 198 
LYS C   OXT  sing N N 199 
LYS CB  CG   sing N N 200 
LYS CB  HB2  sing N N 201 
LYS CB  HB3  sing N N 202 
LYS CG  CD   sing N N 203 
LYS CG  HG2  sing N N 204 
LYS CG  HG3  sing N N 205 
LYS CD  CE   sing N N 206 
LYS CD  HD2  sing N N 207 
LYS CD  HD3  sing N N 208 
LYS CE  NZ   sing N N 209 
LYS CE  HE2  sing N N 210 
LYS CE  HE3  sing N N 211 
LYS NZ  HZ1  sing N N 212 
LYS NZ  HZ2  sing N N 213 
LYS NZ  HZ3  sing N N 214 
LYS OXT HXT  sing N N 215 
MET N   CA   sing N N 216 
MET N   H    sing N N 217 
MET N   H2   sing N N 218 
MET CA  C    sing N N 219 
MET CA  CB   sing N N 220 
MET CA  HA   sing N N 221 
MET C   O    doub N N 222 
MET C   OXT  sing N N 223 
MET CB  CG   sing N N 224 
MET CB  HB2  sing N N 225 
MET CB  HB3  sing N N 226 
MET CG  SD   sing N N 227 
MET CG  HG2  sing N N 228 
MET CG  HG3  sing N N 229 
MET SD  CE   sing N N 230 
MET CE  HE1  sing N N 231 
MET CE  HE2  sing N N 232 
MET CE  HE3  sing N N 233 
MET OXT HXT  sing N N 234 
PHE N   CA   sing N N 235 
PHE N   H    sing N N 236 
PHE N   H2   sing N N 237 
PHE CA  C    sing N N 238 
PHE CA  CB   sing N N 239 
PHE CA  HA   sing N N 240 
PHE C   O    doub N N 241 
PHE C   OXT  sing N N 242 
PHE CB  CG   sing N N 243 
PHE CB  HB2  sing N N 244 
PHE CB  HB3  sing N N 245 
PHE CG  CD1  doub Y N 246 
PHE CG  CD2  sing Y N 247 
PHE CD1 CE1  sing Y N 248 
PHE CD1 HD1  sing N N 249 
PHE CD2 CE2  doub Y N 250 
PHE CD2 HD2  sing N N 251 
PHE CE1 CZ   doub Y N 252 
PHE CE1 HE1  sing N N 253 
PHE CE2 CZ   sing Y N 254 
PHE CE2 HE2  sing N N 255 
PHE CZ  HZ   sing N N 256 
PHE OXT HXT  sing N N 257 
PRO N   CA   sing N N 258 
PRO N   CD   sing N N 259 
PRO N   H    sing N N 260 
PRO CA  C    sing N N 261 
PRO CA  CB   sing N N 262 
PRO CA  HA   sing N N 263 
PRO C   O    doub N N 264 
PRO C   OXT  sing N N 265 
PRO CB  CG   sing N N 266 
PRO CB  HB2  sing N N 267 
PRO CB  HB3  sing N N 268 
PRO CG  CD   sing N N 269 
PRO CG  HG2  sing N N 270 
PRO CG  HG3  sing N N 271 
PRO CD  HD2  sing N N 272 
PRO CD  HD3  sing N N 273 
PRO OXT HXT  sing N N 274 
SER N   CA   sing N N 275 
SER N   H    sing N N 276 
SER N   H2   sing N N 277 
SER CA  C    sing N N 278 
SER CA  CB   sing N N 279 
SER CA  HA   sing N N 280 
SER C   O    doub N N 281 
SER C   OXT  sing N N 282 
SER CB  OG   sing N N 283 
SER CB  HB2  sing N N 284 
SER CB  HB3  sing N N 285 
SER OG  HG   sing N N 286 
SER OXT HXT  sing N N 287 
THR N   CA   sing N N 288 
THR N   H    sing N N 289 
THR N   H2   sing N N 290 
THR CA  C    sing N N 291 
THR CA  CB   sing N N 292 
THR CA  HA   sing N N 293 
THR C   O    doub N N 294 
THR C   OXT  sing N N 295 
THR CB  OG1  sing N N 296 
THR CB  CG2  sing N N 297 
THR CB  HB   sing N N 298 
THR OG1 HG1  sing N N 299 
THR CG2 HG21 sing N N 300 
THR CG2 HG22 sing N N 301 
THR CG2 HG23 sing N N 302 
THR OXT HXT  sing N N 303 
TRP N   CA   sing N N 304 
TRP N   H    sing N N 305 
TRP N   H2   sing N N 306 
TRP CA  C    sing N N 307 
TRP CA  CB   sing N N 308 
TRP CA  HA   sing N N 309 
TRP C   O    doub N N 310 
TRP C   OXT  sing N N 311 
TRP CB  CG   sing N N 312 
TRP CB  HB2  sing N N 313 
TRP CB  HB3  sing N N 314 
TRP CG  CD1  doub Y N 315 
TRP CG  CD2  sing Y N 316 
TRP CD1 NE1  sing Y N 317 
TRP CD1 HD1  sing N N 318 
TRP CD2 CE2  doub Y N 319 
TRP CD2 CE3  sing Y N 320 
TRP NE1 CE2  sing Y N 321 
TRP NE1 HE1  sing N N 322 
TRP CE2 CZ2  sing Y N 323 
TRP CE3 CZ3  doub Y N 324 
TRP CE3 HE3  sing N N 325 
TRP CZ2 CH2  doub Y N 326 
TRP CZ2 HZ2  sing N N 327 
TRP CZ3 CH2  sing Y N 328 
TRP CZ3 HZ3  sing N N 329 
TRP CH2 HH2  sing N N 330 
TRP OXT HXT  sing N N 331 
TYR N   CA   sing N N 332 
TYR N   H    sing N N 333 
TYR N   H2   sing N N 334 
TYR CA  C    sing N N 335 
TYR CA  CB   sing N N 336 
TYR CA  HA   sing N N 337 
TYR C   O    doub N N 338 
TYR C   OXT  sing N N 339 
TYR CB  CG   sing N N 340 
TYR CB  HB2  sing N N 341 
TYR CB  HB3  sing N N 342 
TYR CG  CD1  doub Y N 343 
TYR CG  CD2  sing Y N 344 
TYR CD1 CE1  sing Y N 345 
TYR CD1 HD1  sing N N 346 
TYR CD2 CE2  doub Y N 347 
TYR CD2 HD2  sing N N 348 
TYR CE1 CZ   doub Y N 349 
TYR CE1 HE1  sing N N 350 
TYR CE2 CZ   sing Y N 351 
TYR CE2 HE2  sing N N 352 
TYR CZ  OH   sing N N 353 
TYR OH  HH   sing N N 354 
TYR OXT HXT  sing N N 355 
VAL N   CA   sing N N 356 
VAL N   H    sing N N 357 
VAL N   H2   sing N N 358 
VAL CA  C    sing N N 359 
VAL CA  CB   sing N N 360 
VAL CA  HA   sing N N 361 
VAL C   O    doub N N 362 
VAL C   OXT  sing N N 363 
VAL CB  CG1  sing N N 364 
VAL CB  CG2  sing N N 365 
VAL CB  HB   sing N N 366 
VAL CG1 HG11 sing N N 367 
VAL CG1 HG12 sing N N 368 
VAL CG1 HG13 sing N N 369 
VAL CG2 HG21 sing N N 370 
VAL CG2 HG22 sing N N 371 
VAL CG2 HG23 sing N N 372 
VAL OXT HXT  sing N N 373 
# 
_atom_sites.entry_id                    1JD5 
_atom_sites.fract_transf_matrix[1][1]   0.00758510 
_atom_sites.fract_transf_matrix[1][2]   0.01674932 
_atom_sites.fract_transf_matrix[1][3]   -0.00104133 
_atom_sites.fract_transf_matrix[2][1]   -0.00991868 
_atom_sites.fract_transf_matrix[2][2]   0.01423163 
_atom_sites.fract_transf_matrix[2][3]   -0.00618302 
_atom_sites.fract_transf_matrix[3][1]   -0.00231162 
_atom_sites.fract_transf_matrix[3][2]   0.00149071 
_atom_sites.fract_transf_matrix[3][3]   0.00713947 
_atom_sites.fract_transf_vector[1]      0.596309 
_atom_sites.fract_transf_vector[2]      0.943456 
_atom_sites.fract_transf_vector[3]      0.127214 
# 
loop_
_atom_type.symbol 
C  
N  
O  
S  
ZN 
# 
loop_
_atom_site.group_PDB 
_atom_site.id 
_atom_site.type_symbol 
_atom_site.label_atom_id 
_atom_site.label_alt_id 
_atom_site.label_comp_id 
_atom_site.label_asym_id 
_atom_site.label_entity_id 
_atom_site.label_seq_id 
_atom_site.pdbx_PDB_ins_code 
_atom_site.Cartn_x 
_atom_site.Cartn_y 
_atom_site.Cartn_z 
_atom_site.occupancy 
_atom_site.B_iso_or_equiv 
_atom_site.pdbx_formal_charge 
_atom_site.auth_seq_id 
_atom_site.auth_comp_id 
_atom_site.auth_asym_id 
_atom_site.auth_atom_id 
_atom_site.pdbx_PDB_model_num 
ATOM   1   N  N   . GLY A 1 14  ? -20.898 7.543   -12.481 1.00 34.15 ? 214 GLY A N   1 
ATOM   2   C  CA  . GLY A 1 14  ? -19.927 7.044   -11.484 1.00 29.74 ? 214 GLY A CA  1 
ATOM   3   C  C   . GLY A 1 14  ? -19.342 5.758   -12.013 1.00 26.49 ? 214 GLY A C   1 
ATOM   4   O  O   . GLY A 1 14  ? -19.338 5.562   -13.224 1.00 25.98 ? 214 GLY A O   1 
ATOM   5   N  N   . ASN A 1 15  ? -18.788 4.950   -11.112 1.00 23.62 ? 215 ASN A N   1 
ATOM   6   C  CA  . ASN A 1 15  ? -18.198 3.638   -11.397 1.00 22.07 ? 215 ASN A CA  1 
ATOM   7   C  C   . ASN A 1 15  ? -17.138 3.262   -10.368 1.00 19.71 ? 215 ASN A C   1 
ATOM   8   O  O   . ASN A 1 15  ? -17.181 2.163   -9.817  1.00 19.54 ? 215 ASN A O   1 
ATOM   9   C  CB  . ASN A 1 15  ? -17.640 3.500   -12.805 1.00 24.74 ? 215 ASN A CB  1 
ATOM   10  C  CG  . ASN A 1 15  ? -17.266 2.076   -13.132 1.00 25.51 ? 215 ASN A CG  1 
ATOM   11  O  OD1 . ASN A 1 15  ? -18.127 1.210   -13.296 1.00 28.35 ? 215 ASN A OD1 1 
ATOM   12  N  ND2 . ASN A 1 15  ? -15.968 1.811   -13.180 1.00 29.31 ? 215 ASN A ND2 1 
ATOM   13  N  N   . TYR A 1 16  ? -16.170 4.138   -10.118 1.00 17.10 ? 216 TYR A N   1 
ATOM   14  C  CA  . TYR A 1 16  ? -15.177 3.852   -9.095  1.00 17.09 ? 216 TYR A CA  1 
ATOM   15  C  C   . TYR A 1 16  ? -15.773 4.123   -7.716  1.00 15.89 ? 216 TYR A C   1 
ATOM   16  O  O   . TYR A 1 16  ? -16.508 5.098   -7.520  1.00 13.40 ? 216 TYR A O   1 
ATOM   17  C  CB  . TYR A 1 16  ? -13.909 4.707   -9.243  1.00 17.41 ? 216 TYR A CB  1 
ATOM   18  C  CG  . TYR A 1 16  ? -13.131 4.814   -7.933  1.00 18.71 ? 216 TYR A CG  1 
ATOM   19  C  CD1 . TYR A 1 16  ? -12.375 3.743   -7.457  1.00 19.50 ? 216 TYR A CD1 1 
ATOM   20  C  CD2 . TYR A 1 16  ? -13.243 5.949   -7.119  1.00 17.53 ? 216 TYR A CD2 1 
ATOM   21  C  CE1 . TYR A 1 16  ? -11.760 3.786   -6.198  1.00 18.73 ? 216 TYR A CE1 1 
ATOM   22  C  CE2 . TYR A 1 16  ? -12.632 6.003   -5.859  1.00 16.67 ? 216 TYR A CE2 1 
ATOM   23  C  CZ  . TYR A 1 16  ? -11.892 4.919   -5.402  1.00 19.71 ? 216 TYR A CZ  1 
ATOM   24  O  OH  . TYR A 1 16  ? -11.306 4.943   -4.151  1.00 17.22 ? 216 TYR A OH  1 
ATOM   25  N  N   . PHE A 1 17  ? -15.404 3.272   -6.761  1.00 13.52 ? 217 PHE A N   1 
ATOM   26  C  CA  . PHE A 1 17  ? -15.812 3.422   -5.374  1.00 12.51 ? 217 PHE A CA  1 
ATOM   27  C  C   . PHE A 1 17  ? -14.793 2.615   -4.586  1.00 10.75 ? 217 PHE A C   1 
ATOM   28  O  O   . PHE A 1 17  ? -14.368 1.547   -5.028  1.00 9.99  ? 217 PHE A O   1 
ATOM   29  C  CB  . PHE A 1 17  ? -17.229 2.905   -5.133  1.00 11.70 ? 217 PHE A CB  1 
ATOM   30  C  CG  . PHE A 1 17  ? -17.881 3.503   -3.915  1.00 11.56 ? 217 PHE A CG  1 
ATOM   31  C  CD1 . PHE A 1 17  ? -17.971 2.782   -2.734  1.00 11.73 ? 217 PHE A CD1 1 
ATOM   32  C  CD2 . PHE A 1 17  ? -18.355 4.810   -3.936  1.00 9.67  ? 217 PHE A CD2 1 
ATOM   33  C  CE1 . PHE A 1 17  ? -18.522 3.358   -1.589  1.00 11.78 ? 217 PHE A CE1 1 
ATOM   34  C  CE2 . PHE A 1 17  ? -18.910 5.395   -2.794  1.00 12.40 ? 217 PHE A CE2 1 
ATOM   35  C  CZ  . PHE A 1 17  ? -18.990 4.665   -1.616  1.00 9.07  ? 217 PHE A CZ  1 
ATOM   36  N  N   . PRO A 1 18  ? -14.337 3.157   -3.443  1.00 10.71 ? 218 PRO A N   1 
ATOM   37  C  CA  . PRO A 1 18  ? -13.351 2.458   -2.617  1.00 11.20 ? 218 PRO A CA  1 
ATOM   38  C  C   . PRO A 1 18  ? -13.830 1.078   -2.172  1.00 14.09 ? 218 PRO A C   1 
ATOM   39  O  O   . PRO A 1 18  ? -14.992 0.899   -1.777  1.00 12.21 ? 218 PRO A O   1 
ATOM   40  C  CB  . PRO A 1 18  ? -13.147 3.423   -1.448  1.00 8.56  ? 218 PRO A CB  1 
ATOM   41  C  CG  . PRO A 1 18  ? -14.447 4.171   -1.373  1.00 11.52 ? 218 PRO A CG  1 
ATOM   42  C  CD  . PRO A 1 18  ? -14.749 4.421   -2.824  1.00 9.40  ? 218 PRO A CD  1 
ATOM   43  N  N   . GLN A 1 19  ? -12.939 0.090   -2.280  1.00 14.75 ? 219 GLN A N   1 
ATOM   44  C  CA  . GLN A 1 19  ? -13.240 -1.285  -1.891  1.00 16.21 ? 219 GLN A CA  1 
ATOM   45  C  C   . GLN A 1 19  ? -13.682 -1.350  -0.424  1.00 14.54 ? 219 GLN A C   1 
ATOM   46  O  O   . GLN A 1 19  ? -14.566 -2.135  -0.056  1.00 13.86 ? 219 GLN A O   1 
ATOM   47  C  CB  . GLN A 1 19  ? -12.004 -2.165  -2.113  1.00 16.52 ? 219 GLN A CB  1 
ATOM   48  C  CG  . GLN A 1 19  ? -12.322 -3.623  -2.375  1.00 26.23 ? 219 GLN A CG  1 
ATOM   49  C  CD  . GLN A 1 19  ? -12.833 -3.907  -3.790  1.00 30.87 ? 219 GLN A CD  1 
ATOM   50  O  OE1 . GLN A 1 19  ? -13.434 -4.956  -4.032  1.00 36.85 ? 219 GLN A OE1 1 
ATOM   51  N  NE2 . GLN A 1 19  ? -12.560 -3.007  -4.730  1.00 31.25 ? 219 GLN A NE2 1 
ATOM   52  N  N   . TYR A 1 20  ? -13.066 -0.511  0.406   1.00 13.52 ? 220 TYR A N   1 
ATOM   53  C  CA  . TYR A 1 20  ? -13.373 -0.435  1.827   1.00 14.38 ? 220 TYR A CA  1 
ATOM   54  C  C   . TYR A 1 20  ? -13.720 1.008   2.211   1.00 13.03 ? 220 TYR A C   1 
ATOM   55  O  O   . TYR A 1 20  ? -12.901 1.722   2.795   1.00 13.16 ? 220 TYR A O   1 
ATOM   56  C  CB  . TYR A 1 20  ? -12.192 -0.932  2.670   1.00 15.61 ? 220 TYR A CB  1 
ATOM   57  C  CG  . TYR A 1 20  ? -11.847 -2.378  2.431   1.00 18.44 ? 220 TYR A CG  1 
ATOM   58  C  CD1 . TYR A 1 20  ? -10.908 -2.742  1.473   1.00 20.33 ? 220 TYR A CD1 1 
ATOM   59  C  CD2 . TYR A 1 20  ? -12.474 -3.389  3.151   1.00 21.50 ? 220 TYR A CD2 1 
ATOM   60  C  CE1 . TYR A 1 20  ? -10.601 -4.087  1.235   1.00 23.15 ? 220 TYR A CE1 1 
ATOM   61  C  CE2 . TYR A 1 20  ? -12.175 -4.737  2.919   1.00 22.36 ? 220 TYR A CE2 1 
ATOM   62  C  CZ  . TYR A 1 20  ? -11.238 -5.077  1.961   1.00 22.26 ? 220 TYR A CZ  1 
ATOM   63  O  OH  . TYR A 1 20  ? -10.934 -6.393  1.724   1.00 21.93 ? 220 TYR A OH  1 
ATOM   64  N  N   . PRO A 1 21  ? -14.958 1.445   1.915   1.00 14.51 ? 221 PRO A N   1 
ATOM   65  C  CA  . PRO A 1 21  ? -15.421 2.803   2.221   1.00 12.50 ? 221 PRO A CA  1 
ATOM   66  C  C   . PRO A 1 21  ? -15.169 3.188   3.683   1.00 13.69 ? 221 PRO A C   1 
ATOM   67  O  O   . PRO A 1 21  ? -14.834 4.329   3.983   1.00 14.35 ? 221 PRO A O   1 
ATOM   68  C  CB  . PRO A 1 21  ? -16.916 2.722   1.934   1.00 13.49 ? 221 PRO A CB  1 
ATOM   69  C  CG  . PRO A 1 21  ? -16.999 1.729   0.846   1.00 15.09 ? 221 PRO A CG  1 
ATOM   70  C  CD  . PRO A 1 21  ? -16.032 0.659   1.281   1.00 14.74 ? 221 PRO A CD  1 
ATOM   71  N  N   . GLU A 1 22  ? -15.319 2.218   4.581   1.00 14.83 ? 222 GLU A N   1 
ATOM   72  C  CA  . GLU A 1 22  ? -15.121 2.438   6.016   1.00 14.87 ? 222 GLU A CA  1 
ATOM   73  C  C   . GLU A 1 22  ? -13.716 2.921   6.379   1.00 14.24 ? 222 GLU A C   1 
ATOM   74  O  O   . GLU A 1 22  ? -13.514 3.512   7.448   1.00 15.17 ? 222 GLU A O   1 
ATOM   75  C  CB  . GLU A 1 22  ? -15.468 1.175   6.822   1.00 16.28 ? 222 GLU A CB  1 
ATOM   76  C  CG  . GLU A 1 22  ? -14.551 -0.029  6.598   1.00 17.35 ? 222 GLU A CG  1 
ATOM   77  C  CD  . GLU A 1 22  ? -15.022 -0.994  5.519   1.00 18.85 ? 222 GLU A CD  1 
ATOM   78  O  OE1 . GLU A 1 22  ? -15.652 -0.569  4.530   1.00 19.98 ? 222 GLU A OE1 1 
ATOM   79  O  OE2 . GLU A 1 22  ? -14.746 -2.203  5.660   1.00 23.62 ? 222 GLU A OE2 1 
ATOM   80  N  N   . TYR A 1 23  ? -12.751 2.710   5.490   1.00 13.32 ? 223 TYR A N   1 
ATOM   81  C  CA  . TYR A 1 23  ? -11.385 3.133   5.761   1.00 12.52 ? 223 TYR A CA  1 
ATOM   82  C  C   . TYR A 1 23  ? -10.893 4.250   4.827   1.00 13.02 ? 223 TYR A C   1 
ATOM   83  O  O   . TYR A 1 23  ? -9.692  4.448   4.672   1.00 10.14 ? 223 TYR A O   1 
ATOM   84  C  CB  . TYR A 1 23  ? -10.437 1.927   5.742   1.00 13.96 ? 223 TYR A CB  1 
ATOM   85  C  CG  . TYR A 1 23  ? -10.692 0.953   6.875   1.00 13.52 ? 223 TYR A CG  1 
ATOM   86  C  CD1 . TYR A 1 23  ? -11.019 -0.377  6.620   1.00 14.39 ? 223 TYR A CD1 1 
ATOM   87  C  CD2 . TYR A 1 23  ? -10.648 1.378   8.204   1.00 16.09 ? 223 TYR A CD2 1 
ATOM   88  C  CE1 . TYR A 1 23  ? -11.302 -1.262  7.670   1.00 14.93 ? 223 TYR A CE1 1 
ATOM   89  C  CE2 . TYR A 1 23  ? -10.930 0.506   9.256   1.00 13.07 ? 223 TYR A CE2 1 
ATOM   90  C  CZ  . TYR A 1 23  ? -11.256 -0.810  8.982   1.00 16.22 ? 223 TYR A CZ  1 
ATOM   91  O  OH  . TYR A 1 23  ? -11.529 -1.673  10.023  1.00 19.83 ? 223 TYR A OH  1 
ATOM   92  N  N   . ALA A 1 24  ? -11.831 4.994   4.247   1.00 12.65 ? 224 ALA A N   1 
ATOM   93  C  CA  . ALA A 1 24  ? -11.500 6.101   3.352   1.00 13.10 ? 224 ALA A CA  1 
ATOM   94  C  C   . ALA A 1 24  ? -10.891 7.259   4.131   1.00 14.26 ? 224 ALA A C   1 
ATOM   95  O  O   . ALA A 1 24  ? -10.139 8.060   3.583   1.00 15.04 ? 224 ALA A O   1 
ATOM   96  C  CB  . ALA A 1 24  ? -12.735 6.559   2.608   1.00 11.30 ? 224 ALA A CB  1 
ATOM   97  N  N   . ILE A 1 25  ? -11.265 7.372   5.404   1.00 15.03 ? 225 ILE A N   1 
ATOM   98  C  CA  . ILE A 1 25  ? -10.750 8.416   6.289   1.00 13.69 ? 225 ILE A CA  1 
ATOM   99  C  C   . ILE A 1 25  ? -9.443  7.892   6.892   1.00 13.06 ? 225 ILE A C   1 
ATOM   100 O  O   . ILE A 1 25  ? -9.445  6.898   7.623   1.00 12.69 ? 225 ILE A O   1 
ATOM   101 C  CB  . ILE A 1 25  ? -11.772 8.745   7.406   1.00 15.32 ? 225 ILE A CB  1 
ATOM   102 C  CG1 . ILE A 1 25  ? -13.061 9.297   6.780   1.00 15.29 ? 225 ILE A CG1 1 
ATOM   103 C  CG2 . ILE A 1 25  ? -11.191 9.738   8.394   1.00 12.77 ? 225 ILE A CG2 1 
ATOM   104 C  CD1 . ILE A 1 25  ? -14.188 9.497   7.758   1.00 23.35 ? 225 ILE A CD1 1 
ATOM   105 N  N   . GLU A 1 26  ? -8.333  8.570   6.606   1.00 12.61 ? 226 GLU A N   1 
ATOM   106 C  CA  . GLU A 1 26  ? -7.035  8.118   7.093   1.00 14.69 ? 226 GLU A CA  1 
ATOM   107 C  C   . GLU A 1 26  ? -6.958  8.034   8.610   1.00 15.13 ? 226 GLU A C   1 
ATOM   108 O  O   . GLU A 1 26  ? -6.220  7.215   9.157   1.00 15.63 ? 226 GLU A O   1 
ATOM   109 C  CB  . GLU A 1 26  ? -5.898  8.947   6.472   1.00 17.72 ? 226 GLU A CB  1 
ATOM   110 C  CG  . GLU A 1 26  ? -5.317  10.051  7.302   1.00 21.83 ? 226 GLU A CG  1 
ATOM   111 C  CD  . GLU A 1 26  ? -4.279  9.574   8.296   1.00 19.98 ? 226 GLU A CD  1 
ATOM   112 O  OE1 . GLU A 1 26  ? -3.373  8.803   7.919   1.00 21.70 ? 226 GLU A OE1 1 
ATOM   113 O  OE2 . GLU A 1 26  ? -4.385  9.961   9.469   1.00 23.04 ? 226 GLU A OE2 1 
ATOM   114 N  N   . THR A 1 27  ? -7.754  8.852   9.284   1.00 14.77 ? 227 THR A N   1 
ATOM   115 C  CA  . THR A 1 27  ? -7.806  8.847   10.734  1.00 13.78 ? 227 THR A CA  1 
ATOM   116 C  C   . THR A 1 27  ? -8.287  7.464   11.207  1.00 14.06 ? 227 THR A C   1 
ATOM   117 O  O   . THR A 1 27  ? -7.779  6.927   12.197  1.00 12.23 ? 227 THR A O   1 
ATOM   118 C  CB  . THR A 1 27  ? -8.727  10.001  11.235  1.00 13.73 ? 227 THR A CB  1 
ATOM   119 O  OG1 . THR A 1 27  ? -7.907  11.094  11.667  1.00 20.91 ? 227 THR A OG1 1 
ATOM   120 C  CG2 . THR A 1 27  ? -9.628  9.561   12.362  1.00 16.27 ? 227 THR A CG2 1 
ATOM   121 N  N   . ALA A 1 28  ? -9.222  6.870   10.465  1.00 10.37 ? 228 ALA A N   1 
ATOM   122 C  CA  . ALA A 1 28  ? -9.744  5.553   10.799  1.00 10.55 ? 228 ALA A CA  1 
ATOM   123 C  C   . ALA A 1 28  ? -8.700  4.491   10.464  1.00 11.17 ? 228 ALA A C   1 
ATOM   124 O  O   . ALA A 1 28  ? -8.582  3.486   11.172  1.00 11.45 ? 228 ALA A O   1 
ATOM   125 C  CB  . ALA A 1 28  ? -11.035 5.279   10.058  1.00 7.52  ? 228 ALA A CB  1 
ATOM   126 N  N   . ARG A 1 29  ? -7.945  4.714   9.386   1.00 12.86 ? 229 ARG A N   1 
ATOM   127 C  CA  . ARG A 1 29  ? -6.894  3.773   8.981   1.00 11.78 ? 229 ARG A CA  1 
ATOM   128 C  C   . ARG A 1 29  ? -5.829  3.719   10.068  1.00 11.27 ? 229 ARG A C   1 
ATOM   129 O  O   . ARG A 1 29  ? -5.415  2.636   10.481  1.00 13.03 ? 229 ARG A O   1 
ATOM   130 C  CB  . ARG A 1 29  ? -6.214  4.194   7.675   1.00 11.51 ? 229 ARG A CB  1 
ATOM   131 C  CG  . ARG A 1 29  ? -7.078  4.175   6.430   1.00 14.45 ? 229 ARG A CG  1 
ATOM   132 C  CD  . ARG A 1 29  ? -6.265  4.670   5.226   1.00 16.28 ? 229 ARG A CD  1 
ATOM   133 N  NE  . ARG A 1 29  ? -7.079  5.507   4.348   1.00 24.20 ? 229 ARG A NE  1 
ATOM   134 C  CZ  . ARG A 1 29  ? -6.712  6.689   3.861   1.00 22.56 ? 229 ARG A CZ  1 
ATOM   135 N  NH1 . ARG A 1 29  ? -5.526  7.211   4.142   1.00 19.40 ? 229 ARG A NH1 1 
ATOM   136 N  NH2 . ARG A 1 29  ? -7.558  7.370   3.105   1.00 31.86 ? 229 ARG A NH2 1 
ATOM   137 N  N   . LEU A 1 30  ? -5.404  4.886   10.542  1.00 10.98 ? 230 LEU A N   1 
ATOM   138 C  CA  . LEU A 1 30  ? -4.377  4.964   11.579  1.00 13.32 ? 230 LEU A CA  1 
ATOM   139 C  C   . LEU A 1 30  ? -4.764  4.134   12.803  1.00 13.15 ? 230 LEU A C   1 
ATOM   140 O  O   . LEU A 1 30  ? -3.945  3.388   13.350  1.00 13.12 ? 230 LEU A O   1 
ATOM   141 C  CB  . LEU A 1 30  ? -4.148  6.428   11.970  1.00 14.52 ? 230 LEU A CB  1 
ATOM   142 C  CG  . LEU A 1 30  ? -2.794  6.842   12.546  1.00 17.00 ? 230 LEU A CG  1 
ATOM   143 C  CD1 . LEU A 1 30  ? -2.543  6.185   13.881  1.00 22.71 ? 230 LEU A CD1 1 
ATOM   144 C  CD2 . LEU A 1 30  ? -1.699  6.467   11.574  1.00 22.33 ? 230 LEU A CD2 1 
ATOM   145 N  N   . ARG A 1 31  ? -6.035  4.213   13.175  1.00 14.90 ? 231 ARG A N   1 
ATOM   146 C  CA  . ARG A 1 31  ? -6.556  3.490   14.324  1.00 15.27 ? 231 ARG A CA  1 
ATOM   147 C  C   . ARG A 1 31  ? -6.347  1.977   14.236  1.00 14.23 ? 231 ARG A C   1 
ATOM   148 O  O   . ARG A 1 31  ? -6.085  1.321   15.253  1.00 12.25 ? 231 ARG A O   1 
ATOM   149 C  CB  . ARG A 1 31  ? -8.039  3.825   14.510  1.00 17.65 ? 231 ARG A CB  1 
ATOM   150 C  CG  . ARG A 1 31  ? -8.619  3.423   15.856  1.00 23.19 ? 231 ARG A CG  1 
ATOM   151 C  CD  . ARG A 1 31  ? -10.040 3.951   16.010  1.00 23.91 ? 231 ARG A CD  1 
ATOM   152 N  NE  . ARG A 1 31  ? -10.124 5.393   15.761  1.00 23.99 ? 231 ARG A NE  1 
ATOM   153 C  CZ  . ARG A 1 31  ? -10.806 5.945   14.757  1.00 23.76 ? 231 ARG A CZ  1 
ATOM   154 N  NH1 . ARG A 1 31  ? -11.471 5.183   13.898  1.00 23.51 ? 231 ARG A NH1 1 
ATOM   155 N  NH2 . ARG A 1 31  ? -10.803 7.262   14.598  1.00 22.76 ? 231 ARG A NH2 1 
ATOM   156 N  N   . THR A 1 32  ? -6.416  1.420   13.028  1.00 13.37 ? 232 THR A N   1 
ATOM   157 C  CA  . THR A 1 32  ? -6.242  -0.021  12.873  1.00 11.09 ? 232 THR A CA  1 
ATOM   158 C  C   . THR A 1 32  ? -4.822  -0.471  13.205  1.00 9.70  ? 232 THR A C   1 
ATOM   159 O  O   . THR A 1 32  ? -4.597  -1.638  13.511  1.00 12.50 ? 232 THR A O   1 
ATOM   160 C  CB  . THR A 1 32  ? -6.621  -0.511  11.467  1.00 10.96 ? 232 THR A CB  1 
ATOM   161 O  OG1 . THR A 1 32  ? -5.724  0.040   10.496  1.00 11.44 ? 232 THR A OG1 1 
ATOM   162 C  CG2 . THR A 1 32  ? -8.038  -0.090  11.126  1.00 9.68  ? 232 THR A CG2 1 
ATOM   163 N  N   . PHE A 1 33  ? -3.876  0.460   13.178  1.00 10.94 ? 233 PHE A N   1 
ATOM   164 C  CA  . PHE A 1 33  ? -2.487  0.146   13.471  1.00 11.36 ? 233 PHE A CA  1 
ATOM   165 C  C   . PHE A 1 33  ? -2.152  0.111   14.952  1.00 16.11 ? 233 PHE A C   1 
ATOM   166 O  O   . PHE A 1 33  ? -0.980  0.050   15.327  1.00 16.15 ? 233 PHE A O   1 
ATOM   167 C  CB  . PHE A 1 33  ? -1.558  1.123   12.754  1.00 11.18 ? 233 PHE A CB  1 
ATOM   168 C  CG  . PHE A 1 33  ? -1.527  0.929   11.268  1.00 11.72 ? 233 PHE A CG  1 
ATOM   169 C  CD1 . PHE A 1 33  ? -2.327  1.703   10.436  1.00 10.59 ? 233 PHE A CD1 1 
ATOM   170 C  CD2 . PHE A 1 33  ? -0.709  -0.048  10.700  1.00 10.28 ? 233 PHE A CD2 1 
ATOM   171 C  CE1 . PHE A 1 33  ? -2.317  1.518   9.059   1.00 13.28 ? 233 PHE A CE1 1 
ATOM   172 C  CE2 . PHE A 1 33  ? -0.687  -0.246  9.324   1.00 11.83 ? 233 PHE A CE2 1 
ATOM   173 C  CZ  . PHE A 1 33  ? -1.494  0.539   8.496   1.00 15.45 ? 233 PHE A CZ  1 
ATOM   174 N  N   . GLU A 1 34  ? -3.183  0.142   15.786  1.00 16.94 ? 234 GLU A N   1 
ATOM   175 C  CA  . GLU A 1 34  ? -3.008  0.088   17.233  1.00 19.01 ? 234 GLU A CA  1 
ATOM   176 C  C   . GLU A 1 34  ? -2.098  -1.080  17.632  1.00 17.21 ? 234 GLU A C   1 
ATOM   177 O  O   . GLU A 1 34  ? -1.179  -0.905  18.433  1.00 18.73 ? 234 GLU A O   1 
ATOM   178 C  CB  . GLU A 1 34  ? -4.373  -0.043  17.918  1.00 21.99 ? 234 GLU A CB  1 
ATOM   179 C  CG  . GLU A 1 34  ? -4.318  -0.374  19.402  1.00 28.75 ? 234 GLU A CG  1 
ATOM   180 C  CD  . GLU A 1 34  ? -5.681  -0.727  19.986  1.00 34.55 ? 234 GLU A CD  1 
ATOM   181 O  OE1 . GLU A 1 34  ? -5.984  -0.257  21.109  1.00 37.00 ? 234 GLU A OE1 1 
ATOM   182 O  OE2 . GLU A 1 34  ? -6.451  -1.477  19.334  1.00 36.27 ? 234 GLU A OE2 1 
ATOM   183 N  N   . ALA A 1 35  ? -2.331  -2.253  17.052  1.00 16.72 ? 235 ALA A N   1 
ATOM   184 C  CA  . ALA A 1 35  ? -1.540  -3.434  17.385  1.00 16.36 ? 235 ALA A CA  1 
ATOM   185 C  C   . ALA A 1 35  ? -0.418  -3.739  16.399  1.00 17.36 ? 235 ALA A C   1 
ATOM   186 O  O   . ALA A 1 35  ? 0.116   -4.852  16.387  1.00 16.68 ? 235 ALA A O   1 
ATOM   187 C  CB  . ALA A 1 35  ? -2.445  -4.641  17.535  1.00 15.40 ? 235 ALA A CB  1 
ATOM   188 N  N   . TRP A 1 36  ? -0.079  -2.762  15.561  1.00 15.34 ? 236 TRP A N   1 
ATOM   189 C  CA  . TRP A 1 36  ? 0.976   -2.929  14.564  1.00 13.98 ? 236 TRP A CA  1 
ATOM   190 C  C   . TRP A 1 36  ? 2.294   -3.238  15.275  1.00 14.58 ? 236 TRP A C   1 
ATOM   191 O  O   . TRP A 1 36  ? 2.641   -2.593  16.263  1.00 13.95 ? 236 TRP A O   1 
ATOM   192 C  CB  . TRP A 1 36  ? 1.091   -1.658  13.714  1.00 11.39 ? 236 TRP A CB  1 
ATOM   193 C  CG  . TRP A 1 36  ? 2.155   -1.683  12.650  1.00 8.90  ? 236 TRP A CG  1 
ATOM   194 C  CD1 . TRP A 1 36  ? 3.315   -0.964  12.639  1.00 11.22 ? 236 TRP A CD1 1 
ATOM   195 C  CD2 . TRP A 1 36  ? 2.125   -2.412  11.414  1.00 8.95  ? 236 TRP A CD2 1 
ATOM   196 N  NE1 . TRP A 1 36  ? 4.006   -1.197  11.469  1.00 9.87  ? 236 TRP A NE1 1 
ATOM   197 C  CE2 . TRP A 1 36  ? 3.297   -2.081  10.700  1.00 8.70  ? 236 TRP A CE2 1 
ATOM   198 C  CE3 . TRP A 1 36  ? 1.215   -3.311  10.837  1.00 9.16  ? 236 TRP A CE3 1 
ATOM   199 C  CZ2 . TRP A 1 36  ? 3.586   -2.615  9.436   1.00 8.06  ? 236 TRP A CZ2 1 
ATOM   200 C  CZ3 . TRP A 1 36  ? 1.504   -3.844  9.568   1.00 6.97  ? 236 TRP A CZ3 1 
ATOM   201 C  CH2 . TRP A 1 36  ? 2.680   -3.491  8.889   1.00 6.81  ? 236 TRP A CH2 1 
ATOM   202 N  N   . PRO A 1 37  ? 3.022   -4.265  14.804  1.00 14.61 ? 237 PRO A N   1 
ATOM   203 C  CA  . PRO A 1 37  ? 4.298   -4.643  15.415  1.00 14.94 ? 237 PRO A CA  1 
ATOM   204 C  C   . PRO A 1 37  ? 5.267   -3.464  15.496  1.00 16.68 ? 237 PRO A C   1 
ATOM   205 O  O   . PRO A 1 37  ? 5.629   -2.894  14.464  1.00 15.23 ? 237 PRO A O   1 
ATOM   206 C  CB  . PRO A 1 37  ? 4.818   -5.718  14.464  1.00 15.27 ? 237 PRO A CB  1 
ATOM   207 C  CG  . PRO A 1 37  ? 3.556   -6.366  13.966  1.00 15.22 ? 237 PRO A CG  1 
ATOM   208 C  CD  . PRO A 1 37  ? 2.687   -5.166  13.686  1.00 15.84 ? 237 PRO A CD  1 
ATOM   209 N  N   . ARG A 1 38  ? 5.681   -3.111  16.716  1.00 18.12 ? 238 ARG A N   1 
ATOM   210 C  CA  . ARG A 1 38  ? 6.627   -2.002  16.949  1.00 20.84 ? 238 ARG A CA  1 
ATOM   211 C  C   . ARG A 1 38  ? 7.909   -2.306  16.190  1.00 21.09 ? 238 ARG A C   1 
ATOM   212 O  O   . ARG A 1 38  ? 8.682   -1.418  15.850  1.00 24.14 ? 238 ARG A O   1 
ATOM   213 C  CB  . ARG A 1 38  ? 6.984   -1.902  18.434  1.00 23.33 ? 238 ARG A CB  1 
ATOM   214 C  CG  . ARG A 1 38  ? 5.813   -1.904  19.392  1.00 28.81 ? 238 ARG A CG  1 
ATOM   215 C  CD  . ARG A 1 38  ? 5.096   -0.578  19.384  1.00 33.50 ? 238 ARG A CD  1 
ATOM   216 N  NE  . ARG A 1 38  ? 3.735   -0.703  18.878  1.00 40.88 ? 238 ARG A NE  1 
ATOM   217 C  CZ  . ARG A 1 38  ? 2.663   -0.887  19.642  1.00 42.61 ? 238 ARG A CZ  1 
ATOM   218 N  NH1 . ARG A 1 38  ? 2.784   -0.968  20.963  1.00 44.37 ? 238 ARG A NH1 1 
ATOM   219 N  NH2 . ARG A 1 38  ? 1.462   -0.982  19.086  1.00 42.46 ? 238 ARG A NH2 1 
ATOM   220 N  N   . ASN A 1 39  ? 8.134   -3.604  16.040  1.00 23.10 ? 239 ASN A N   1 
ATOM   221 C  CA  . ASN A 1 39  ? 9.249   -4.238  15.354  1.00 23.15 ? 239 ASN A CA  1 
ATOM   222 C  C   . ASN A 1 39  ? 9.571   -3.668  13.957  1.00 23.51 ? 239 ASN A C   1 
ATOM   223 O  O   . ASN A 1 39  ? 10.736  -3.436  13.619  1.00 20.98 ? 239 ASN A O   1 
ATOM   224 C  CB  . ASN A 1 39  ? 8.854   -5.714  15.198  1.00 25.30 ? 239 ASN A CB  1 
ATOM   225 C  CG  . ASN A 1 39  ? 9.998   -6.607  14.842  1.00 27.49 ? 239 ASN A CG  1 
ATOM   226 O  OD1 . ASN A 1 39  ? 10.617  -7.196  15.721  1.00 30.63 ? 239 ASN A OD1 1 
ATOM   227 N  ND2 . ASN A 1 39  ? 10.258  -6.767  13.542  1.00 31.48 ? 239 ASN A ND2 1 
ATOM   228 N  N   . LEU A 1 40  ? 8.527   -3.461  13.156  1.00 19.90 ? 240 LEU A N   1 
ATOM   229 C  CA  . LEU A 1 40  ? 8.646   -3.004  11.770  1.00 18.18 ? 240 LEU A CA  1 
ATOM   230 C  C   . LEU A 1 40  ? 9.115   -1.569  11.524  1.00 17.76 ? 240 LEU A C   1 
ATOM   231 O  O   . LEU A 1 40  ? 8.699   -0.641  12.215  1.00 18.08 ? 240 LEU A O   1 
ATOM   232 C  CB  . LEU A 1 40  ? 7.320   -3.274  11.047  1.00 17.00 ? 240 LEU A CB  1 
ATOM   233 C  CG  . LEU A 1 40  ? 6.904   -4.752  11.138  1.00 16.53 ? 240 LEU A CG  1 
ATOM   234 C  CD1 . LEU A 1 40  ? 5.432   -4.927  10.903  1.00 18.14 ? 240 LEU A CD1 1 
ATOM   235 C  CD2 . LEU A 1 40  ? 7.688   -5.577  10.148  1.00 19.36 ? 240 LEU A CD2 1 
ATOM   236 N  N   . LYS A 1 41  ? 9.962   -1.398  10.507  1.00 14.77 ? 241 LYS A N   1 
ATOM   237 C  CA  . LYS A 1 41  ? 10.502  -0.081  10.151  1.00 15.89 ? 241 LYS A CA  1 
ATOM   238 C  C   . LYS A 1 41  ? 9.422   0.849   9.616   1.00 14.00 ? 241 LYS A C   1 
ATOM   239 O  O   . LYS A 1 41  ? 9.484   2.055   9.830   1.00 13.18 ? 241 LYS A O   1 
ATOM   240 C  CB  . LYS A 1 41  ? 11.637  -0.202  9.125   1.00 20.14 ? 241 LYS A CB  1 
ATOM   241 C  CG  . LYS A 1 41  ? 12.743  -1.163  9.538   1.00 28.65 ? 241 LYS A CG  1 
ATOM   242 C  CD  . LYS A 1 41  ? 13.300  -0.853  10.927  1.00 30.97 ? 241 LYS A CD  1 
ATOM   243 C  CE  . LYS A 1 41  ? 14.349  -1.879  11.338  1.00 33.98 ? 241 LYS A CE  1 
ATOM   244 N  NZ  . LYS A 1 41  ? 13.817  -3.285  11.329  1.00 34.72 ? 241 LYS A NZ  1 
ATOM   245 N  N   . GLN A 1 42  ? 8.464   0.299   8.871   1.00 12.26 ? 242 GLN A N   1 
ATOM   246 C  CA  . GLN A 1 42  ? 7.371   1.110   8.335   1.00 12.56 ? 242 GLN A CA  1 
ATOM   247 C  C   . GLN A 1 42  ? 6.457   1.437   9.507   1.00 13.93 ? 242 GLN A C   1 
ATOM   248 O  O   . GLN A 1 42  ? 6.004   0.535   10.218  1.00 12.93 ? 242 GLN A O   1 
ATOM   249 C  CB  . GLN A 1 42  ? 6.591   0.358   7.250   1.00 11.93 ? 242 GLN A CB  1 
ATOM   250 C  CG  . GLN A 1 42  ? 7.367   0.101   5.958   1.00 12.10 ? 242 GLN A CG  1 
ATOM   251 C  CD  . GLN A 1 42  ? 8.460   -0.923  6.135   1.00 12.37 ? 242 GLN A CD  1 
ATOM   252 O  OE1 . GLN A 1 42  ? 8.324   -1.856  6.930   1.00 12.67 ? 242 GLN A OE1 1 
ATOM   253 N  NE2 . GLN A 1 42  ? 9.562   -0.745  5.417   1.00 11.92 ? 242 GLN A NE2 1 
ATOM   254 N  N   . LYS A 1 43  ? 6.241   2.725   9.746   1.00 13.46 ? 243 LYS A N   1 
ATOM   255 C  CA  . LYS A 1 43  ? 5.405   3.164   10.856  1.00 16.44 ? 243 LYS A CA  1 
ATOM   256 C  C   . LYS A 1 43  ? 3.960   3.422   10.433  1.00 14.66 ? 243 LYS A C   1 
ATOM   257 O  O   . LYS A 1 43  ? 3.693   3.767   9.282   1.00 15.29 ? 243 LYS A O   1 
ATOM   258 C  CB  . LYS A 1 43  ? 6.013   4.414   11.503  1.00 18.35 ? 243 LYS A CB  1 
ATOM   259 C  CG  . LYS A 1 43  ? 7.478   4.245   11.915  1.00 19.93 ? 243 LYS A CG  1 
ATOM   260 C  CD  . LYS A 1 43  ? 7.677   3.065   12.875  1.00 23.54 ? 243 LYS A CD  1 
ATOM   261 C  CE  . LYS A 1 43  ? 9.148   2.856   13.231  1.00 25.54 ? 243 LYS A CE  1 
ATOM   262 N  NZ  . LYS A 1 43  ? 9.377   1.629   14.064  1.00 25.21 ? 243 LYS A NZ  1 
ATOM   263 N  N   . PRO A 1 44  ? 3.007   3.272   11.369  1.00 15.74 ? 244 PRO A N   1 
ATOM   264 C  CA  . PRO A 1 44  ? 1.575   3.474   11.137  1.00 13.92 ? 244 PRO A CA  1 
ATOM   265 C  C   . PRO A 1 44  ? 1.244   4.720   10.314  1.00 12.88 ? 244 PRO A C   1 
ATOM   266 O  O   . PRO A 1 44  ? 0.500   4.638   9.343   1.00 13.24 ? 244 PRO A O   1 
ATOM   267 C  CB  . PRO A 1 44  ? 1.018   3.563   12.550  1.00 13.72 ? 244 PRO A CB  1 
ATOM   268 C  CG  . PRO A 1 44  ? 1.842   2.562   13.274  1.00 14.78 ? 244 PRO A CG  1 
ATOM   269 C  CD  . PRO A 1 44  ? 3.244   2.888   12.777  1.00 16.16 ? 244 PRO A CD  1 
ATOM   270 N  N   . HIS A 1 45  ? 1.818   5.857   10.688  1.00 13.64 ? 245 HIS A N   1 
ATOM   271 C  CA  . HIS A 1 45  ? 1.562   7.112   9.981   1.00 14.70 ? 245 HIS A CA  1 
ATOM   272 C  C   . HIS A 1 45  ? 1.830   7.002   8.485   1.00 14.48 ? 245 HIS A C   1 
ATOM   273 O  O   . HIS A 1 45  ? 0.991   7.394   7.674   1.00 14.22 ? 245 HIS A O   1 
ATOM   274 C  CB  . HIS A 1 45  ? 2.396   8.248   10.575  1.00 19.13 ? 245 HIS A CB  1 
ATOM   275 C  CG  . HIS A 1 45  ? 2.041   8.577   11.993  1.00 28.57 ? 245 HIS A CG  1 
ATOM   276 N  ND1 . HIS A 1 45  ? 2.948   9.115   12.883  1.00 32.49 ? 245 HIS A ND1 1 
ATOM   277 C  CD2 . HIS A 1 45  ? 0.875   8.465   12.672  1.00 30.93 ? 245 HIS A CD2 1 
ATOM   278 C  CE1 . HIS A 1 45  ? 2.353   9.331   14.043  1.00 31.06 ? 245 HIS A CE1 1 
ATOM   279 N  NE2 . HIS A 1 45  ? 1.093   8.944   13.940  1.00 29.87 ? 245 HIS A NE2 1 
ATOM   280 N  N   . GLN A 1 46  ? 2.970   6.421   8.125   1.00 11.52 ? 246 GLN A N   1 
ATOM   281 C  CA  . GLN A 1 46  ? 3.356   6.249   6.729   1.00 13.13 ? 246 GLN A CA  1 
ATOM   282 C  C   . GLN A 1 46  ? 2.408   5.319   5.980   1.00 11.86 ? 246 GLN A C   1 
ATOM   283 O  O   . GLN A 1 46  ? 2.013   5.595   4.843   1.00 10.78 ? 246 GLN A O   1 
ATOM   284 C  CB  . GLN A 1 46  ? 4.742   5.629   6.627   1.00 17.96 ? 246 GLN A CB  1 
ATOM   285 C  CG  . GLN A 1 46  ? 5.847   6.298   7.398   1.00 24.59 ? 246 GLN A CG  1 
ATOM   286 C  CD  . GLN A 1 46  ? 7.082   5.417   7.433   1.00 29.23 ? 246 GLN A CD  1 
ATOM   287 O  OE1 . GLN A 1 46  ? 7.518   4.992   8.497   1.00 28.43 ? 246 GLN A OE1 1 
ATOM   288 N  NE2 . GLN A 1 46  ? 7.617   5.095   6.261   1.00 31.91 ? 246 GLN A NE2 1 
ATOM   289 N  N   . LEU A 1 47  ? 2.121   4.175   6.589   1.00 8.23  ? 247 LEU A N   1 
ATOM   290 C  CA  . LEU A 1 47  ? 1.241   3.184   5.982   1.00 8.47  ? 247 LEU A CA  1 
ATOM   291 C  C   . LEU A 1 47  ? -0.176  3.707   5.793   1.00 8.12  ? 247 LEU A C   1 
ATOM   292 O  O   . LEU A 1 47  ? -0.758  3.563   4.712   1.00 6.45  ? 247 LEU A O   1 
ATOM   293 C  CB  . LEU A 1 47  ? 1.257   1.888   6.800   1.00 8.06  ? 247 LEU A CB  1 
ATOM   294 C  CG  . LEU A 1 47  ? 2.621   1.179   6.809   1.00 10.08 ? 247 LEU A CG  1 
ATOM   295 C  CD1 . LEU A 1 47  ? 2.795   0.374   8.078   1.00 8.16  ? 247 LEU A CD1 1 
ATOM   296 C  CD2 . LEU A 1 47  ? 2.762   0.299   5.577   1.00 7.87  ? 247 LEU A CD2 1 
ATOM   297 N  N   . ALA A 1 48  ? -0.709  4.355   6.825   1.00 8.28  ? 248 ALA A N   1 
ATOM   298 C  CA  . ALA A 1 48  ? -2.059  4.920   6.770   1.00 7.48  ? 248 ALA A CA  1 
ATOM   299 C  C   . ALA A 1 48  ? -2.134  6.017   5.708   1.00 7.78  ? 248 ALA A C   1 
ATOM   300 O  O   . ALA A 1 48  ? -3.115  6.121   4.977   1.00 7.50  ? 248 ALA A O   1 
ATOM   301 C  CB  . ALA A 1 48  ? -2.461  5.471   8.127   1.00 7.31  ? 248 ALA A CB  1 
ATOM   302 N  N   . GLU A 1 49  ? -1.084  6.828   5.622   1.00 9.23  ? 249 GLU A N   1 
ATOM   303 C  CA  . GLU A 1 49  ? -1.038  7.898   4.640   1.00 9.56  ? 249 GLU A CA  1 
ATOM   304 C  C   . GLU A 1 49  ? -0.928  7.332   3.221   1.00 10.61 ? 249 GLU A C   1 
ATOM   305 O  O   . GLU A 1 49  ? -1.374  7.956   2.256   1.00 10.62 ? 249 GLU A O   1 
ATOM   306 C  CB  . GLU A 1 49  ? 0.089   8.878   4.966   1.00 9.91  ? 249 GLU A CB  1 
ATOM   307 C  CG  . GLU A 1 49  ? -0.261  9.797   6.139   1.00 13.07 ? 249 GLU A CG  1 
ATOM   308 C  CD  . GLU A 1 49  ? 0.949   10.339  6.887   1.00 13.76 ? 249 GLU A CD  1 
ATOM   309 O  OE1 . GLU A 1 49  ? 2.055   10.397  6.318   1.00 18.14 ? 249 GLU A OE1 1 
ATOM   310 O  OE2 . GLU A 1 49  ? 0.791   10.702  8.069   1.00 18.98 ? 249 GLU A OE2 1 
ATOM   311 N  N   . ALA A 1 50  ? -0.381  6.128   3.095   1.00 9.77  ? 250 ALA A N   1 
ATOM   312 C  CA  . ALA A 1 50  ? -0.261  5.486   1.786   1.00 9.80  ? 250 ALA A CA  1 
ATOM   313 C  C   . ALA A 1 50  ? -1.566  4.763   1.416   1.00 10.16 ? 250 ALA A C   1 
ATOM   314 O  O   . ALA A 1 50  ? -1.623  4.064   0.402   1.00 10.10 ? 250 ALA A O   1 
ATOM   315 C  CB  . ALA A 1 50  ? 0.908   4.513   1.783   1.00 9.47  ? 250 ALA A CB  1 
ATOM   316 N  N   . GLY A 1 51  ? -2.596  4.935   2.243   1.00 9.31  ? 251 GLY A N   1 
ATOM   317 C  CA  . GLY A 1 51  ? -3.891  4.334   1.988   1.00 8.26  ? 251 GLY A CA  1 
ATOM   318 C  C   . GLY A 1 51  ? -4.148  2.954   2.564   1.00 10.76 ? 251 GLY A C   1 
ATOM   319 O  O   . GLY A 1 51  ? -5.205  2.360   2.306   1.00 12.43 ? 251 GLY A O   1 
ATOM   320 N  N   . PHE A 1 52  ? -3.216  2.454   3.369   1.00 10.07 ? 252 PHE A N   1 
ATOM   321 C  CA  . PHE A 1 52  ? -3.331  1.117   3.952   1.00 9.56  ? 252 PHE A CA  1 
ATOM   322 C  C   . PHE A 1 52  ? -3.927  1.108   5.354   1.00 9.17  ? 252 PHE A C   1 
ATOM   323 O  O   . PHE A 1 52  ? -3.818  2.084   6.098   1.00 8.56  ? 252 PHE A O   1 
ATOM   324 C  CB  . PHE A 1 52  ? -1.946  0.449   4.047   1.00 9.25  ? 252 PHE A CB  1 
ATOM   325 C  CG  . PHE A 1 52  ? -1.254  0.266   2.718   1.00 8.34  ? 252 PHE A CG  1 
ATOM   326 C  CD1 . PHE A 1 52  ? -0.038  0.892   2.466   1.00 7.77  ? 252 PHE A CD1 1 
ATOM   327 C  CD2 . PHE A 1 52  ? -1.801  -0.552  1.726   1.00 9.30  ? 252 PHE A CD2 1 
ATOM   328 C  CE1 . PHE A 1 52  ? 0.625   0.711   1.246   1.00 8.76  ? 252 PHE A CE1 1 
ATOM   329 C  CE2 . PHE A 1 52  ? -1.149  -0.739  0.505   1.00 7.24  ? 252 PHE A CE2 1 
ATOM   330 C  CZ  . PHE A 1 52  ? 0.068   -0.106  0.267   1.00 6.66  ? 252 PHE A CZ  1 
ATOM   331 N  N   . PHE A 1 53  ? -4.570  -0.001  5.689   1.00 7.90  ? 253 PHE A N   1 
ATOM   332 C  CA  . PHE A 1 53  ? -5.107  -0.201  7.017   1.00 7.94  ? 253 PHE A CA  1 
ATOM   333 C  C   . PHE A 1 53  ? -4.592  -1.581  7.419   1.00 7.99  ? 253 PHE A C   1 
ATOM   334 O  O   . PHE A 1 53  ? -4.366  -2.442  6.560   1.00 7.91  ? 253 PHE A O   1 
ATOM   335 C  CB  . PHE A 1 53  ? -6.647  -0.087  7.076   1.00 7.87  ? 253 PHE A CB  1 
ATOM   336 C  CG  . PHE A 1 53  ? -7.396  -1.104  6.248   1.00 8.48  ? 253 PHE A CG  1 
ATOM   337 C  CD1 . PHE A 1 53  ? -7.784  -2.324  6.805   1.00 8.92  ? 253 PHE A CD1 1 
ATOM   338 C  CD2 . PHE A 1 53  ? -7.769  -0.821  4.932   1.00 8.86  ? 253 PHE A CD2 1 
ATOM   339 C  CE1 . PHE A 1 53  ? -8.529  -3.251  6.068   1.00 9.50  ? 253 PHE A CE1 1 
ATOM   340 C  CE2 . PHE A 1 53  ? -8.515  -1.741  4.182   1.00 7.86  ? 253 PHE A CE2 1 
ATOM   341 C  CZ  . PHE A 1 53  ? -8.897  -2.960  4.755   1.00 8.98  ? 253 PHE A CZ  1 
ATOM   342 N  N   . TYR A 1 54  ? -4.329  -1.756  8.708   1.00 9.83  ? 254 TYR A N   1 
ATOM   343 C  CA  . TYR A 1 54  ? -3.806  -3.013  9.218   1.00 10.78 ? 254 TYR A CA  1 
ATOM   344 C  C   . TYR A 1 54  ? -4.862  -4.116  9.300   1.00 13.12 ? 254 TYR A C   1 
ATOM   345 O  O   . TYR A 1 54  ? -5.960  -3.927  9.840   1.00 13.66 ? 254 TYR A O   1 
ATOM   346 C  CB  . TYR A 1 54  ? -3.162  -2.778  10.588  1.00 10.05 ? 254 TYR A CB  1 
ATOM   347 C  CG  . TYR A 1 54  ? -2.455  -3.967  11.191  1.00 11.21 ? 254 TYR A CG  1 
ATOM   348 C  CD1 . TYR A 1 54  ? -1.795  -4.909  10.397  1.00 11.57 ? 254 TYR A CD1 1 
ATOM   349 C  CD2 . TYR A 1 54  ? -2.443  -4.146  12.572  1.00 10.88 ? 254 TYR A CD2 1 
ATOM   350 C  CE1 . TYR A 1 54  ? -1.138  -6.000  10.974  1.00 13.26 ? 254 TYR A CE1 1 
ATOM   351 C  CE2 . TYR A 1 54  ? -1.788  -5.230  13.156  1.00 11.59 ? 254 TYR A CE2 1 
ATOM   352 C  CZ  . TYR A 1 54  ? -1.140  -6.156  12.358  1.00 12.35 ? 254 TYR A CZ  1 
ATOM   353 O  OH  . TYR A 1 54  ? -0.500  -7.215  12.951  1.00 9.37  ? 254 TYR A OH  1 
ATOM   354 N  N   . THR A 1 55  ? -4.509  -5.275  8.762   1.00 11.47 ? 255 THR A N   1 
ATOM   355 C  CA  . THR A 1 55  ? -5.388  -6.433  8.769   1.00 14.74 ? 255 THR A CA  1 
ATOM   356 C  C   . THR A 1 55  ? -5.484  -7.052  10.174  1.00 14.55 ? 255 THR A C   1 
ATOM   357 O  O   . THR A 1 55  ? -6.437  -7.767  10.487  1.00 12.63 ? 255 THR A O   1 
ATOM   358 C  CB  . THR A 1 55  ? -4.904  -7.470  7.723   1.00 15.56 ? 255 THR A CB  1 
ATOM   359 O  OG1 . THR A 1 55  ? -5.412  -7.109  6.431   1.00 17.61 ? 255 THR A OG1 1 
ATOM   360 C  CG2 . THR A 1 55  ? -5.341  -8.861  8.068   1.00 20.82 ? 255 THR A CG2 1 
ATOM   361 N  N   . GLY A 1 56  ? -4.514  -6.740  11.028  1.00 14.91 ? 256 GLY A N   1 
ATOM   362 C  CA  . GLY A 1 56  ? -4.505  -7.298  12.369  1.00 13.97 ? 256 GLY A CA  1 
ATOM   363 C  C   . GLY A 1 56  ? -3.745  -8.616  12.431  1.00 15.66 ? 256 GLY A C   1 
ATOM   364 O  O   . GLY A 1 56  ? -3.628  -9.219  13.502  1.00 15.72 ? 256 GLY A O   1 
ATOM   365 N  N   . VAL A 1 57  ? -3.197  -9.051  11.298  1.00 14.02 ? 257 VAL A N   1 
ATOM   366 C  CA  . VAL A 1 57  ? -2.448  -10.301 11.232  1.00 14.36 ? 257 VAL A CA  1 
ATOM   367 C  C   . VAL A 1 57  ? -1.053  -10.047 10.655  1.00 14.84 ? 257 VAL A C   1 
ATOM   368 O  O   . VAL A 1 57  ? -0.925  -9.471  9.574   1.00 13.02 ? 257 VAL A O   1 
ATOM   369 C  CB  . VAL A 1 57  ? -3.171  -11.329 10.337  1.00 13.74 ? 257 VAL A CB  1 
ATOM   370 C  CG1 . VAL A 1 57  ? -2.357  -12.604 10.215  1.00 16.93 ? 257 VAL A CG1 1 
ATOM   371 C  CG2 . VAL A 1 57  ? -4.540  -11.635 10.903  1.00 14.80 ? 257 VAL A CG2 1 
ATOM   372 N  N   . GLY A 1 58  ? -0.019  -10.510 11.360  1.00 14.00 ? 258 GLY A N   1 
ATOM   373 C  CA  . GLY A 1 58  ? 1.356   -10.330 10.903  1.00 12.58 ? 258 GLY A CA  1 
ATOM   374 C  C   . GLY A 1 58  ? 1.644   -8.901  10.500  1.00 10.58 ? 258 GLY A C   1 
ATOM   375 O  O   . GLY A 1 58  ? 1.435   -7.986  11.291  1.00 12.07 ? 258 GLY A O   1 
ATOM   376 N  N   . ASP A 1 59  ? 2.151   -8.705  9.290   1.00 10.65 ? 259 ASP A N   1 
ATOM   377 C  CA  . ASP A 1 59  ? 2.422   -7.356  8.814   1.00 10.94 ? 259 ASP A CA  1 
ATOM   378 C  C   . ASP A 1 59  ? 1.605   -7.095  7.550   1.00 10.50 ? 259 ASP A C   1 
ATOM   379 O  O   . ASP A 1 59  ? 1.999   -6.314  6.683   1.00 9.32  ? 259 ASP A O   1 
ATOM   380 C  CB  . ASP A 1 59  ? 3.932   -7.144  8.580   1.00 8.68  ? 259 ASP A CB  1 
ATOM   381 C  CG  . ASP A 1 59  ? 4.481   -7.931  7.387   1.00 8.95  ? 259 ASP A CG  1 
ATOM   382 O  OD1 . ASP A 1 59  ? 3.822   -8.860  6.872   1.00 8.62  ? 259 ASP A OD1 1 
ATOM   383 O  OD2 . ASP A 1 59  ? 5.606   -7.604  6.965   1.00 11.99 ? 259 ASP A OD2 1 
ATOM   384 N  N   . ARG A 1 60  ? 0.460   -7.768  7.459   1.00 8.40  ? 260 ARG A N   1 
ATOM   385 C  CA  . ARG A 1 60  ? -0.427  -7.655  6.306   1.00 10.62 ? 260 ARG A CA  1 
ATOM   386 C  C   . ARG A 1 60  ? -1.275  -6.398  6.396   1.00 10.10 ? 260 ARG A C   1 
ATOM   387 O  O   . ARG A 1 60  ? -1.910  -6.138  7.425   1.00 9.18  ? 260 ARG A O   1 
ATOM   388 C  CB  . ARG A 1 60  ? -1.377  -8.853  6.229   1.00 12.78 ? 260 ARG A CB  1 
ATOM   389 C  CG  . ARG A 1 60  ? -0.731  -10.221 6.181   1.00 14.36 ? 260 ARG A CG  1 
ATOM   390 C  CD  . ARG A 1 60  ? -1.795  -11.286 6.417   1.00 18.89 ? 260 ARG A CD  1 
ATOM   391 N  NE  . ARG A 1 60  ? -1.279  -12.643 6.307   1.00 25.85 ? 260 ARG A NE  1 
ATOM   392 C  CZ  . ARG A 1 60  ? -1.213  -13.326 5.166   1.00 28.86 ? 260 ARG A CZ  1 
ATOM   393 N  NH1 . ARG A 1 60  ? -1.634  -12.777 4.033   1.00 29.55 ? 260 ARG A NH1 1 
ATOM   394 N  NH2 . ARG A 1 60  ? -0.728  -14.564 5.154   1.00 31.88 ? 260 ARG A NH2 1 
ATOM   395 N  N   . VAL A 1 61  ? -1.316  -5.647  5.303   1.00 9.17  ? 261 VAL A N   1 
ATOM   396 C  CA  . VAL A 1 61  ? -2.116  -4.434  5.234   1.00 8.62  ? 261 VAL A CA  1 
ATOM   397 C  C   . VAL A 1 61  ? -2.884  -4.459  3.917   1.00 9.08  ? 261 VAL A C   1 
ATOM   398 O  O   . VAL A 1 61  ? -2.447  -5.095  2.955   1.00 10.54 ? 261 VAL A O   1 
ATOM   399 C  CB  . VAL A 1 61  ? -1.248  -3.150  5.302   1.00 4.79  ? 261 VAL A CB  1 
ATOM   400 C  CG1 . VAL A 1 61  ? -0.521  -3.073  6.637   1.00 7.02  ? 261 VAL A CG1 1 
ATOM   401 C  CG2 . VAL A 1 61  ? -0.262  -3.104  4.142   1.00 4.16  ? 261 VAL A CG2 1 
ATOM   402 N  N   . ARG A 1 62  ? -4.024  -3.776  3.886   1.00 10.14 ? 262 ARG A N   1 
ATOM   403 C  CA  . ARG A 1 62  ? -4.852  -3.700  2.684   1.00 11.10 ? 262 ARG A CA  1 
ATOM   404 C  C   . ARG A 1 62  ? -5.101  -2.225  2.380   1.00 8.56  ? 262 ARG A C   1 
ATOM   405 O  O   . ARG A 1 62  ? -5.110  -1.387  3.280   1.00 7.18  ? 262 ARG A O   1 
ATOM   406 C  CB  . ARG A 1 62  ? -6.212  -4.379  2.908   1.00 13.94 ? 262 ARG A CB  1 
ATOM   407 C  CG  . ARG A 1 62  ? -6.183  -5.821  3.381   1.00 16.73 ? 262 ARG A CG  1 
ATOM   408 C  CD  . ARG A 1 62  ? -6.003  -6.793  2.243   1.00 22.28 ? 262 ARG A CD  1 
ATOM   409 N  NE  . ARG A 1 62  ? -7.038  -6.674  1.216   1.00 27.38 ? 262 ARG A NE  1 
ATOM   410 C  CZ  . ARG A 1 62  ? -8.102  -7.467  1.108   1.00 28.96 ? 262 ARG A CZ  1 
ATOM   411 N  NH1 . ARG A 1 62  ? -8.307  -8.455  1.970   1.00 28.30 ? 262 ARG A NH1 1 
ATOM   412 N  NH2 . ARG A 1 62  ? -8.951  -7.294  0.102   1.00 29.17 ? 262 ARG A NH2 1 
ATOM   413 N  N   . CYS A 1 63  ? -5.295  -1.910  1.107   1.00 7.19  ? 263 CYS A N   1 
ATOM   414 C  CA  . CYS A 1 63  ? -5.570  -0.539  0.703   1.00 7.19  ? 263 CYS A CA  1 
ATOM   415 C  C   . CYS A 1 63  ? -7.076  -0.356  0.682   1.00 6.88  ? 263 CYS A C   1 
ATOM   416 O  O   . CYS A 1 63  ? -7.786  -1.136  0.041   1.00 7.07  ? 263 CYS A O   1 
ATOM   417 C  CB  . CYS A 1 63  ? -5.003  -0.273  -0.685  1.00 5.55  ? 263 CYS A CB  1 
ATOM   418 S  SG  . CYS A 1 63  ? -5.517  1.303   -1.446  1.00 7.61  ? 263 CYS A SG  1 
ATOM   419 N  N   . PHE A 1 64  ? -7.550  0.707   1.322   1.00 7.60  ? 264 PHE A N   1 
ATOM   420 C  CA  . PHE A 1 64  ? -8.984  0.990   1.364   1.00 7.18  ? 264 PHE A CA  1 
ATOM   421 C  C   . PHE A 1 64  ? -9.586  1.207   -0.028  1.00 9.10  ? 264 PHE A C   1 
ATOM   422 O  O   . PHE A 1 64  ? -10.755 0.906   -0.271  1.00 10.61 ? 264 PHE A O   1 
ATOM   423 C  CB  . PHE A 1 64  ? -9.243  2.235   2.226   1.00 6.75  ? 264 PHE A CB  1 
ATOM   424 C  CG  . PHE A 1 64  ? -9.120  3.539   1.466   1.00 8.85  ? 264 PHE A CG  1 
ATOM   425 C  CD1 . PHE A 1 64  ? -10.227 4.096   0.823   1.00 9.05  ? 264 PHE A CD1 1 
ATOM   426 C  CD2 . PHE A 1 64  ? -7.900  4.211   1.393   1.00 8.62  ? 264 PHE A CD2 1 
ATOM   427 C  CE1 . PHE A 1 64  ? -10.125 5.299   0.124   1.00 9.76  ? 264 PHE A CE1 1 
ATOM   428 C  CE2 . PHE A 1 64  ? -7.790  5.413   0.695   1.00 7.74  ? 264 PHE A CE2 1 
ATOM   429 C  CZ  . PHE A 1 64  ? -8.907  5.956   0.057   1.00 8.06  ? 264 PHE A CZ  1 
ATOM   430 N  N   . SER A 1 65  ? -8.791  1.782   -0.921  1.00 9.08  ? 265 SER A N   1 
ATOM   431 C  CA  . SER A 1 65  ? -9.233  2.095   -2.277  1.00 7.76  ? 265 SER A CA  1 
ATOM   432 C  C   . SER A 1 65  ? -9.269  0.914   -3.248  1.00 8.57  ? 265 SER A C   1 
ATOM   433 O  O   . SER A 1 65  ? -10.342 0.517   -3.703  1.00 8.08  ? 265 SER A O   1 
ATOM   434 C  CB  . SER A 1 65  ? -8.386  3.255   -2.818  1.00 7.59  ? 265 SER A CB  1 
ATOM   435 O  OG  . SER A 1 65  ? -8.625  3.502   -4.192  1.00 10.64 ? 265 SER A OG  1 
ATOM   436 N  N   . CYS A 1 66  ? -8.105  0.342   -3.547  1.00 8.17  ? 266 CYS A N   1 
ATOM   437 C  CA  . CYS A 1 66  ? -8.042  -0.776  -4.490  1.00 8.33  ? 266 CYS A CA  1 
ATOM   438 C  C   . CYS A 1 66  ? -8.249  -2.155  -3.862  1.00 8.78  ? 266 CYS A C   1 
ATOM   439 O  O   . CYS A 1 66  ? -8.481  -3.133  -4.574  1.00 8.63  ? 266 CYS A O   1 
ATOM   440 C  CB  . CYS A 1 66  ? -6.733  -0.759  -5.291  1.00 7.68  ? 266 CYS A CB  1 
ATOM   441 S  SG  . CYS A 1 66  ? -5.216  -1.031  -4.317  1.00 9.36  ? 266 CYS A SG  1 
ATOM   442 N  N   . GLY A 1 67  ? -8.165  -2.234  -2.536  1.00 8.51  ? 267 GLY A N   1 
ATOM   443 C  CA  . GLY A 1 67  ? -8.344  -3.511  -1.877  1.00 9.54  ? 267 GLY A CA  1 
ATOM   444 C  C   . GLY A 1 67  ? -7.149  -4.448  -1.970  1.00 10.16 ? 267 GLY A C   1 
ATOM   445 O  O   . GLY A 1 67  ? -7.225  -5.585  -1.511  1.00 7.05  ? 267 GLY A O   1 
ATOM   446 N  N   . GLY A 1 68  ? -6.061  -3.982  -2.576  1.00 8.10  ? 268 GLY A N   1 
ATOM   447 C  CA  . GLY A 1 68  ? -4.872  -4.811  -2.693  1.00 8.79  ? 268 GLY A CA  1 
ATOM   448 C  C   . GLY A 1 68  ? -4.235  -5.052  -1.337  1.00 7.83  ? 268 GLY A C   1 
ATOM   449 O  O   . GLY A 1 68  ? -4.328  -4.208  -0.446  1.00 7.53  ? 268 GLY A O   1 
ATOM   450 N  N   . GLY A 1 69  ? -3.588  -6.201  -1.175  1.00 7.78  ? 269 GLY A N   1 
ATOM   451 C  CA  . GLY A 1 69  ? -2.949  -6.517  0.084   1.00 8.69  ? 269 GLY A CA  1 
ATOM   452 C  C   . GLY A 1 69  ? -1.455  -6.704  -0.073  1.00 8.83  ? 269 GLY A C   1 
ATOM   453 O  O   . GLY A 1 69  ? -1.007  -7.379  -1.005  1.00 10.14 ? 269 GLY A O   1 
ATOM   454 N  N   . LEU A 1 70  ? -0.695  -6.119  0.849   1.00 9.55  ? 270 LEU A N   1 
ATOM   455 C  CA  . LEU A 1 70  ? 0.767   -6.215  0.847   1.00 9.33  ? 270 LEU A CA  1 
ATOM   456 C  C   . LEU A 1 70  ? 1.244   -6.766  2.187   1.00 11.23 ? 270 LEU A C   1 
ATOM   457 O  O   . LEU A 1 70  ? 0.649   -6.491  3.233   1.00 11.28 ? 270 LEU A O   1 
ATOM   458 C  CB  . LEU A 1 70  ? 1.416   -4.845  0.612   1.00 8.98  ? 270 LEU A CB  1 
ATOM   459 C  CG  . LEU A 1 70  ? 1.139   -4.113  -0.707  1.00 9.07  ? 270 LEU A CG  1 
ATOM   460 C  CD1 . LEU A 1 70  ? 1.914   -2.815  -0.730  1.00 6.39  ? 270 LEU A CD1 1 
ATOM   461 C  CD2 . LEU A 1 70  ? 1.536   -4.960  -1.895  1.00 8.73  ? 270 LEU A CD2 1 
ATOM   462 N  N   . MET A 1 71  ? 2.317   -7.548  2.148   1.00 11.03 ? 271 MET A N   1 
ATOM   463 C  CA  . MET A 1 71  ? 2.877   -8.132  3.354   1.00 9.55  ? 271 MET A CA  1 
ATOM   464 C  C   . MET A 1 71  ? 4.375   -8.341  3.184   1.00 9.70  ? 271 MET A C   1 
ATOM   465 O  O   . MET A 1 71  ? 4.939   -7.980  2.149   1.00 8.12  ? 271 MET A O   1 
ATOM   466 C  CB  . MET A 1 71  ? 2.181   -9.459  3.669   1.00 10.46 ? 271 MET A CB  1 
ATOM   467 C  CG  . MET A 1 71  ? 2.425   -10.575 2.663   1.00 10.42 ? 271 MET A CG  1 
ATOM   468 S  SD  . MET A 1 71  ? 1.446   -12.041 3.074   1.00 17.55 ? 271 MET A SD  1 
ATOM   469 C  CE  . MET A 1 71  ? 2.349   -12.679 4.464   1.00 16.17 ? 271 MET A CE  1 
ATOM   470 N  N   . ASP A 1 72  ? 5.006   -8.936  4.192   1.00 9.29  ? 272 ASP A N   1 
ATOM   471 C  CA  . ASP A 1 72  ? 6.447   -9.204  4.171   1.00 12.85 ? 272 ASP A CA  1 
ATOM   472 C  C   . ASP A 1 72  ? 7.273   -7.976  3.791   1.00 12.41 ? 272 ASP A C   1 
ATOM   473 O  O   . ASP A 1 72  ? 8.058   -7.994  2.840   1.00 11.75 ? 272 ASP A O   1 
ATOM   474 C  CB  . ASP A 1 72  ? 6.769   -10.389 3.252   1.00 15.47 ? 272 ASP A CB  1 
ATOM   475 C  CG  . ASP A 1 72  ? 6.182   -11.701 3.759   1.00 20.72 ? 272 ASP A CG  1 
ATOM   476 O  OD1 . ASP A 1 72  ? 6.027   -11.862 4.991   1.00 23.20 ? 272 ASP A OD1 1 
ATOM   477 O  OD2 . ASP A 1 72  ? 5.862   -12.570 2.923   1.00 23.25 ? 272 ASP A OD2 1 
ATOM   478 N  N   . TRP A 1 73  ? 7.066   -6.907  4.548   1.00 11.72 ? 273 TRP A N   1 
ATOM   479 C  CA  . TRP A 1 73  ? 7.758   -5.647  4.336   1.00 12.90 ? 273 TRP A CA  1 
ATOM   480 C  C   . TRP A 1 73  ? 9.241   -5.774  4.645   1.00 15.18 ? 273 TRP A C   1 
ATOM   481 O  O   . TRP A 1 73  ? 9.622   -6.382  5.644   1.00 15.77 ? 273 TRP A O   1 
ATOM   482 C  CB  . TRP A 1 73  ? 7.145   -4.559  5.225   1.00 12.08 ? 273 TRP A CB  1 
ATOM   483 C  CG  . TRP A 1 73  ? 5.746   -4.189  4.836   1.00 9.32  ? 273 TRP A CG  1 
ATOM   484 C  CD1 . TRP A 1 73  ? 4.586   -4.795  5.237   1.00 8.18  ? 273 TRP A CD1 1 
ATOM   485 C  CD2 . TRP A 1 73  ? 5.366   -3.149  3.933   1.00 9.63  ? 273 TRP A CD2 1 
ATOM   486 N  NE1 . TRP A 1 73  ? 3.507   -4.199  4.627   1.00 8.40  ? 273 TRP A NE1 1 
ATOM   487 C  CE2 . TRP A 1 73  ? 3.958   -3.184  3.822   1.00 10.17 ? 273 TRP A CE2 1 
ATOM   488 C  CE3 . TRP A 1 73  ? 6.081   -2.188  3.203   1.00 6.59  ? 273 TRP A CE3 1 
ATOM   489 C  CZ2 . TRP A 1 73  ? 3.251   -2.292  3.009   1.00 7.09  ? 273 TRP A CZ2 1 
ATOM   490 C  CZ3 . TRP A 1 73  ? 5.379   -1.304  2.399   1.00 6.03  ? 273 TRP A CZ3 1 
ATOM   491 C  CH2 . TRP A 1 73  ? 3.978   -1.365  2.307   1.00 6.41  ? 273 TRP A CH2 1 
ATOM   492 N  N   . ASN A 1 74  ? 10.068  -5.212  3.771   1.00 16.36 ? 274 ASN A N   1 
ATOM   493 C  CA  . ASN A 1 74  ? 11.516  -5.226  3.951   1.00 17.46 ? 274 ASN A CA  1 
ATOM   494 C  C   . ASN A 1 74  ? 11.914  -3.910  4.599   1.00 16.75 ? 274 ASN A C   1 
ATOM   495 O  O   . ASN A 1 74  ? 11.260  -2.889  4.383   1.00 14.68 ? 274 ASN A O   1 
ATOM   496 C  CB  . ASN A 1 74  ? 12.237  -5.396  2.608   1.00 22.11 ? 274 ASN A CB  1 
ATOM   497 C  CG  . ASN A 1 74  ? 12.001  -6.769  1.983   1.00 30.06 ? 274 ASN A CG  1 
ATOM   498 O  OD1 . ASN A 1 74  ? 12.098  -7.796  2.655   1.00 33.58 ? 274 ASN A OD1 1 
ATOM   499 N  ND2 . ASN A 1 74  ? 11.720  -6.788  0.685   1.00 35.38 ? 274 ASN A ND2 1 
ATOM   500 N  N   . ASP A 1 75  ? 12.999  -3.937  5.369   1.00 16.68 ? 275 ASP A N   1 
ATOM   501 C  CA  . ASP A 1 75  ? 13.520  -2.766  6.076   1.00 19.17 ? 275 ASP A CA  1 
ATOM   502 C  C   . ASP A 1 75  ? 13.514  -1.446  5.319   1.00 19.05 ? 275 ASP A C   1 
ATOM   503 O  O   . ASP A 1 75  ? 13.164  -0.409  5.888   1.00 18.03 ? 275 ASP A O   1 
ATOM   504 C  CB  . ASP A 1 75  ? 14.954  -3.028  6.564   1.00 25.38 ? 275 ASP A CB  1 
ATOM   505 C  CG  . ASP A 1 75  ? 15.009  -3.929  7.788   1.00 29.52 ? 275 ASP A CG  1 
ATOM   506 O  OD1 . ASP A 1 75  ? 13.960  -4.132  8.444   1.00 34.26 ? 275 ASP A OD1 1 
ATOM   507 O  OD2 . ASP A 1 75  ? 16.113  -4.430  8.100   1.00 33.88 ? 275 ASP A OD2 1 
ATOM   508 N  N   . ASN A 1 76  ? 13.895  -1.485  4.045   1.00 16.55 ? 276 ASN A N   1 
ATOM   509 C  CA  . ASN A 1 76  ? 13.978  -0.275  3.232   1.00 16.62 ? 276 ASN A CA  1 
ATOM   510 C  C   . ASN A 1 76  ? 12.780  0.033   2.342   1.00 13.72 ? 276 ASN A C   1 
ATOM   511 O  O   . ASN A 1 76  ? 12.836  0.925   1.506   1.00 13.55 ? 276 ASN A O   1 
ATOM   512 C  CB  . ASN A 1 76  ? 15.262  -0.307  2.401   1.00 21.99 ? 276 ASN A CB  1 
ATOM   513 C  CG  . ASN A 1 76  ? 16.503  -0.504  3.258   1.00 25.08 ? 276 ASN A CG  1 
ATOM   514 O  OD1 . ASN A 1 76  ? 16.731  0.228   4.219   1.00 24.56 ? 276 ASN A OD1 1 
ATOM   515 N  ND2 . ASN A 1 76  ? 17.295  -1.514  2.927   1.00 26.87 ? 276 ASN A ND2 1 
ATOM   516 N  N   . ASP A 1 77  ? 11.688  -0.696  2.529   1.00 14.92 ? 277 ASP A N   1 
ATOM   517 C  CA  . ASP A 1 77  ? 10.483  -0.474  1.743   1.00 13.65 ? 277 ASP A CA  1 
ATOM   518 C  C   . ASP A 1 77  ? 9.831   0.853   2.101   1.00 14.35 ? 277 ASP A C   1 
ATOM   519 O  O   . ASP A 1 77  ? 9.782   1.238   3.274   1.00 12.45 ? 277 ASP A O   1 
ATOM   520 C  CB  . ASP A 1 77  ? 9.450   -1.568  2.011   1.00 12.44 ? 277 ASP A CB  1 
ATOM   521 C  CG  . ASP A 1 77  ? 9.691   -2.825  1.222   1.00 12.60 ? 277 ASP A CG  1 
ATOM   522 O  OD1 . ASP A 1 77  ? 10.589  -2.867  0.350   1.00 13.66 ? 277 ASP A OD1 1 
ATOM   523 O  OD2 . ASP A 1 77  ? 8.946   -3.783  1.475   1.00 11.85 ? 277 ASP A OD2 1 
ATOM   524 N  N   . GLU A 1 78  ? 9.329   1.543   1.082   1.00 12.62 ? 278 GLU A N   1 
ATOM   525 C  CA  . GLU A 1 78  ? 8.612   2.797   1.273   1.00 11.82 ? 278 GLU A CA  1 
ATOM   526 C  C   . GLU A 1 78  ? 7.174   2.466   0.912   1.00 9.20  ? 278 GLU A C   1 
ATOM   527 O  O   . GLU A 1 78  ? 6.912   1.988   -0.193  1.00 7.61  ? 278 GLU A O   1 
ATOM   528 C  CB  . GLU A 1 78  ? 9.123   3.884   0.336   1.00 15.54 ? 278 GLU A CB  1 
ATOM   529 C  CG  . GLU A 1 78  ? 10.460  4.475   0.712   1.00 21.33 ? 278 GLU A CG  1 
ATOM   530 C  CD  . GLU A 1 78  ? 10.896  5.546   -0.263  1.00 25.32 ? 278 GLU A CD  1 
ATOM   531 O  OE1 . GLU A 1 78  ? 10.069  6.426   -0.596  1.00 30.01 ? 278 GLU A OE1 1 
ATOM   532 O  OE2 . GLU A 1 78  ? 12.062  5.504   -0.716  1.00 31.69 ? 278 GLU A OE2 1 
ATOM   533 N  N   . PRO A 1 79  ? 6.232   2.696   1.836   1.00 9.12  ? 279 PRO A N   1 
ATOM   534 C  CA  . PRO A 1 79  ? 4.807   2.418   1.616   1.00 8.40  ? 279 PRO A CA  1 
ATOM   535 C  C   . PRO A 1 79  ? 4.269   2.891   0.257   1.00 7.34  ? 279 PRO A C   1 
ATOM   536 O  O   . PRO A 1 79  ? 3.671   2.103   -0.475  1.00 7.04  ? 279 PRO A O   1 
ATOM   537 C  CB  . PRO A 1 79  ? 4.140   3.127   2.792   1.00 8.89  ? 279 PRO A CB  1 
ATOM   538 C  CG  . PRO A 1 79  ? 5.147   2.921   3.900   1.00 6.77  ? 279 PRO A CG  1 
ATOM   539 C  CD  . PRO A 1 79  ? 6.459   3.225   3.198   1.00 7.22  ? 279 PRO A CD  1 
ATOM   540 N  N   . TRP A 1 80  ? 4.505   4.155   -0.090  1.00 6.11  ? 280 TRP A N   1 
ATOM   541 C  CA  . TRP A 1 80  ? 4.036   4.697   -1.369  1.00 7.05  ? 280 TRP A CA  1 
ATOM   542 C  C   . TRP A 1 80  ? 4.613   3.976   -2.589  1.00 6.02  ? 280 TRP A C   1 
ATOM   543 O  O   . TRP A 1 80  ? 3.880   3.675   -3.539  1.00 6.83  ? 280 TRP A O   1 
ATOM   544 C  CB  . TRP A 1 80  ? 4.326   6.201   -1.477  1.00 7.17  ? 280 TRP A CB  1 
ATOM   545 C  CG  . TRP A 1 80  ? 3.262   7.095   -0.892  1.00 7.59  ? 280 TRP A CG  1 
ATOM   546 C  CD1 . TRP A 1 80  ? 3.450   8.117   -0.004  1.00 7.34  ? 280 TRP A CD1 1 
ATOM   547 C  CD2 . TRP A 1 80  ? 1.862   7.103   -1.222  1.00 8.63  ? 280 TRP A CD2 1 
ATOM   548 N  NE1 . TRP A 1 80  ? 2.260   8.766   0.232   1.00 8.20  ? 280 TRP A NE1 1 
ATOM   549 C  CE2 . TRP A 1 80  ? 1.267   8.167   -0.500  1.00 8.58  ? 280 TRP A CE2 1 
ATOM   550 C  CE3 . TRP A 1 80  ? 1.049   6.319   -2.056  1.00 9.14  ? 280 TRP A CE3 1 
ATOM   551 C  CZ2 . TRP A 1 80  ? -0.096  8.468   -0.593  1.00 8.87  ? 280 TRP A CZ2 1 
ATOM   552 C  CZ3 . TRP A 1 80  ? -0.308  6.619   -2.145  1.00 8.84  ? 280 TRP A CZ3 1 
ATOM   553 C  CH2 . TRP A 1 80  ? -0.867  7.686   -1.414  1.00 8.84  ? 280 TRP A CH2 1 
ATOM   554 N  N   . GLU A 1 81  ? 5.910   3.680   -2.554  1.00 6.77  ? 281 GLU A N   1 
ATOM   555 C  CA  . GLU A 1 81  ? 6.569   2.991   -3.660  1.00 5.97  ? 281 GLU A CA  1 
ATOM   556 C  C   . GLU A 1 81  ? 6.024   1.585   -3.876  1.00 8.41  ? 281 GLU A C   1 
ATOM   557 O  O   . GLU A 1 81  ? 5.749   1.194   -5.010  1.00 8.60  ? 281 GLU A O   1 
ATOM   558 C  CB  . GLU A 1 81  ? 8.076   2.919   -3.439  1.00 6.84  ? 281 GLU A CB  1 
ATOM   559 C  CG  . GLU A 1 81  ? 8.774   4.259   -3.397  1.00 10.82 ? 281 GLU A CG  1 
ATOM   560 C  CD  . GLU A 1 81  ? 10.278  4.132   -3.428  1.00 12.06 ? 281 GLU A CD  1 
ATOM   561 O  OE1 . GLU A 1 81  ? 10.820  3.117   -2.937  1.00 10.03 ? 281 GLU A OE1 1 
ATOM   562 O  OE2 . GLU A 1 81  ? 10.927  5.056   -3.954  1.00 16.54 ? 281 GLU A OE2 1 
ATOM   563 N  N   . GLN A 1 82  ? 5.891   0.829   -2.789  1.00 6.79  ? 282 GLN A N   1 
ATOM   564 C  CA  . GLN A 1 82  ? 5.378   -0.542  -2.847  1.00 8.02  ? 282 GLN A CA  1 
ATOM   565 C  C   . GLN A 1 82  ? 3.939   -0.518  -3.343  1.00 8.29  ? 282 GLN A C   1 
ATOM   566 O  O   . GLN A 1 82  ? 3.506   -1.387  -4.100  1.00 6.76  ? 282 GLN A O   1 
ATOM   567 C  CB  . GLN A 1 82  ? 5.449   -1.198  -1.470  1.00 8.83  ? 282 GLN A CB  1 
ATOM   568 C  CG  . GLN A 1 82  ? 6.876   -1.367  -0.962  1.00 10.02 ? 282 GLN A CG  1 
ATOM   569 C  CD  . GLN A 1 82  ? 7.720   -2.235  -1.884  1.00 11.82 ? 282 GLN A CD  1 
ATOM   570 O  OE1 . GLN A 1 82  ? 7.437   -3.418  -2.075  1.00 9.03  ? 282 GLN A OE1 1 
ATOM   571 N  NE2 . GLN A 1 82  ? 8.783   -1.662  -2.429  1.00 11.90 ? 282 GLN A NE2 1 
ATOM   572 N  N   . HIS A 1 83  ? 3.212   0.509   -2.930  1.00 8.34  ? 283 HIS A N   1 
ATOM   573 C  CA  . HIS A 1 83  ? 1.840   0.653   -3.344  1.00 7.32  ? 283 HIS A CA  1 
ATOM   574 C  C   . HIS A 1 83  ? 1.756   0.860   -4.860  1.00 7.52  ? 283 HIS A C   1 
ATOM   575 O  O   . HIS A 1 83  ? 1.051   0.126   -5.559  1.00 6.17  ? 283 HIS A O   1 
ATOM   576 C  CB  . HIS A 1 83  ? 1.214   1.841   -2.638  1.00 7.71  ? 283 HIS A CB  1 
ATOM   577 C  CG  . HIS A 1 83  ? -0.267  1.727   -2.511  1.00 7.48  ? 283 HIS A CG  1 
ATOM   578 N  ND1 . HIS A 1 83  ? -1.010  2.526   -1.676  1.00 9.13  ? 283 HIS A ND1 1 
ATOM   579 C  CD2 . HIS A 1 83  ? -1.129  0.847   -3.064  1.00 9.71  ? 283 HIS A CD2 1 
ATOM   580 C  CE1 . HIS A 1 83  ? -2.272  2.137   -1.711  1.00 10.30 ? 283 HIS A CE1 1 
ATOM   581 N  NE2 . HIS A 1 83  ? -2.367  1.114   -2.539  1.00 11.02 ? 283 HIS A NE2 1 
ATOM   582 N  N   . ALA A 1 84  ? 2.498   1.851   -5.349  1.00 5.28  ? 284 ALA A N   1 
ATOM   583 C  CA  . ALA A 1 84  ? 2.522   2.184   -6.769  1.00 6.91  ? 284 ALA A CA  1 
ATOM   584 C  C   . ALA A 1 84  ? 3.116   1.070   -7.629  1.00 6.72  ? 284 ALA A C   1 
ATOM   585 O  O   . ALA A 1 84  ? 2.685   0.868   -8.762  1.00 8.91  ? 284 ALA A O   1 
ATOM   586 C  CB  . ALA A 1 84  ? 3.287   3.484   -6.992  1.00 7.84  ? 284 ALA A CB  1 
ATOM   587 N  N   . LEU A 1 85  ? 4.072   0.330   -7.074  1.00 7.76  ? 285 LEU A N   1 
ATOM   588 C  CA  . LEU A 1 85  ? 4.737   -0.762  -7.784  1.00 8.51  ? 285 LEU A CA  1 
ATOM   589 C  C   . LEU A 1 85  ? 3.840   -1.975  -8.048  1.00 8.73  ? 285 LEU A C   1 
ATOM   590 O  O   . LEU A 1 85  ? 3.725   -2.422  -9.190  1.00 8.29  ? 285 LEU A O   1 
ATOM   591 C  CB  . LEU A 1 85  ? 5.999   -1.183  -7.004  1.00 10.02 ? 285 LEU A CB  1 
ATOM   592 C  CG  . LEU A 1 85  ? 7.072   -2.108  -7.596  1.00 13.83 ? 285 LEU A CG  1 
ATOM   593 C  CD1 . LEU A 1 85  ? 6.766   -3.548  -7.305  1.00 14.87 ? 285 LEU A CD1 1 
ATOM   594 C  CD2 . LEU A 1 85  ? 7.226   -1.874  -9.090  1.00 12.52 ? 285 LEU A CD2 1 
ATOM   595 N  N   . TRP A 1 86  ? 3.215   -2.500  -6.999  1.00 6.13  ? 286 TRP A N   1 
ATOM   596 C  CA  . TRP A 1 86  ? 2.356   -3.681  -7.101  1.00 7.92  ? 286 TRP A CA  1 
ATOM   597 C  C   . TRP A 1 86  ? 0.893   -3.418  -7.446  1.00 8.56  ? 286 TRP A C   1 
ATOM   598 O  O   . TRP A 1 86  ? 0.195   -4.313  -7.911  1.00 9.55  ? 286 TRP A O   1 
ATOM   599 C  CB  . TRP A 1 86  ? 2.382   -4.464  -5.784  1.00 8.17  ? 286 TRP A CB  1 
ATOM   600 C  CG  . TRP A 1 86  ? 3.720   -5.018  -5.419  1.00 9.91  ? 286 TRP A CG  1 
ATOM   601 C  CD1 . TRP A 1 86  ? 4.486   -4.665  -4.351  1.00 9.88  ? 286 TRP A CD1 1 
ATOM   602 C  CD2 . TRP A 1 86  ? 4.443   -6.048  -6.112  1.00 11.47 ? 286 TRP A CD2 1 
ATOM   603 N  NE1 . TRP A 1 86  ? 5.639   -5.410  -4.330  1.00 11.65 ? 286 TRP A NE1 1 
ATOM   604 C  CE2 . TRP A 1 86  ? 5.641   -6.265  -5.400  1.00 10.45 ? 286 TRP A CE2 1 
ATOM   605 C  CE3 . TRP A 1 86  ? 4.194   -6.801  -7.268  1.00 11.58 ? 286 TRP A CE3 1 
ATOM   606 C  CZ2 . TRP A 1 86  ? 6.592   -7.207  -5.802  1.00 12.96 ? 286 TRP A CZ2 1 
ATOM   607 C  CZ3 . TRP A 1 86  ? 5.140   -7.738  -7.671  1.00 11.67 ? 286 TRP A CZ3 1 
ATOM   608 C  CH2 . TRP A 1 86  ? 6.326   -7.932  -6.938  1.00 12.51 ? 286 TRP A CH2 1 
ATOM   609 N  N   . LEU A 1 87  ? 0.419   -2.212  -7.157  1.00 8.95  ? 287 LEU A N   1 
ATOM   610 C  CA  . LEU A 1 87  ? -0.976  -1.876  -7.394  1.00 7.69  ? 287 LEU A CA  1 
ATOM   611 C  C   . LEU A 1 87  ? -1.073  -0.574  -8.174  1.00 9.43  ? 287 LEU A C   1 
ATOM   612 O  O   . LEU A 1 87  ? -1.809  0.343   -7.783  1.00 9.45  ? 287 LEU A O   1 
ATOM   613 C  CB  . LEU A 1 87  ? -1.685  -1.761  -6.039  1.00 6.32  ? 287 LEU A CB  1 
ATOM   614 C  CG  . LEU A 1 87  ? -1.476  -2.970  -5.114  1.00 7.73  ? 287 LEU A CG  1 
ATOM   615 C  CD1 . LEU A 1 87  ? -1.722  -2.622  -3.658  1.00 7.58  ? 287 LEU A CD1 1 
ATOM   616 C  CD2 . LEU A 1 87  ? -2.357  -4.119  -5.551  1.00 7.79  ? 287 LEU A CD2 1 
ATOM   617 N  N   . SER A 1 88  ? -0.380  -0.532  -9.309  1.00 7.94  ? 288 SER A N   1 
ATOM   618 C  CA  . SER A 1 88  ? -0.321  0.651   -10.167 1.00 8.41  ? 288 SER A CA  1 
ATOM   619 C  C   . SER A 1 88  ? -1.644  1.202   -10.690 1.00 8.78  ? 288 SER A C   1 
ATOM   620 O  O   . SER A 1 88  ? -1.695  2.344   -11.142 1.00 9.75  ? 288 SER A O   1 
ATOM   621 C  CB  . SER A 1 88  ? 0.625   0.396   -11.346 1.00 7.38  ? 288 SER A CB  1 
ATOM   622 O  OG  . SER A 1 88  ? 0.078   -0.564  -12.230 1.00 6.10  ? 288 SER A OG  1 
ATOM   623 N  N   . GLN A 1 89  ? -2.703  0.403   -10.670 1.00 8.01  ? 289 GLN A N   1 
ATOM   624 C  CA  . GLN A 1 89  ? -3.993  0.879   -11.161 1.00 10.86 ? 289 GLN A CA  1 
ATOM   625 C  C   . GLN A 1 89  ? -4.819  1.570   -10.085 1.00 11.51 ? 289 GLN A C   1 
ATOM   626 O  O   . GLN A 1 89  ? -5.903  2.090   -10.366 1.00 9.98  ? 289 GLN A O   1 
ATOM   627 C  CB  . GLN A 1 89  ? -4.813  -0.274  -11.751 1.00 14.19 ? 289 GLN A CB  1 
ATOM   628 C  CG  . GLN A 1 89  ? -4.160  -0.958  -12.940 1.00 21.33 ? 289 GLN A CG  1 
ATOM   629 C  CD  . GLN A 1 89  ? -3.665  0.031   -13.972 1.00 26.00 ? 289 GLN A CD  1 
ATOM   630 O  OE1 . GLN A 1 89  ? -2.478  0.046   -14.313 1.00 32.37 ? 289 GLN A OE1 1 
ATOM   631 N  NE2 . GLN A 1 89  ? -4.559  0.891   -14.448 1.00 27.29 ? 289 GLN A NE2 1 
ATOM   632 N  N   . CYS A 1 90  ? -4.301  1.585   -8.860  1.00 10.37 ? 290 CYS A N   1 
ATOM   633 C  CA  . CYS A 1 90  ? -5.008  2.178   -7.733  1.00 8.36  ? 290 CYS A CA  1 
ATOM   634 C  C   . CYS A 1 90  ? -5.388  3.640   -7.925  1.00 10.63 ? 290 CYS A C   1 
ATOM   635 O  O   . CYS A 1 90  ? -4.533  4.491   -8.159  1.00 8.73  ? 290 CYS A O   1 
ATOM   636 C  CB  . CYS A 1 90  ? -4.187  2.027   -6.455  1.00 8.49  ? 290 CYS A CB  1 
ATOM   637 S  SG  . CYS A 1 90  ? -5.015  2.664   -4.976  1.00 6.88  ? 290 CYS A SG  1 
ATOM   638 N  N   . ARG A 1 91  ? -6.667  3.937   -7.719  1.00 9.70  ? 291 ARG A N   1 
ATOM   639 C  CA  . ARG A 1 91  ? -7.167  5.298   -7.858  1.00 11.32 ? 291 ARG A CA  1 
ATOM   640 C  C   . ARG A 1 91  ? -6.618  6.237   -6.787  1.00 9.39  ? 291 ARG A C   1 
ATOM   641 O  O   . ARG A 1 91  ? -6.401  7.422   -7.051  1.00 7.53  ? 291 ARG A O   1 
ATOM   642 C  CB  . ARG A 1 91  ? -8.697  5.296   -7.856  1.00 14.56 ? 291 ARG A CB  1 
ATOM   643 C  CG  . ARG A 1 91  ? -9.302  4.529   -9.031  1.00 21.99 ? 291 ARG A CG  1 
ATOM   644 C  CD  . ARG A 1 91  ? -8.851  5.104   -10.379 1.00 27.32 ? 291 ARG A CD  1 
ATOM   645 N  NE  . ARG A 1 91  ? -9.984  5.529   -11.203 1.00 32.03 ? 291 ARG A NE  1 
ATOM   646 C  CZ  . ARG A 1 91  ? -10.753 6.588   -10.944 1.00 32.03 ? 291 ARG A CZ  1 
ATOM   647 N  NH1 . ARG A 1 91  ? -10.516 7.353   -9.883  1.00 30.01 ? 291 ARG A NH1 1 
ATOM   648 N  NH2 . ARG A 1 91  ? -11.776 6.867   -11.739 1.00 28.85 ? 291 ARG A NH2 1 
ATOM   649 N  N   . PHE A 1 92  ? -6.369  5.709   -5.588  1.00 8.33  ? 292 PHE A N   1 
ATOM   650 C  CA  . PHE A 1 92  ? -5.830  6.522   -4.493  1.00 8.54  ? 292 PHE A CA  1 
ATOM   651 C  C   . PHE A 1 92  ? -4.382  6.924   -4.777  1.00 6.58  ? 292 PHE A C   1 
ATOM   652 O  O   . PHE A 1 92  ? -3.992  8.062   -4.523  1.00 7.97  ? 292 PHE A O   1 
ATOM   653 C  CB  . PHE A 1 92  ? -5.926  5.794   -3.148  1.00 3.72  ? 292 PHE A CB  1 
ATOM   654 C  CG  . PHE A 1 92  ? -5.602  6.663   -1.957  1.00 7.53  ? 292 PHE A CG  1 
ATOM   655 C  CD1 . PHE A 1 92  ? -6.419  7.746   -1.621  1.00 8.25  ? 292 PHE A CD1 1 
ATOM   656 C  CD2 . PHE A 1 92  ? -4.490  6.399   -1.163  1.00 6.58  ? 292 PHE A CD2 1 
ATOM   657 C  CE1 . PHE A 1 92  ? -6.135  8.553   -0.511  1.00 7.06  ? 292 PHE A CE1 1 
ATOM   658 C  CE2 . PHE A 1 92  ? -4.194  7.200   -0.047  1.00 8.75  ? 292 PHE A CE2 1 
ATOM   659 C  CZ  . PHE A 1 92  ? -5.023  8.282   0.278   1.00 7.90  ? 292 PHE A CZ  1 
ATOM   660 N  N   . VAL A 1 93  ? -3.599  5.992   -5.319  1.00 5.58  ? 293 VAL A N   1 
ATOM   661 C  CA  . VAL A 1 93  ? -2.206  6.287   -5.648  1.00 5.44  ? 293 VAL A CA  1 
ATOM   662 C  C   . VAL A 1 93  ? -2.198  7.348   -6.749  1.00 6.35  ? 293 VAL A C   1 
ATOM   663 O  O   . VAL A 1 93  ? -1.486  8.350   -6.651  1.00 7.42  ? 293 VAL A O   1 
ATOM   664 C  CB  . VAL A 1 93  ? -1.440  5.030   -6.138  1.00 7.52  ? 293 VAL A CB  1 
ATOM   665 C  CG1 . VAL A 1 93  ? -0.015  5.400   -6.528  1.00 3.11  ? 293 VAL A CG1 1 
ATOM   666 C  CG2 . VAL A 1 93  ? -1.394  3.990   -5.045  1.00 3.93  ? 293 VAL A CG2 1 
ATOM   667 N  N   . LYS A 1 94  ? -3.032  7.141   -7.767  1.00 6.86  ? 294 LYS A N   1 
ATOM   668 C  CA  . LYS A 1 94  ? -3.142  8.077   -8.890  1.00 9.36  ? 294 LYS A CA  1 
ATOM   669 C  C   . LYS A 1 94  ? -3.523  9.477   -8.402  1.00 10.81 ? 294 LYS A C   1 
ATOM   670 O  O   . LYS A 1 94  ? -2.935  10.472  -8.822  1.00 10.76 ? 294 LYS A O   1 
ATOM   671 C  CB  . LYS A 1 94  ? -4.191  7.583   -9.895  1.00 11.61 ? 294 LYS A CB  1 
ATOM   672 C  CG  . LYS A 1 94  ? -3.734  6.449   -10.804 1.00 15.73 ? 294 LYS A CG  1 
ATOM   673 C  CD  . LYS A 1 94  ? -4.918  5.777   -11.490 1.00 18.21 ? 294 LYS A CD  1 
ATOM   674 C  CE  . LYS A 1 94  ? -4.561  5.202   -12.859 1.00 25.30 ? 294 LYS A CE  1 
ATOM   675 N  NZ  . LYS A 1 94  ? -3.349  4.339   -12.859 1.00 30.54 ? 294 LYS A NZ  1 
ATOM   676 N  N   . LEU A 1 95  ? -4.493  9.532   -7.495  1.00 8.91  ? 295 LEU A N   1 
ATOM   677 C  CA  . LEU A 1 95  ? -4.966  10.795  -6.929  1.00 11.37 ? 295 LEU A CA  1 
ATOM   678 C  C   . LEU A 1 95  ? -3.904  11.532  -6.107  1.00 10.98 ? 295 LEU A C   1 
ATOM   679 O  O   . LEU A 1 95  ? -3.624  12.703  -6.355  1.00 9.38  ? 295 LEU A O   1 
ATOM   680 C  CB  . LEU A 1 95  ? -6.206  10.548  -6.062  1.00 14.32 ? 295 LEU A CB  1 
ATOM   681 C  CG  . LEU A 1 95  ? -6.780  11.741  -5.293  1.00 18.16 ? 295 LEU A CG  1 
ATOM   682 C  CD1 . LEU A 1 95  ? -7.333  12.769  -6.259  1.00 18.13 ? 295 LEU A CD1 1 
ATOM   683 C  CD2 . LEU A 1 95  ? -7.880  11.261  -4.367  1.00 22.48 ? 295 LEU A CD2 1 
ATOM   684 N  N   . MET A 1 96  ? -3.301  10.841  -5.147  1.00 11.75 ? 296 MET A N   1 
ATOM   685 C  CA  . MET A 1 96  ? -2.306  11.459  -4.276  1.00 9.17  ? 296 MET A CA  1 
ATOM   686 C  C   . MET A 1 96  ? -0.905  11.653  -4.861  1.00 9.23  ? 296 MET A C   1 
ATOM   687 O  O   . MET A 1 96  ? -0.321  12.725  -4.707  1.00 10.98 ? 296 MET A O   1 
ATOM   688 C  CB  . MET A 1 96  ? -2.218  10.700  -2.946  1.00 8.13  ? 296 MET A CB  1 
ATOM   689 C  CG  . MET A 1 96  ? -3.533  10.582  -2.177  1.00 9.67  ? 296 MET A CG  1 
ATOM   690 S  SD  . MET A 1 96  ? -4.448  12.137  -1.966  1.00 15.38 ? 296 MET A SD  1 
ATOM   691 C  CE  . MET A 1 96  ? -3.317  13.097  -1.093  1.00 12.16 ? 296 MET A CE  1 
ATOM   692 N  N   . LYS A 1 97  ? -0.390  10.641  -5.548  1.00 8.18  ? 297 LYS A N   1 
ATOM   693 C  CA  . LYS A 1 97  ? 0.958   10.712  -6.104  1.00 7.59  ? 297 LYS A CA  1 
ATOM   694 C  C   . LYS A 1 97  ? 1.065   11.074  -7.583  1.00 6.62  ? 297 LYS A C   1 
ATOM   695 O  O   . LYS A 1 97  ? 2.080   11.620  -8.010  1.00 7.06  ? 297 LYS A O   1 
ATOM   696 C  CB  . LYS A 1 97  ? 1.700   9.397   -5.838  1.00 8.06  ? 297 LYS A CB  1 
ATOM   697 C  CG  . LYS A 1 97  ? 1.753   9.007   -4.362  1.00 6.87  ? 297 LYS A CG  1 
ATOM   698 C  CD  . LYS A 1 97  ? 2.548   10.006  -3.533  1.00 9.84  ? 297 LYS A CD  1 
ATOM   699 C  CE  . LYS A 1 97  ? 4.026   9.957   -3.876  1.00 9.09  ? 297 LYS A CE  1 
ATOM   700 N  NZ  . LYS A 1 97  ? 4.772   11.028  -3.185  1.00 9.12  ? 297 LYS A NZ  1 
ATOM   701 N  N   . GLY A 1 98  ? 0.037   10.756  -8.360  1.00 7.46  ? 298 GLY A N   1 
ATOM   702 C  CA  . GLY A 1 98  ? 0.065   11.077  -9.778  1.00 9.45  ? 298 GLY A CA  1 
ATOM   703 C  C   . GLY A 1 98  ? 0.638   9.983   -10.663 1.00 10.21 ? 298 GLY A C   1 
ATOM   704 O  O   . GLY A 1 98  ? 1.427   9.142   -10.214 1.00 8.92  ? 298 GLY A O   1 
ATOM   705 N  N   . GLN A 1 99  ? 0.284   10.030  -11.945 1.00 10.48 ? 299 GLN A N   1 
ATOM   706 C  CA  . GLN A 1 99  ? 0.735   9.032   -12.908 1.00 9.31  ? 299 GLN A CA  1 
ATOM   707 C  C   . GLN A 1 99  ? 2.241   8.985   -13.137 1.00 10.61 ? 299 GLN A C   1 
ATOM   708 O  O   . GLN A 1 99  ? 2.813   7.893   -13.280 1.00 10.70 ? 299 GLN A O   1 
ATOM   709 C  CB  . GLN A 1 99  ? 0.025   9.217   -14.248 1.00 11.47 ? 299 GLN A CB  1 
ATOM   710 C  CG  . GLN A 1 99  ? 0.181   8.019   -15.171 1.00 11.95 ? 299 GLN A CG  1 
ATOM   711 C  CD  . GLN A 1 99  ? -0.362  6.741   -14.551 1.00 12.58 ? 299 GLN A CD  1 
ATOM   712 O  OE1 . GLN A 1 99  ? -1.524  6.679   -14.149 1.00 11.98 ? 299 GLN A OE1 1 
ATOM   713 N  NE2 . GLN A 1 99  ? 0.483   5.723   -14.450 1.00 11.64 ? 299 GLN A NE2 1 
ATOM   714 N  N   . LEU A 1 100 ? 2.880   10.152  -13.198 1.00 9.65  ? 300 LEU A N   1 
ATOM   715 C  CA  . LEU A 1 100 ? 4.323   10.213  -13.427 1.00 9.08  ? 300 LEU A CA  1 
ATOM   716 C  C   . LEU A 1 100 ? 5.080   9.442   -12.361 1.00 10.04 ? 300 LEU A C   1 
ATOM   717 O  O   . LEU A 1 100 ? 5.997   8.677   -12.671 1.00 6.83  ? 300 LEU A O   1 
ATOM   718 C  CB  . LEU A 1 100 ? 4.811   11.664  -13.487 1.00 11.14 ? 300 LEU A CB  1 
ATOM   719 C  CG  . LEU A 1 100 ? 4.336   12.437  -14.716 1.00 12.15 ? 300 LEU A CG  1 
ATOM   720 C  CD1 . LEU A 1 100 ? 4.919   13.843  -14.722 1.00 11.55 ? 300 LEU A CD1 1 
ATOM   721 C  CD2 . LEU A 1 100 ? 4.749   11.680  -15.976 1.00 12.56 ? 300 LEU A CD2 1 
ATOM   722 N  N   . TYR A 1 101 ? 4.687   9.644   -11.107 1.00 6.06  ? 301 TYR A N   1 
ATOM   723 C  CA  . TYR A 1 101 ? 5.310   8.946   -9.992  1.00 7.41  ? 301 TYR A CA  1 
ATOM   724 C  C   . TYR A 1 101 ? 5.156   7.422   -10.164 1.00 7.13  ? 301 TYR A C   1 
ATOM   725 O  O   . TYR A 1 101 ? 6.132   6.674   -10.045 1.00 5.71  ? 301 TYR A O   1 
ATOM   726 C  CB  . TYR A 1 101 ? 4.683   9.416   -8.680  1.00 6.16  ? 301 TYR A CB  1 
ATOM   727 C  CG  . TYR A 1 101 ? 5.143   8.647   -7.469  1.00 7.92  ? 301 TYR A CG  1 
ATOM   728 C  CD1 . TYR A 1 101 ? 6.310   9.001   -6.795  1.00 6.67  ? 301 TYR A CD1 1 
ATOM   729 C  CD2 . TYR A 1 101 ? 4.419   7.552   -7.001  1.00 6.66  ? 301 TYR A CD2 1 
ATOM   730 C  CE1 . TYR A 1 101 ? 6.743   8.284   -5.689  1.00 9.09  ? 301 TYR A CE1 1 
ATOM   731 C  CE2 . TYR A 1 101 ? 4.846   6.832   -5.894  1.00 7.90  ? 301 TYR A CE2 1 
ATOM   732 C  CZ  . TYR A 1 101 ? 6.009   7.203   -5.242  1.00 7.74  ? 301 TYR A CZ  1 
ATOM   733 O  OH  . TYR A 1 101 ? 6.441   6.490   -4.157  1.00 8.56  ? 301 TYR A OH  1 
ATOM   734 N  N   . ILE A 1 102 ? 3.935   6.971   -10.448 1.00 6.08  ? 302 ILE A N   1 
ATOM   735 C  CA  . ILE A 1 102 ? 3.661   5.545   -10.646 1.00 8.35  ? 302 ILE A CA  1 
ATOM   736 C  C   . ILE A 1 102 ? 4.595   4.965   -11.716 1.00 9.12  ? 302 ILE A C   1 
ATOM   737 O  O   . ILE A 1 102 ? 5.126   3.855   -11.560 1.00 9.45  ? 302 ILE A O   1 
ATOM   738 C  CB  . ILE A 1 102 ? 2.194   5.315   -11.077 1.00 8.74  ? 302 ILE A CB  1 
ATOM   739 C  CG1 . ILE A 1 102 ? 1.247   5.719   -9.947  1.00 6.81  ? 302 ILE A CG1 1 
ATOM   740 C  CG2 . ILE A 1 102 ? 1.973   3.865   -11.475 1.00 9.58  ? 302 ILE A CG2 1 
ATOM   741 C  CD1 . ILE A 1 102 ? -0.214  5.603   -10.310 1.00 6.36  ? 302 ILE A CD1 1 
ATOM   742 N  N   . ASP A 1 103 ? 4.803   5.728   -12.788 1.00 9.14  ? 303 ASP A N   1 
ATOM   743 C  CA  . ASP A 1 103 ? 5.681   5.303   -13.881 1.00 7.82  ? 303 ASP A CA  1 
ATOM   744 C  C   . ASP A 1 103 ? 7.137   5.262   -13.421 1.00 7.77  ? 303 ASP A C   1 
ATOM   745 O  O   . ASP A 1 103 ? 7.837   4.263   -13.612 1.00 9.11  ? 303 ASP A O   1 
ATOM   746 C  CB  . ASP A 1 103 ? 5.547   6.243   -15.086 1.00 7.94  ? 303 ASP A CB  1 
ATOM   747 C  CG  . ASP A 1 103 ? 4.168   6.189   -15.734 1.00 9.33  ? 303 ASP A CG  1 
ATOM   748 O  OD1 . ASP A 1 103 ? 3.424   5.204   -15.524 1.00 12.06 ? 303 ASP A OD1 1 
ATOM   749 O  OD2 . ASP A 1 103 ? 3.822   7.140   -16.463 1.00 11.49 ? 303 ASP A OD2 1 
ATOM   750 N  N   . THR A 1 104 ? 7.580   6.339   -12.783 1.00 6.83  ? 304 THR A N   1 
ATOM   751 C  CA  . THR A 1 104 ? 8.953   6.435   -12.298 1.00 9.02  ? 304 THR A CA  1 
ATOM   752 C  C   . THR A 1 104 ? 9.316   5.323   -11.321 1.00 8.03  ? 304 THR A C   1 
ATOM   753 O  O   . THR A 1 104 ? 10.402  4.756   -11.398 1.00 8.08  ? 304 THR A O   1 
ATOM   754 C  CB  . THR A 1 104 ? 9.207   7.794   -11.649 1.00 10.18 ? 304 THR A CB  1 
ATOM   755 O  OG1 . THR A 1 104 ? 8.914   8.829   -12.596 1.00 12.52 ? 304 THR A OG1 1 
ATOM   756 C  CG2 . THR A 1 104 ? 10.655  7.911   -11.195 1.00 12.44 ? 304 THR A CG2 1 
ATOM   757 N  N   . VAL A 1 105 ? 8.404   5.017   -10.405 1.00 7.60  ? 305 VAL A N   1 
ATOM   758 C  CA  . VAL A 1 105 ? 8.625   3.960   -9.423  1.00 9.28  ? 305 VAL A CA  1 
ATOM   759 C  C   . VAL A 1 105 ? 8.987   2.652   -10.114 1.00 7.58  ? 305 VAL A C   1 
ATOM   760 O  O   . VAL A 1 105 ? 9.994   2.022   -9.763  1.00 9.90  ? 305 VAL A O   1 
ATOM   761 C  CB  . VAL A 1 105 ? 7.367   3.761   -8.506  1.00 9.64  ? 305 VAL A CB  1 
ATOM   762 C  CG1 . VAL A 1 105 ? 7.352   2.372   -7.873  1.00 9.58  ? 305 VAL A CG1 1 
ATOM   763 C  CG2 . VAL A 1 105 ? 7.362   4.813   -7.407  1.00 9.11  ? 305 VAL A CG2 1 
ATOM   764 N  N   . ALA A 1 106 ? 8.216   2.299   -11.143 1.00 7.35  ? 306 ALA A N   1 
ATOM   765 C  CA  . ALA A 1 106 ? 8.416   1.061   -11.899 1.00 8.98  ? 306 ALA A CA  1 
ATOM   766 C  C   . ALA A 1 106 ? 9.717   0.997   -12.703 1.00 9.40  ? 306 ALA A C   1 
ATOM   767 O  O   . ALA A 1 106 ? 10.106  -0.068  -13.176 1.00 9.96  ? 306 ALA A O   1 
ATOM   768 C  CB  . ALA A 1 106 ? 7.220   0.814   -12.826 1.00 7.73  ? 306 ALA A CB  1 
ATOM   769 N  N   . ALA A 1 107 ? 10.366  2.143   -12.863 1.00 9.86  ? 307 ALA A N   1 
ATOM   770 C  CA  . ALA A 1 107 ? 11.601  2.229   -13.610 1.00 10.00 ? 307 ALA A CA  1 
ATOM   771 C  C   . ALA A 1 107 ? 12.840  2.173   -12.727 1.00 11.14 ? 307 ALA A C   1 
ATOM   772 O  O   . ALA A 1 107 ? 13.952  2.109   -13.239 1.00 13.16 ? 307 ALA A O   1 
ATOM   773 C  CB  . ALA A 1 107 ? 11.608  3.478   -14.438 1.00 9.19  ? 307 ALA A CB  1 
ATOM   774 N  N   . LYS A 1 108 ? 12.660  2.245   -11.412 1.00 12.95 ? 308 LYS A N   1 
ATOM   775 C  CA  . LYS A 1 108 ? 13.800  2.184   -10.500 1.00 13.37 ? 308 LYS A CA  1 
ATOM   776 C  C   . LYS A 1 108 ? 14.307  0.748   -10.502 1.00 10.95 ? 308 LYS A C   1 
ATOM   777 O  O   . LYS A 1 108 ? 13.556  -0.165  -10.189 1.00 10.77 ? 308 LYS A O   1 
ATOM   778 C  CB  . LYS A 1 108 ? 13.374  2.599   -9.083  1.00 16.09 ? 308 LYS A CB  1 
ATOM   779 C  CG  . LYS A 1 108 ? 13.069  4.080   -8.952  1.00 18.46 ? 308 LYS A CG  1 
ATOM   780 C  CD  . LYS A 1 108 ? 12.540  4.425   -7.568  1.00 24.69 ? 308 LYS A CD  1 
ATOM   781 C  CE  . LYS A 1 108 ? 13.420  3.856   -6.463  1.00 26.69 ? 308 LYS A CE  1 
ATOM   782 N  NZ  . LYS A 1 108 ? 14.833  4.332   -6.524  1.00 33.44 ? 308 LYS A NZ  1 
ATOM   783 N  N   . PRO A 1 109 ? 15.603  0.543   -10.793 1.00 11.65 ? 309 PRO A N   1 
ATOM   784 C  CA  . PRO A 1 109 ? 16.224  -0.788  -10.837 1.00 12.81 ? 309 PRO A CA  1 
ATOM   785 C  C   . PRO A 1 109 ? 15.824  -1.760  -9.724  1.00 12.54 ? 309 PRO A C   1 
ATOM   786 O  O   . PRO A 1 109 ? 15.363  -2.865  -9.998  1.00 12.57 ? 309 PRO A O   1 
ATOM   787 C  CB  . PRO A 1 109 ? 17.714  -0.460  -10.813 1.00 15.45 ? 309 PRO A CB  1 
ATOM   788 C  CG  . PRO A 1 109 ? 17.766  0.829   -11.579 1.00 12.97 ? 309 PRO A CG  1 
ATOM   789 C  CD  . PRO A 1 109 ? 16.616  1.595   -10.974 1.00 10.70 ? 309 PRO A CD  1 
ATOM   790 N  N   . VAL A 1 110 ? 15.995  -1.342  -8.475  1.00 13.79 ? 310 VAL A N   1 
ATOM   791 C  CA  . VAL A 1 110 ? 15.641  -2.172  -7.328  1.00 13.74 ? 310 VAL A CA  1 
ATOM   792 C  C   . VAL A 1 110 ? 14.163  -2.607  -7.339  1.00 12.87 ? 310 VAL A C   1 
ATOM   793 O  O   . VAL A 1 110 ? 13.848  -3.777  -7.099  1.00 12.89 ? 310 VAL A O   1 
ATOM   794 C  CB  . VAL A 1 110 ? 15.994  -1.440  -6.004  1.00 15.31 ? 310 VAL A CB  1 
ATOM   795 C  CG1 . VAL A 1 110 ? 15.241  -0.122  -5.914  1.00 18.04 ? 310 VAL A CG1 1 
ATOM   796 C  CG2 . VAL A 1 110 ? 15.693  -2.312  -4.811  1.00 16.37 ? 310 VAL A CG2 1 
ATOM   797 N  N   . LEU A 1 111 ? 13.264  -1.685  -7.666  1.00 10.74 ? 311 LEU A N   1 
ATOM   798 C  CA  . LEU A 1 111 ? 11.837  -2.000  -7.712  1.00 9.47  ? 311 LEU A CA  1 
ATOM   799 C  C   . LEU A 1 111 ? 11.479  -2.815  -8.961  1.00 10.21 ? 311 LEU A C   1 
ATOM   800 O  O   . LEU A 1 111 ? 10.652  -3.723  -8.898  1.00 10.73 ? 311 LEU A O   1 
ATOM   801 C  CB  . LEU A 1 111 ? 10.997  -0.718  -7.633  1.00 8.10  ? 311 LEU A CB  1 
ATOM   802 C  CG  . LEU A 1 111 ? 11.281  0.172   -6.410  1.00 10.97 ? 311 LEU A CG  1 
ATOM   803 C  CD1 . LEU A 1 111 ? 10.334  1.344   -6.361  1.00 6.32  ? 311 LEU A CD1 1 
ATOM   804 C  CD2 . LEU A 1 111 ? 11.159  -0.651  -5.132  1.00 11.84 ? 311 LEU A CD2 1 
ATOM   805 N  N   . ALA A 1 112 ? 12.125  -2.505  -10.081 1.00 11.54 ? 312 ALA A N   1 
ATOM   806 C  CA  . ALA A 1 112 ? 11.887  -3.213  -11.336 1.00 11.52 ? 312 ALA A CA  1 
ATOM   807 C  C   . ALA A 1 112 ? 12.202  -4.687  -11.157 1.00 11.98 ? 312 ALA A C   1 
ATOM   808 O  O   . ALA A 1 112 ? 11.453  -5.553  -11.607 1.00 12.59 ? 312 ALA A O   1 
ATOM   809 C  CB  . ALA A 1 112 ? 12.745  -2.628  -12.451 1.00 9.98  ? 312 ALA A CB  1 
ATOM   810 N  N   . GLU A 1 113 ? 13.311  -4.967  -10.479 1.00 13.24 ? 313 GLU A N   1 
ATOM   811 C  CA  . GLU A 1 113 ? 13.721  -6.341  -10.239 1.00 11.06 ? 313 GLU A CA  1 
ATOM   812 C  C   . GLU A 1 113 ? 12.775  -6.986  -9.247  1.00 12.30 ? 313 GLU A C   1 
ATOM   813 O  O   . GLU A 1 113 ? 12.400  -8.147  -9.403  1.00 13.49 ? 313 GLU A O   1 
ATOM   814 C  CB  . GLU A 1 113 ? 15.158  -6.393  -9.732  1.00 10.97 ? 313 GLU A CB  1 
ATOM   815 C  CG  . GLU A 1 113 ? 16.122  -5.724  -10.687 1.00 11.20 ? 313 GLU A CG  1 
ATOM   816 C  CD  . GLU A 1 113 ? 17.574  -6.027  -10.413 1.00 12.61 ? 313 GLU A CD  1 
ATOM   817 O  OE1 . GLU A 1 113 ? 17.926  -6.492  -9.303  1.00 10.70 ? 313 GLU A OE1 1 
ATOM   818 O  OE2 . GLU A 1 113 ? 18.376  -5.792  -11.341 1.00 12.65 ? 313 GLU A OE2 1 
ATOM   819 N  N   . GLU A 1 114 ? 12.335  -6.207  -8.263  1.00 15.27 ? 314 GLU A N   1 
ATOM   820 C  CA  . GLU A 1 114 ? 11.405  -6.704  -7.258  1.00 15.32 ? 314 GLU A CA  1 
ATOM   821 C  C   . GLU A 1 114 ? 10.127  -7.204  -7.936  1.00 17.26 ? 314 GLU A C   1 
ATOM   822 O  O   . GLU A 1 114 ? 9.636   -8.292  -7.632  1.00 16.11 ? 314 GLU A O   1 
ATOM   823 C  CB  . GLU A 1 114 ? 11.061  -5.593  -6.276  1.00 17.49 ? 314 GLU A CB  1 
ATOM   824 C  CG  . GLU A 1 114 ? 10.262  -6.072  -5.085  1.00 20.21 ? 314 GLU A CG  1 
ATOM   825 C  CD  . GLU A 1 114 ? 9.664   -4.936  -4.293  1.00 17.05 ? 314 GLU A CD  1 
ATOM   826 O  OE1 . GLU A 1 114 ? 10.303  -3.870  -4.173  1.00 13.87 ? 314 GLU A OE1 1 
ATOM   827 O  OE2 . GLU A 1 114 ? 8.540   -5.120  -3.786  1.00 21.04 ? 314 GLU A OE2 1 
ATOM   828 N  N   . LYS A 1 115 ? 9.617   -6.419  -8.882  1.00 16.66 ? 315 LYS A N   1 
ATOM   829 C  CA  . LYS A 1 115 ? 8.405   -6.783  -9.602  1.00 19.78 ? 315 LYS A CA  1 
ATOM   830 C  C   . LYS A 1 115 ? 8.614   -7.964  -10.546 1.00 18.82 ? 315 LYS A C   1 
ATOM   831 O  O   . LYS A 1 115 ? 7.693   -8.740  -10.769 1.00 19.42 ? 315 LYS A O   1 
ATOM   832 C  CB  . LYS A 1 115 ? 7.856   -5.586  -10.370 1.00 20.56 ? 315 LYS A CB  1 
ATOM   833 C  CG  . LYS A 1 115 ? 6.464   -5.813  -10.923 1.00 26.48 ? 315 LYS A CG  1 
ATOM   834 C  CD  . LYS A 1 115 ? 5.903   -4.552  -11.536 1.00 28.79 ? 315 LYS A CD  1 
ATOM   835 C  CE  . LYS A 1 115 ? 4.450   -4.734  -11.944 1.00 31.25 ? 315 LYS A CE  1 
ATOM   836 N  NZ  . LYS A 1 115 ? 4.294   -5.829  -12.941 1.00 30.55 ? 315 LYS A NZ  1 
ATOM   837 N  N   . GLU A 1 116 ? 9.809   -8.079  -11.118 1.00 18.36 ? 316 GLU A N   1 
ATOM   838 C  CA  . GLU A 1 116 ? 10.117  -9.180  -12.023 1.00 22.91 ? 316 GLU A CA  1 
ATOM   839 C  C   . GLU A 1 116 ? 10.258  -10.511 -11.295 1.00 22.75 ? 316 GLU A C   1 
ATOM   840 O  O   . GLU A 1 116 ? 9.974   -11.561 -11.857 1.00 23.82 ? 316 GLU A O   1 
ATOM   841 C  CB  . GLU A 1 116 ? 11.404  -8.904  -12.802 1.00 23.43 ? 316 GLU A CB  1 
ATOM   842 C  CG  . GLU A 1 116 ? 11.191  -8.334  -14.189 1.00 29.82 ? 316 GLU A CG  1 
ATOM   843 C  CD  . GLU A 1 116 ? 10.438  -9.291  -15.099 1.00 31.77 ? 316 GLU A CD  1 
ATOM   844 O  OE1 . GLU A 1 116 ? 11.002  -10.350 -15.456 1.00 35.21 ? 316 GLU A OE1 1 
ATOM   845 O  OE2 . GLU A 1 116 ? 9.278   -8.983  -15.449 1.00 33.88 ? 316 GLU A OE2 1 
ATOM   846 N  N   . GLU A 1 117 ? 10.725  -10.449 -10.053 1.00 26.59 ? 317 GLU A N   1 
ATOM   847 C  CA  . GLU A 1 117 ? 10.936  -11.649 -9.242  1.00 30.71 ? 317 GLU A CA  1 
ATOM   848 C  C   . GLU A 1 117 ? 9.701   -12.520 -9.056  1.00 35.22 ? 317 GLU A C   1 
ATOM   849 O  O   . GLU A 1 117 ? 9.768   -13.742 -9.218  1.00 37.72 ? 317 GLU A O   1 
ATOM   850 C  CB  . GLU A 1 117 ? 11.507  -11.265 -7.875  1.00 27.50 ? 317 GLU A CB  1 
ATOM   851 C  CG  . GLU A 1 117 ? 12.943  -10.764 -7.923  1.00 27.04 ? 317 GLU A CG  1 
ATOM   852 C  CD  . GLU A 1 117 ? 13.335  -9.937  -6.709  1.00 24.88 ? 317 GLU A CD  1 
ATOM   853 O  OE1 . GLU A 1 117 ? 12.639  -9.985  -5.669  1.00 23.96 ? 317 GLU A OE1 1 
ATOM   854 O  OE2 . GLU A 1 117 ? 14.341  -9.207  -6.804  1.00 24.90 ? 317 GLU A OE2 1 
ATOM   855 N  N   . SER A 1 118 ? 8.582   -11.894 -8.714  1.00 39.96 ? 318 SER A N   1 
ATOM   856 C  CA  . SER A 1 118 ? 7.345   -12.622 -8.496  1.00 43.26 ? 318 SER A CA  1 
ATOM   857 C  C   . SER A 1 118 ? 6.192   -11.642 -8.660  1.00 43.24 ? 318 SER A C   1 
ATOM   858 O  O   . SER A 1 118 ? 5.552   -11.662 -9.732  1.00 45.00 ? 318 SER A O   1 
ATOM   859 C  CB  . SER A 1 118 ? 7.335   -13.237 -7.082  1.00 46.03 ? 318 SER A CB  1 
ATOM   860 O  OG  . SER A 1 118 ? 6.225   -14.105 -6.883  1.00 47.05 ? 318 SER A OG  1 
ATOM   861 N  N   . ALA B 2 1   ? 8.269   -5.730  -0.217  1.00 9.09  ? 1   ALA B N   1 
ATOM   862 C  CA  . ALA B 2 1   ? 6.997   -6.335  0.239   1.00 10.54 ? 1   ALA B CA  1 
ATOM   863 C  C   . ALA B 2 1   ? 6.474   -7.151  -0.917  1.00 11.40 ? 1   ALA B C   1 
ATOM   864 O  O   . ALA B 2 1   ? 6.932   -6.989  -2.045  1.00 12.65 ? 1   ALA B O   1 
ATOM   865 C  CB  . ALA B 2 1   ? 5.989   -5.250  0.601   1.00 9.82  ? 1   ALA B CB  1 
ATOM   866 N  N   . ILE B 2 2   ? 5.574   -8.077  -0.625  1.00 12.97 ? 2   ILE B N   1 
ATOM   867 C  CA  . ILE B 2 2   ? 4.984   -8.900  -1.667  1.00 14.80 ? 2   ILE B CA  1 
ATOM   868 C  C   . ILE B 2 2   ? 3.475   -8.664  -1.631  1.00 14.62 ? 2   ILE B C   1 
ATOM   869 O  O   . ILE B 2 2   ? 2.893   -8.453  -0.558  1.00 13.43 ? 2   ILE B O   1 
ATOM   870 C  CB  . ILE B 2 2   ? 5.298   -10.412 -1.478  1.00 17.43 ? 2   ILE B CB  1 
ATOM   871 C  CG1 . ILE B 2 2   ? 4.694   -10.928 -0.181  1.00 18.64 ? 2   ILE B CG1 1 
ATOM   872 C  CG2 . ILE B 2 2   ? 6.810   -10.655 -1.461  1.00 18.62 ? 2   ILE B CG2 1 
ATOM   873 C  CD1 . ILE B 2 2   ? 4.833   -12.417 -0.004  1.00 21.39 ? 2   ILE B CD1 1 
ATOM   874 N  N   . ALA B 2 3   ? 2.859   -8.621  -2.804  1.00 11.78 ? 3   ALA B N   1 
ATOM   875 C  CA  . ALA B 2 3   ? 1.427   -8.403  -2.892  1.00 13.49 ? 3   ALA B CA  1 
ATOM   876 C  C   . ALA B 2 3   ? 0.729   -9.742  -2.746  1.00 15.84 ? 3   ALA B C   1 
ATOM   877 O  O   . ALA B 2 3   ? 0.753   -10.556 -3.665  1.00 16.76 ? 3   ALA B O   1 
ATOM   878 C  CB  . ALA B 2 3   ? 1.078   -7.752  -4.222  1.00 13.06 ? 3   ALA B CB  1 
ATOM   879 N  N   . TYR B 2 4   ? 0.148   -9.992  -1.575  1.00 15.62 ? 4   TYR B N   1 
ATOM   880 C  CA  . TYR B 2 4   ? -0.542  -11.258 -1.352  1.00 18.52 ? 4   TYR B CA  1 
ATOM   881 C  C   . TYR B 2 4   ? -1.908  -11.294 -2.032  1.00 20.28 ? 4   TYR B C   1 
ATOM   882 O  O   . TYR B 2 4   ? -2.511  -12.359 -2.207  1.00 21.54 ? 4   TYR B O   1 
ATOM   883 C  CB  . TYR B 2 4   ? -0.623  -11.601 0.149   1.00 15.96 ? 4   TYR B CB  1 
ATOM   884 C  CG  . TYR B 2 4   ? -1.492  -10.718 1.015   1.00 15.15 ? 4   TYR B CG  1 
ATOM   885 C  CD1 . TYR B 2 4   ? -2.805  -11.080 1.306   1.00 16.13 ? 4   TYR B CD1 1 
ATOM   886 C  CD2 . TYR B 2 4   ? -0.971  -9.583  1.634   1.00 12.98 ? 4   TYR B CD2 1 
ATOM   887 C  CE1 . TYR B 2 4   ? -3.580  -10.336 2.199   1.00 17.87 ? 4   TYR B CE1 1 
ATOM   888 C  CE2 . TYR B 2 4   ? -1.738  -8.829  2.529   1.00 14.84 ? 4   TYR B CE2 1 
ATOM   889 C  CZ  . TYR B 2 4   ? -3.039  -9.217  2.810   1.00 16.57 ? 4   TYR B CZ  1 
ATOM   890 O  OH  . TYR B 2 4   ? -3.791  -8.516  3.720   1.00 15.99 ? 4   TYR B OH  1 
ATOM   891 N  N   . PHE B 2 5   ? -2.385  -10.119 -2.423  1.00 22.26 ? 5   PHE B N   1 
ATOM   892 C  CA  . PHE B 2 5   ? -3.647  -9.980  -3.123  1.00 23.88 ? 5   PHE B CA  1 
ATOM   893 C  C   . PHE B 2 5   ? -3.564  -8.773  -4.035  1.00 25.27 ? 5   PHE B C   1 
ATOM   894 O  O   . PHE B 2 5   ? -3.268  -7.661  -3.591  1.00 23.79 ? 5   PHE B O   1 
ATOM   895 C  CB  . PHE B 2 5   ? -4.829  -9.816  -2.160  1.00 26.01 ? 5   PHE B CB  1 
ATOM   896 C  CG  . PHE B 2 5   ? -6.138  -9.544  -2.861  1.00 29.40 ? 5   PHE B CG  1 
ATOM   897 C  CD1 . PHE B 2 5   ? -6.879  -10.589 -3.411  1.00 30.16 ? 5   PHE B CD1 1 
ATOM   898 C  CD2 . PHE B 2 5   ? -6.599  -8.237  -3.033  1.00 30.73 ? 5   PHE B CD2 1 
ATOM   899 C  CE1 . PHE B 2 5   ? -8.056  -10.336 -4.126  1.00 31.52 ? 5   PHE B CE1 1 
ATOM   900 C  CE2 . PHE B 2 5   ? -7.772  -7.968  -3.743  1.00 31.44 ? 5   PHE B CE2 1 
ATOM   901 C  CZ  . PHE B 2 5   ? -8.500  -9.018  -4.292  1.00 31.87 ? 5   PHE B CZ  1 
ATOM   902 N  N   . ILE B 2 6   ? -3.782  -9.017  -5.325  1.00 26.08 ? 6   ILE B N   1 
ATOM   903 C  CA  . ILE B 2 6   ? -3.774  -7.969  -6.331  1.00 27.93 ? 6   ILE B CA  1 
ATOM   904 C  C   . ILE B 2 6   ? -5.170  -7.967  -6.941  1.00 32.15 ? 6   ILE B C   1 
ATOM   905 O  O   . ILE B 2 6   ? -5.664  -9.010  -7.363  1.00 33.36 ? 6   ILE B O   1 
ATOM   906 C  CB  . ILE B 2 6   ? -2.707  -8.248  -7.421  1.00 26.36 ? 6   ILE B CB  1 
ATOM   907 C  CG1 . ILE B 2 6   ? -1.310  -8.034  -6.829  1.00 24.18 ? 6   ILE B CG1 1 
ATOM   908 C  CG2 . ILE B 2 6   ? -2.924  -7.339  -8.621  1.00 26.18 ? 6   ILE B CG2 1 
ATOM   909 C  CD1 . ILE B 2 6   ? -0.176  -8.315  -7.793  1.00 26.73 ? 6   ILE B CD1 1 
ATOM   910 N  N   . PRO B 2 7   ? -5.852  -6.806  -6.923  1.00 35.97 ? 7   PRO B N   1 
ATOM   911 C  CA  . PRO B 2 7   ? -7.206  -6.640  -7.466  1.00 38.62 ? 7   PRO B CA  1 
ATOM   912 C  C   . PRO B 2 7   ? -7.400  -7.382  -8.791  1.00 41.00 ? 7   PRO B C   1 
ATOM   913 O  O   . PRO B 2 7   ? -6.751  -7.063  -9.784  1.00 39.40 ? 7   PRO B O   1 
ATOM   914 C  CB  . PRO B 2 7   ? -7.311  -5.129  -7.630  1.00 38.25 ? 7   PRO B CB  1 
ATOM   915 C  CG  . PRO B 2 7   ? -6.563  -4.635  -6.442  1.00 37.27 ? 7   PRO B CG  1 
ATOM   916 C  CD  . PRO B 2 7   ? -5.329  -5.512  -6.437  1.00 36.33 ? 7   PRO B CD  1 
ATOM   917 N  N   . ASP B 2 8   ? -8.227  -8.430  -8.732  1.00 45.17 ? 8   ASP B N   1 
ATOM   918 C  CA  . ASP B 2 8   ? -8.597  -9.317  -9.845  1.00 48.92 ? 8   ASP B CA  1 
ATOM   919 C  C   . ASP B 2 8   ? -8.044  -8.974  -11.230 1.00 50.66 ? 8   ASP B C   1 
ATOM   920 O  O   . ASP B 2 8   ? -7.109  -9.675  -11.686 1.00 52.97 ? 8   ASP B O   1 
ATOM   921 C  CB  . ASP B 2 8   ? -10.121 -9.464  -9.898  1.00 48.25 ? 8   ASP B CB  1 
ATOM   922 C  CG  . ASP B 2 8   ? -10.738 -9.590  -8.517  1.00 48.93 ? 8   ASP B CG  1 
ATOM   923 O  OD1 . ASP B 2 8   ? -11.082 -8.541  -7.927  1.00 48.82 ? 8   ASP B OD1 1 
ATOM   924 O  OD2 . ASP B 2 8   ? -10.844 -10.726 -8.004  1.00 50.12 ? 8   ASP B OD2 1 
HETATM 925 ZN ZN  . ZN  C 3 .   ? -4.561  1.003   -3.499  1.00 11.05 ? 501 ZN  A ZN  1 
# 
